data_3U36
#
_entry.id   3U36
#
_cell.length_a   71.594
_cell.length_b   81.038
_cell.length_c   91.691
_cell.angle_alpha   107.23
_cell.angle_beta   90.13
_cell.angle_gamma   107.96
#
_symmetry.space_group_name_H-M   'P 1'
#
loop_
_entity.id
_entity.type
_entity.pdbx_description
1 polymer 'PG9 Fab heavy chain'
2 polymer 'PG9 Fab light chain'
3 non-polymer 'SULFATE ION'
#
loop_
_entity_poly.entity_id
_entity_poly.type
_entity_poly.pdbx_seq_one_letter_code
_entity_poly.pdbx_strand_id
1 'polypeptide(L)'
;QRLVESGGGVVQPGSSLRLSCAASGFDFSRQGMHWVRQAPGQGLEWVAFIKYDGSEKYHADSVWGRLSISRDNSKDTLYL
QMNSLRVEDTATYFCVREAGGPDYRNGYNYYDFYDGYYNYHYMDVWGKGTTVTVSSASTKGPSVFPLAPSSKSTSGGTAA
LGCLVKDYFPEPVTVSWNSGALTSGVHTFPAVLQSSGLYSLSSVVTVPSSSLGTQTYICNVNHKPSNTKVDKKVEPKSCD
KGLEVLFQ
;
H,A,C,E
2 'polypeptide(L)'
;QSALTQPASVSGSPGQSITISCQGTSNDVGGYESVSWYQQHPGKAPKVVIYDVSKRPSGVSNRFSGSKSGNTASLTISGL
QAEDEGDYYCKSLTSTRRRVFGTGTKLTVLGQPKAAPSVTLFPPSSEELQANKATLVCLISDFYPGAVTVAWKADSSPVK
AGVETTTPSKQSNNKYAASSYLSLTPEQWKSHKSYSCQVTHEGSTVEKTVAPTECS
;
L,B,D,F
#
# COMPACT_ATOMS: atom_id res chain seq x y z
N ARG A 2 -31.38 23.55 -17.66
CA ARG A 2 -31.07 24.54 -16.62
C ARG A 2 -31.73 24.23 -15.27
N LEU A 3 -30.98 24.43 -14.18
CA LEU A 3 -31.49 24.23 -12.82
C LEU A 3 -31.15 25.43 -11.93
N VAL A 4 -32.06 25.77 -11.02
CA VAL A 4 -31.86 26.92 -10.13
C VAL A 4 -32.18 26.60 -8.66
N GLU A 5 -31.15 26.64 -7.81
CA GLU A 5 -31.29 26.44 -6.38
C GLU A 5 -31.75 27.69 -5.62
N SER A 6 -32.35 27.48 -4.45
CA SER A 6 -32.79 28.57 -3.58
C SER A 6 -33.30 28.03 -2.24
N GLY A 7 -33.60 28.93 -1.32
CA GLY A 7 -34.00 28.54 0.02
C GLY A 7 -32.86 28.58 1.00
N GLY A 8 -31.63 28.68 0.49
CA GLY A 8 -30.44 28.71 1.31
C GLY A 8 -30.34 29.96 2.16
N GLY A 9 -29.31 30.02 2.99
CA GLY A 9 -29.09 31.18 3.84
C GLY A 9 -28.19 30.88 5.01
N VAL A 10 -28.07 31.83 5.92
CA VAL A 10 -27.25 31.66 7.10
C VAL A 10 -28.11 31.39 8.32
N VAL A 11 -28.07 30.17 8.83
CA VAL A 11 -28.88 29.80 9.98
C VAL A 11 -28.03 29.40 11.17
N GLN A 12 -28.69 29.16 12.30
CA GLN A 12 -28.02 28.68 13.51
C GLN A 12 -28.03 27.17 13.61
N PRO A 13 -27.01 26.60 14.28
CA PRO A 13 -26.97 25.16 14.42
C PRO A 13 -28.22 24.70 15.15
N GLY A 14 -28.91 23.70 14.59
CA GLY A 14 -30.11 23.17 15.21
C GLY A 14 -31.38 23.64 14.53
N SER A 15 -31.28 24.73 13.78
CA SER A 15 -32.43 25.27 13.08
C SER A 15 -32.70 24.45 11.84
N SER A 16 -33.76 24.79 11.12
CA SER A 16 -34.15 24.02 9.94
C SER A 16 -34.29 24.90 8.73
N LEU A 17 -34.07 24.31 7.56
CA LEU A 17 -34.01 25.06 6.32
C LEU A 17 -34.46 24.14 5.18
N ARG A 18 -35.10 24.70 4.17
CA ARG A 18 -35.59 23.90 3.05
C ARG A 18 -35.14 24.46 1.71
N LEU A 19 -34.36 23.67 0.98
CA LEU A 19 -33.85 24.06 -0.33
C LEU A 19 -34.75 23.58 -1.45
N SER A 20 -34.88 24.38 -2.50
CA SER A 20 -35.67 24.02 -3.67
C SER A 20 -34.92 24.28 -4.95
N CYS A 21 -34.97 23.32 -5.87
CA CYS A 21 -34.32 23.45 -7.18
C CYS A 21 -35.37 23.35 -8.27
N ALA A 22 -35.62 24.45 -8.95
CA ALA A 22 -36.61 24.50 -10.01
C ALA A 22 -35.98 24.09 -11.34
N ALA A 23 -36.64 23.17 -12.03
CA ALA A 23 -36.07 22.62 -13.26
C ALA A 23 -36.85 23.03 -14.51
N SER A 24 -36.15 23.09 -15.63
CA SER A 24 -36.76 23.49 -16.89
C SER A 24 -35.98 22.97 -18.09
N GLY A 25 -36.63 22.93 -19.25
CA GLY A 25 -35.96 22.58 -20.49
C GLY A 25 -35.82 21.10 -20.73
N PHE A 26 -36.27 20.28 -19.79
CA PHE A 26 -36.23 18.84 -19.96
C PHE A 26 -37.38 18.19 -19.21
N ASP A 27 -37.70 16.95 -19.55
CA ASP A 27 -38.80 16.26 -18.87
C ASP A 27 -38.30 15.78 -17.51
N PHE A 28 -38.92 16.31 -16.46
CA PHE A 28 -38.43 16.15 -15.09
C PHE A 28 -38.84 14.80 -14.50
N SER A 29 -40.08 14.41 -14.73
CA SER A 29 -40.64 13.21 -14.12
C SER A 29 -39.98 11.93 -14.61
N ARG A 30 -39.23 12.03 -15.69
CA ARG A 30 -38.57 10.86 -16.27
C ARG A 30 -37.11 10.69 -15.87
N GLN A 31 -36.59 11.59 -15.04
CA GLN A 31 -35.16 11.55 -14.69
C GLN A 31 -34.87 11.62 -13.19
N GLY A 32 -33.84 10.88 -12.78
CA GLY A 32 -33.38 10.91 -11.40
C GLY A 32 -32.65 12.20 -11.13
N MET A 33 -32.50 12.56 -9.85
CA MET A 33 -31.86 13.81 -9.46
C MET A 33 -30.97 13.62 -8.24
N HIS A 34 -30.01 14.51 -8.09
CA HIS A 34 -29.08 14.45 -6.97
C HIS A 34 -29.01 15.78 -6.25
N TRP A 35 -28.44 15.74 -5.05
CA TRP A 35 -28.01 16.94 -4.36
C TRP A 35 -26.56 16.71 -4.01
N VAL A 36 -25.72 17.67 -4.33
CA VAL A 36 -24.31 17.58 -3.95
C VAL A 36 -23.92 18.86 -3.23
N ARG A 37 -23.11 18.72 -2.20
CA ARG A 37 -22.64 19.89 -1.48
C ARG A 37 -21.14 19.99 -1.55
N GLN A 38 -20.64 21.21 -1.46
CA GLN A 38 -19.20 21.43 -1.41
C GLN A 38 -18.84 22.49 -0.36
N ALA A 39 -18.06 22.11 0.64
CA ALA A 39 -17.67 23.07 1.66
C ALA A 39 -16.77 24.10 0.99
N PRO A 40 -16.69 25.32 1.56
CA PRO A 40 -15.77 26.30 0.99
C PRO A 40 -14.33 25.82 1.13
N GLY A 41 -13.59 25.80 0.04
CA GLY A 41 -12.22 25.33 0.04
C GLY A 41 -12.05 23.83 0.27
N GLN A 42 -13.12 23.08 0.05
CA GLN A 42 -13.10 21.62 0.21
C GLN A 42 -13.51 20.95 -1.10
N GLY A 43 -13.62 19.62 -1.06
CA GLY A 43 -14.02 18.86 -2.22
C GLY A 43 -15.51 18.57 -2.27
N LEU A 44 -15.94 17.87 -3.31
CA LEU A 44 -17.34 17.52 -3.49
C LEU A 44 -17.73 16.38 -2.55
N GLU A 45 -18.99 16.42 -2.13
CA GLU A 45 -19.57 15.35 -1.34
C GLU A 45 -21.02 15.08 -1.77
N TRP A 46 -21.32 13.82 -2.08
CA TRP A 46 -22.67 13.44 -2.45
C TRP A 46 -23.57 13.59 -1.24
N VAL A 47 -24.79 14.07 -1.46
CA VAL A 47 -25.76 14.20 -0.38
C VAL A 47 -26.88 13.19 -0.51
N ALA A 48 -27.64 13.28 -1.60
CA ALA A 48 -28.78 12.40 -1.77
C ALA A 48 -29.15 12.21 -3.24
N PHE A 49 -29.88 11.14 -3.52
CA PHE A 49 -30.35 10.86 -4.87
C PHE A 49 -31.77 10.39 -4.81
N ILE A 50 -32.60 10.83 -5.76
CA ILE A 50 -33.97 10.35 -5.84
C ILE A 50 -34.32 9.85 -7.23
N LYS A 51 -34.94 8.68 -7.29
CA LYS A 51 -35.33 8.08 -8.55
C LYS A 51 -36.40 8.98 -9.20
N TYR A 52 -36.56 8.85 -10.52
CA TYR A 52 -37.46 9.72 -11.27
C TYR A 52 -38.86 9.82 -10.66
N ASP A 53 -39.41 8.70 -10.25
CA ASP A 53 -40.78 8.67 -9.71
C ASP A 53 -40.83 8.86 -8.20
N GLY A 54 -39.68 9.09 -7.58
CA GLY A 54 -39.61 9.37 -6.16
C GLY A 54 -39.97 8.17 -5.30
N SER A 55 -40.03 7.00 -5.93
CA SER A 55 -40.39 5.78 -5.22
C SER A 55 -39.20 5.24 -4.41
N GLU A 56 -38.03 5.81 -4.65
CA GLU A 56 -36.84 5.44 -3.88
C GLU A 56 -35.87 6.60 -3.73
N LYS A 57 -35.21 6.67 -2.59
CA LYS A 57 -34.26 7.74 -2.34
C LYS A 57 -33.10 7.25 -1.50
N TYR A 58 -31.90 7.71 -1.84
CA TYR A 58 -30.69 7.32 -1.13
C TYR A 58 -30.04 8.55 -0.51
N HIS A 59 -29.57 8.42 0.72
CA HIS A 59 -28.90 9.53 1.41
C HIS A 59 -27.51 9.13 1.87
N ALA A 60 -26.62 10.12 1.99
CA ALA A 60 -25.24 9.90 2.40
C ALA A 60 -25.16 9.63 3.88
N ASP A 61 -24.13 8.92 4.31
CA ASP A 61 -24.02 8.54 5.73
C ASP A 61 -23.75 9.72 6.66
N SER A 62 -23.12 10.76 6.12
CA SER A 62 -22.83 11.95 6.92
C SER A 62 -24.08 12.79 7.19
N VAL A 63 -24.96 12.88 6.19
CA VAL A 63 -26.20 13.66 6.32
C VAL A 63 -27.44 12.87 6.78
N TRP A 64 -27.32 11.54 6.82
CA TRP A 64 -28.36 10.68 7.39
C TRP A 64 -28.48 11.09 8.85
N GLY A 65 -29.68 11.05 9.43
CA GLY A 65 -30.95 10.96 8.73
C GLY A 65 -31.62 12.32 8.79
N ARG A 66 -30.80 13.35 8.94
CA ARG A 66 -31.25 14.73 9.08
C ARG A 66 -31.74 15.37 7.78
N LEU A 67 -30.99 15.17 6.69
CA LEU A 67 -31.33 15.79 5.41
C LEU A 67 -32.11 14.83 4.51
N SER A 68 -33.32 15.23 4.15
CA SER A 68 -34.22 14.37 3.39
C SER A 68 -34.54 14.91 2.00
N ILE A 69 -34.20 14.14 0.97
CA ILE A 69 -34.52 14.49 -0.41
C ILE A 69 -35.95 14.11 -0.78
N SER A 70 -36.53 14.83 -1.73
CA SER A 70 -37.92 14.61 -2.14
C SER A 70 -38.28 15.50 -3.32
N ARG A 71 -39.32 15.14 -4.04
CA ARG A 71 -39.63 15.81 -5.31
C ARG A 71 -41.12 15.91 -5.58
N ASP A 72 -41.52 16.97 -6.25
CA ASP A 72 -42.89 17.14 -6.73
C ASP A 72 -42.84 17.22 -8.25
N ASN A 73 -43.36 16.20 -8.92
CA ASN A 73 -43.23 16.10 -10.38
C ASN A 73 -44.17 17.03 -11.15
N SER A 74 -45.27 17.42 -10.52
CA SER A 74 -46.23 18.33 -11.15
C SER A 74 -45.74 19.78 -11.10
N LYS A 75 -44.91 20.08 -10.11
CA LYS A 75 -44.29 21.40 -9.99
C LYS A 75 -42.90 21.45 -10.63
N ASP A 76 -42.42 20.29 -11.10
CA ASP A 76 -41.06 20.15 -11.61
C ASP A 76 -40.04 20.69 -10.62
N THR A 77 -40.11 20.22 -9.38
CA THR A 77 -39.23 20.73 -8.33
C THR A 77 -38.59 19.62 -7.52
N LEU A 78 -37.34 19.85 -7.14
CA LEU A 78 -36.61 18.98 -6.24
C LEU A 78 -36.39 19.71 -4.92
N TYR A 79 -36.63 19.03 -3.80
CA TYR A 79 -36.53 19.66 -2.48
C TYR A 79 -35.42 19.05 -1.63
N LEU A 80 -34.89 19.85 -0.70
CA LEU A 80 -34.06 19.30 0.36
C LEU A 80 -34.47 19.90 1.70
N GLN A 81 -34.91 19.03 2.60
CA GLN A 81 -35.32 19.45 3.94
C GLN A 81 -34.19 19.21 4.94
N MET A 82 -33.64 20.30 5.48
CA MET A 82 -32.49 20.20 6.35
C MET A 82 -32.87 20.46 7.79
N ASN A 83 -32.71 19.44 8.63
CA ASN A 83 -33.07 19.53 10.06
C ASN A 83 -31.87 19.22 10.93
N SER A 84 -31.96 19.52 12.22
CA SER A 84 -30.86 19.30 13.15
C SER A 84 -29.51 19.76 12.58
N LEU A 85 -29.51 20.89 11.88
CA LEU A 85 -28.33 21.34 11.17
C LEU A 85 -27.08 21.44 12.04
N ARG A 86 -25.92 21.13 11.46
CA ARG A 86 -24.65 21.15 12.19
C ARG A 86 -23.71 22.13 11.51
N VAL A 87 -22.67 22.54 12.24
CA VAL A 87 -21.66 23.43 11.68
C VAL A 87 -20.98 22.79 10.47
N GLU A 88 -20.86 21.47 10.49
CA GLU A 88 -20.27 20.74 9.37
C GLU A 88 -21.19 20.68 8.14
N ASP A 89 -22.40 21.21 8.29
CA ASP A 89 -23.34 21.25 7.16
C ASP A 89 -23.13 22.47 6.26
N THR A 90 -22.19 23.33 6.62
CA THR A 90 -21.92 24.53 5.84
C THR A 90 -21.36 24.13 4.50
N ALA A 91 -21.99 24.60 3.43
CA ALA A 91 -21.53 24.29 2.09
C ALA A 91 -22.43 24.89 1.02
N THR A 92 -21.99 24.78 -0.22
CA THR A 92 -22.79 25.17 -1.37
C THR A 92 -23.51 23.94 -1.88
N TYR A 93 -24.83 23.99 -1.88
CA TYR A 93 -25.61 22.83 -2.31
C TYR A 93 -26.02 22.92 -3.77
N PHE A 94 -25.63 21.92 -4.54
CA PHE A 94 -25.93 21.91 -5.95
C PHE A 94 -27.08 20.97 -6.25
N CYS A 95 -27.98 21.44 -7.11
CA CYS A 95 -29.02 20.59 -7.69
C CYS A 95 -28.40 19.98 -8.96
N VAL A 96 -28.40 18.65 -9.04
CA VAL A 96 -27.69 17.96 -10.11
C VAL A 96 -28.55 16.89 -10.77
N ARG A 97 -28.42 16.76 -12.09
CA ARG A 97 -29.24 15.80 -12.84
C ARG A 97 -28.46 14.54 -13.15
N GLU A 98 -29.09 13.38 -13.02
CA GLU A 98 -28.47 12.11 -13.42
C GLU A 98 -28.71 11.88 -14.91
N ALA A 99 -27.64 11.60 -15.64
CA ALA A 99 -27.74 11.38 -17.08
C ALA A 99 -28.48 10.08 -17.38
N GLY A 100 -29.43 10.15 -18.29
CA GLY A 100 -30.27 9.00 -18.56
C GLY A 100 -30.77 8.91 -19.98
N GLY A 101 -31.48 7.82 -20.29
CA GLY A 101 -32.00 7.56 -21.61
C GLY A 101 -32.43 6.12 -21.75
N PRO A 102 -32.81 5.71 -22.96
CA PRO A 102 -33.30 4.35 -23.23
C PRO A 102 -32.16 3.34 -23.20
N ASP A 103 -32.52 2.06 -23.08
CA ASP A 103 -31.56 0.95 -23.19
C ASP A 103 -30.22 1.28 -22.55
N TYR A 117 -36.37 6.87 -17.59
CA TYR A 117 -35.09 6.55 -18.21
C TYR A 117 -34.29 5.58 -17.37
N TYR A 118 -33.10 5.23 -17.87
CA TYR A 118 -32.14 4.45 -17.11
C TYR A 118 -30.92 5.31 -16.81
N ASN A 119 -30.58 5.46 -15.53
CA ASN A 119 -29.41 6.23 -15.14
C ASN A 119 -28.17 5.77 -15.88
N TYR A 120 -27.38 6.71 -16.40
CA TYR A 120 -26.12 6.37 -17.07
C TYR A 120 -24.94 6.47 -16.11
N HIS A 121 -25.24 6.85 -14.86
CA HIS A 121 -24.26 6.91 -13.79
C HIS A 121 -23.21 8.00 -13.99
N TYR A 122 -23.65 9.15 -14.50
CA TYR A 122 -22.83 10.36 -14.49
C TYR A 122 -23.72 11.60 -14.48
N MET A 123 -23.20 12.70 -13.95
CA MET A 123 -24.01 13.88 -13.70
C MET A 123 -23.77 14.95 -14.76
N ASP A 124 -24.78 15.17 -15.61
CA ASP A 124 -24.63 16.06 -16.77
C ASP A 124 -25.08 17.53 -16.63
N VAL A 125 -25.80 17.88 -15.57
CA VAL A 125 -26.32 19.24 -15.43
C VAL A 125 -26.28 19.77 -14.02
N TRP A 126 -25.79 21.00 -13.87
CA TRP A 126 -25.59 21.57 -12.55
C TRP A 126 -26.25 22.92 -12.43
N GLY A 127 -26.82 23.18 -11.25
CA GLY A 127 -27.28 24.51 -10.92
C GLY A 127 -26.09 25.30 -10.41
N LYS A 128 -26.21 26.62 -10.37
CA LYS A 128 -25.12 27.46 -9.90
C LYS A 128 -24.86 27.26 -8.42
N GLY A 129 -25.81 26.63 -7.74
CA GLY A 129 -25.66 26.26 -6.34
C GLY A 129 -26.20 27.30 -5.38
N THR A 130 -26.72 26.84 -4.26
CA THR A 130 -27.18 27.75 -3.20
C THR A 130 -26.35 27.50 -1.95
N THR A 131 -25.87 28.59 -1.34
CA THR A 131 -25.04 28.48 -0.14
C THR A 131 -25.86 28.27 1.11
N VAL A 132 -25.27 27.56 2.07
CA VAL A 132 -25.87 27.40 3.38
C VAL A 132 -24.76 27.57 4.40
N THR A 133 -24.97 28.47 5.36
CA THR A 133 -24.01 28.68 6.42
C THR A 133 -24.63 28.41 7.77
N VAL A 134 -24.15 27.39 8.45
CA VAL A 134 -24.62 27.10 9.80
C VAL A 134 -23.57 27.62 10.77
N SER A 135 -23.94 28.62 11.56
CA SER A 135 -22.97 29.30 12.42
C SER A 135 -23.56 29.69 13.77
N SER A 136 -22.78 29.45 14.83
CA SER A 136 -23.17 29.80 16.19
C SER A 136 -22.94 31.29 16.46
N ALA A 137 -21.96 31.86 15.77
CA ALA A 137 -21.51 33.22 16.05
C ALA A 137 -22.56 34.28 15.75
N SER A 138 -22.44 35.42 16.42
CA SER A 138 -23.30 36.57 16.18
C SER A 138 -22.40 37.73 15.79
N THR A 139 -22.97 38.76 15.16
CA THR A 139 -22.16 39.89 14.70
C THR A 139 -21.31 40.38 15.87
N LYS A 140 -20.00 40.48 15.64
CA LYS A 140 -19.06 40.71 16.73
C LYS A 140 -17.82 41.46 16.28
N GLY A 141 -17.27 42.27 17.17
CA GLY A 141 -16.10 43.07 16.87
C GLY A 141 -14.80 42.28 16.97
N PRO A 142 -13.83 42.63 16.13
CA PRO A 142 -12.51 41.98 16.08
C PRO A 142 -11.63 42.37 17.27
N SER A 143 -10.88 41.39 17.79
CA SER A 143 -9.90 41.65 18.84
C SER A 143 -8.51 41.69 18.21
N VAL A 144 -7.89 42.86 18.20
CA VAL A 144 -6.62 43.06 17.49
C VAL A 144 -5.38 42.99 18.41
N PHE A 145 -4.43 42.13 18.06
CA PHE A 145 -3.21 41.99 18.85
C PHE A 145 -1.99 42.10 17.95
N PRO A 146 -0.95 42.81 18.43
CA PRO A 146 0.28 43.03 17.66
C PRO A 146 1.15 41.80 17.55
N LEU A 147 1.74 41.58 16.39
CA LEU A 147 2.76 40.54 16.22
C LEU A 147 4.10 41.23 16.02
N ALA A 148 4.96 41.15 17.02
CA ALA A 148 6.19 41.93 17.05
C ALA A 148 7.38 41.26 16.38
N PRO A 149 8.26 42.07 15.77
CA PRO A 149 9.50 41.63 15.13
C PRO A 149 10.54 41.19 16.15
N SER A 150 11.20 40.06 15.88
CA SER A 150 12.20 39.51 16.80
C SER A 150 13.44 40.39 16.88
N GLY A 157 19.03 42.13 6.74
CA GLY A 157 18.64 43.35 7.42
C GLY A 157 17.16 43.65 7.25
N THR A 158 16.36 42.59 7.15
CA THR A 158 14.92 42.73 6.96
C THR A 158 14.13 42.17 8.14
N ALA A 159 13.22 42.98 8.66
CA ALA A 159 12.38 42.57 9.77
C ALA A 159 10.95 42.28 9.30
N ALA A 160 10.31 41.30 9.93
CA ALA A 160 8.92 40.97 9.61
C ALA A 160 8.02 41.15 10.83
N LEU A 161 6.98 41.96 10.67
CA LEU A 161 6.03 42.24 11.74
C LEU A 161 4.61 42.26 11.19
N GLY A 162 3.62 42.26 12.08
CA GLY A 162 2.25 42.33 11.65
C GLY A 162 1.23 42.35 12.76
N CYS A 163 -0.05 42.47 12.40
CA CYS A 163 -1.14 42.49 13.36
C CYS A 163 -1.95 41.20 13.28
N LEU A 164 -2.38 40.71 14.44
CA LEU A 164 -3.25 39.54 14.50
C LEU A 164 -4.68 39.95 14.77
N VAL A 165 -5.54 39.76 13.78
CA VAL A 165 -6.98 40.02 13.93
C VAL A 165 -7.71 38.73 14.29
N LYS A 166 -8.39 38.74 15.43
CA LYS A 166 -8.98 37.53 15.95
C LYS A 166 -10.44 37.70 16.40
N ASP A 167 -11.24 36.65 16.22
CA ASP A 167 -12.60 36.61 16.73
C ASP A 167 -13.50 37.75 16.24
N TYR A 168 -13.65 37.86 14.92
CA TYR A 168 -14.62 38.79 14.35
C TYR A 168 -15.61 38.06 13.45
N PHE A 169 -16.85 38.55 13.39
CA PHE A 169 -17.84 38.02 12.47
C PHE A 169 -18.79 39.13 12.02
N PRO A 170 -19.25 39.08 10.75
CA PRO A 170 -18.82 38.21 9.65
C PRO A 170 -17.77 38.88 8.79
N GLU A 171 -17.37 38.22 7.70
CA GLU A 171 -16.48 38.79 6.73
C GLU A 171 -17.11 39.98 6.01
N PRO A 172 -16.29 40.86 5.41
CA PRO A 172 -14.84 40.99 5.57
C PRO A 172 -14.45 42.07 6.58
N VAL A 173 -13.14 42.25 6.77
CA VAL A 173 -12.59 43.44 7.42
C VAL A 173 -11.36 43.89 6.65
N THR A 174 -11.19 45.19 6.49
CA THR A 174 -10.04 45.70 5.74
C THR A 174 -8.97 46.23 6.69
N VAL A 175 -7.70 45.98 6.36
CA VAL A 175 -6.59 46.41 7.20
C VAL A 175 -5.53 47.18 6.44
N SER A 176 -5.28 48.41 6.88
CA SER A 176 -4.23 49.23 6.29
C SER A 176 -3.12 49.45 7.30
N TRP A 177 -2.07 50.16 6.89
CA TRP A 177 -0.93 50.43 7.76
C TRP A 177 -0.55 51.90 7.72
N ASN A 178 -0.39 52.50 8.89
CA ASN A 178 -0.11 53.94 9.00
C ASN A 178 -1.14 54.74 8.20
N SER A 179 -2.36 54.24 8.16
CA SER A 179 -3.43 54.87 7.40
C SER A 179 -3.11 54.96 5.91
N GLY A 180 -2.76 53.82 5.32
CA GLY A 180 -2.53 53.73 3.89
C GLY A 180 -1.22 54.36 3.46
N ALA A 181 -0.50 54.92 4.42
CA ALA A 181 0.80 55.53 4.14
C ALA A 181 1.80 54.48 3.65
N LEU A 182 1.96 53.41 4.43
CA LEU A 182 2.87 52.34 4.04
C LEU A 182 2.10 51.24 3.31
N THR A 183 2.29 51.18 2.00
CA THR A 183 1.78 50.09 1.16
C THR A 183 2.81 49.04 0.71
N SER A 184 4.08 49.25 1.08
CA SER A 184 5.17 48.45 0.53
C SER A 184 5.63 47.31 1.45
N GLY A 185 5.37 46.07 1.03
CA GLY A 185 5.78 44.90 1.79
C GLY A 185 4.66 44.30 2.62
N VAL A 186 3.45 44.83 2.43
CA VAL A 186 2.30 44.43 3.22
C VAL A 186 1.62 43.19 2.67
N HIS A 187 1.41 42.20 3.53
CA HIS A 187 0.66 41.01 3.16
C HIS A 187 -0.45 40.75 4.16
N THR A 188 -1.70 40.89 3.71
CA THR A 188 -2.84 40.50 4.51
C THR A 188 -3.29 39.14 4.01
N PHE A 189 -3.16 38.12 4.85
CA PHE A 189 -3.51 36.75 4.49
C PHE A 189 -5.01 36.52 4.56
N PRO A 190 -5.50 35.47 3.89
CA PRO A 190 -6.87 35.01 4.09
C PRO A 190 -7.16 34.67 5.55
N ALA A 191 -8.42 34.80 5.94
CA ALA A 191 -8.83 34.53 7.31
C ALA A 191 -9.21 33.06 7.52
N VAL A 192 -8.86 32.53 8.69
CA VAL A 192 -9.25 31.18 9.03
C VAL A 192 -10.56 31.20 9.80
N LEU A 193 -11.38 30.19 9.56
CA LEU A 193 -12.62 30.07 10.29
C LEU A 193 -12.44 29.01 11.38
N GLN A 194 -12.39 29.48 12.62
CA GLN A 194 -12.17 28.58 13.76
C GLN A 194 -13.42 27.80 14.15
N SER A 195 -13.22 26.68 14.82
CA SER A 195 -14.31 25.79 15.21
C SER A 195 -15.38 26.53 16.02
N SER A 196 -14.98 27.63 16.66
CA SER A 196 -15.91 28.44 17.46
C SER A 196 -16.90 29.20 16.58
N GLY A 197 -16.55 29.35 15.29
CA GLY A 197 -17.40 30.03 14.34
C GLY A 197 -16.95 31.44 14.02
N LEU A 198 -15.87 31.88 14.66
CA LEU A 198 -15.36 33.23 14.49
C LEU A 198 -14.10 33.27 13.62
N TYR A 199 -14.02 34.28 12.76
CA TYR A 199 -12.88 34.44 11.85
C TYR A 199 -11.65 35.05 12.52
N SER A 200 -10.46 34.70 12.01
CA SER A 200 -9.20 35.29 12.44
C SER A 200 -8.24 35.36 11.27
N LEU A 201 -7.47 36.44 11.18
CA LEU A 201 -6.50 36.61 10.09
C LEU A 201 -5.26 37.42 10.52
N SER A 202 -4.19 37.33 9.74
CA SER A 202 -2.97 38.08 10.01
C SER A 202 -2.59 38.99 8.84
N SER A 203 -1.87 40.06 9.15
CA SER A 203 -1.36 40.96 8.13
C SER A 203 0.08 41.30 8.49
N VAL A 204 0.98 41.11 7.54
CA VAL A 204 2.39 41.35 7.80
C VAL A 204 3.01 42.31 6.79
N VAL A 205 3.84 43.21 7.30
CA VAL A 205 4.58 44.14 6.46
C VAL A 205 6.08 43.92 6.67
N THR A 206 6.83 43.91 5.57
CA THR A 206 8.27 43.69 5.64
C THR A 206 9.04 45.01 5.57
N VAL A 207 9.81 45.28 6.61
CA VAL A 207 10.49 46.56 6.77
C VAL A 207 11.99 46.39 7.05
N PRO A 208 12.78 47.42 6.73
CA PRO A 208 14.21 47.45 7.05
C PRO A 208 14.43 47.42 8.56
N SER A 209 15.32 46.55 9.03
CA SER A 209 15.58 46.41 10.46
C SER A 209 15.94 47.75 11.09
N SER A 210 16.53 48.64 10.30
CA SER A 210 17.03 49.91 10.80
C SER A 210 15.92 50.88 11.18
N SER A 211 14.79 50.81 10.48
CA SER A 211 13.70 51.74 10.72
C SER A 211 13.00 51.49 12.05
N LEU A 212 13.24 50.32 12.65
CA LEU A 212 12.61 49.96 13.91
C LEU A 212 13.08 50.86 15.06
N GLY A 213 12.15 51.29 15.90
CA GLY A 213 12.46 52.20 16.98
C GLY A 213 12.51 53.63 16.47
N THR A 214 12.60 53.76 15.15
CA THR A 214 12.61 55.07 14.51
C THR A 214 11.22 55.38 13.97
N GLN A 215 10.80 54.63 12.97
CA GLN A 215 9.48 54.79 12.38
C GLN A 215 8.41 54.13 13.24
N THR A 216 7.25 54.78 13.34
CA THR A 216 6.12 54.20 14.05
C THR A 216 5.31 53.34 13.09
N TYR A 217 4.93 52.15 13.53
CA TYR A 217 4.14 51.25 12.71
C TYR A 217 2.78 50.98 13.33
N ILE A 218 1.73 51.33 12.59
CA ILE A 218 0.38 51.17 13.07
C ILE A 218 -0.48 50.45 12.02
N CYS A 219 -1.32 49.53 12.48
CA CYS A 219 -2.26 48.87 11.60
C CYS A 219 -3.67 49.35 11.88
N ASN A 220 -4.44 49.57 10.82
CA ASN A 220 -5.81 50.03 10.96
C ASN A 220 -6.80 48.93 10.60
N VAL A 221 -7.50 48.42 11.60
CA VAL A 221 -8.47 47.36 11.37
C VAL A 221 -9.86 47.95 11.35
N ASN A 222 -10.61 47.65 10.28
CA ASN A 222 -11.94 48.19 10.12
C ASN A 222 -13.00 47.11 9.85
N HIS A 223 -13.94 46.96 10.78
CA HIS A 223 -15.04 46.02 10.61
C HIS A 223 -16.32 46.77 10.34
N LYS A 224 -16.80 46.69 9.10
CA LYS A 224 -17.99 47.43 8.68
C LYS A 224 -19.31 46.94 9.31
N PRO A 225 -19.55 45.61 9.26
CA PRO A 225 -20.80 45.06 9.80
C PRO A 225 -21.07 45.44 11.25
N SER A 226 -20.03 45.45 12.08
CA SER A 226 -20.19 45.84 13.48
C SER A 226 -19.85 47.31 13.72
N ASN A 227 -19.37 47.98 12.68
CA ASN A 227 -18.88 49.35 12.81
C ASN A 227 -17.82 49.50 13.91
N THR A 228 -16.80 48.66 13.84
CA THR A 228 -15.68 48.71 14.77
C THR A 228 -14.41 49.14 14.05
N LYS A 229 -13.82 50.24 14.50
CA LYS A 229 -12.52 50.66 14.01
C LYS A 229 -11.49 50.65 15.13
N VAL A 230 -10.35 50.01 14.88
CA VAL A 230 -9.31 49.88 15.90
C VAL A 230 -7.92 50.06 15.32
N ASP A 231 -7.08 50.78 16.06
CA ASP A 231 -5.69 51.02 15.67
C ASP A 231 -4.73 50.50 16.74
N LYS A 232 -3.85 49.58 16.37
CA LYS A 232 -2.89 49.01 17.32
C LYS A 232 -1.48 49.38 16.91
N LYS A 233 -0.71 49.84 17.89
CA LYS A 233 0.70 50.16 17.65
C LYS A 233 1.55 48.90 17.80
N VAL A 234 2.36 48.63 16.79
CA VAL A 234 3.21 47.44 16.79
C VAL A 234 4.65 47.82 17.05
N GLU A 235 5.22 47.28 18.13
CA GLU A 235 6.58 47.61 18.52
C GLU A 235 7.33 46.42 19.12
N PRO A 236 8.68 46.46 19.07
CA PRO A 236 9.55 45.38 19.54
C PRO A 236 9.09 44.78 20.87
N SER B 2 -17.38 6.82 3.00
CA SER B 2 -15.92 6.89 2.98
C SER B 2 -15.38 7.23 1.59
N ALA B 3 -14.62 8.31 1.51
CA ALA B 3 -14.18 8.85 0.23
C ALA B 3 -13.27 7.92 -0.55
N LEU B 4 -13.31 8.04 -1.88
CA LEU B 4 -12.34 7.38 -2.76
C LEU B 4 -11.06 8.20 -2.75
N THR B 5 -9.93 7.52 -2.59
CA THR B 5 -8.67 8.23 -2.37
C THR B 5 -7.95 8.72 -3.64
N GLN B 6 -7.76 10.03 -3.72
CA GLN B 6 -7.03 10.65 -4.81
C GLN B 6 -5.81 11.36 -4.24
N PRO B 7 -4.79 11.57 -5.08
CA PRO B 7 -3.62 12.38 -4.74
C PRO B 7 -4.03 13.84 -4.62
N ALA B 8 -3.62 14.51 -3.54
CA ALA B 8 -4.04 15.88 -3.29
C ALA B 8 -3.81 16.78 -4.51
N SER B 9 -2.65 16.64 -5.13
CA SER B 9 -2.29 17.48 -6.26
C SER B 9 -1.41 16.77 -7.27
N VAL B 10 -1.56 17.14 -8.54
CA VAL B 10 -0.55 16.86 -9.55
C VAL B 10 -0.09 18.19 -10.13
N SER B 11 0.87 18.12 -11.03
CA SER B 11 1.32 19.30 -11.75
C SER B 11 2.03 18.85 -13.02
N GLY B 12 2.13 19.74 -13.98
CA GLY B 12 2.84 19.42 -15.20
C GLY B 12 3.16 20.61 -16.06
N SER B 13 4.21 20.49 -16.85
CA SER B 13 4.55 21.52 -17.81
C SER B 13 3.58 21.34 -18.97
N PRO B 14 3.28 22.46 -19.66
CA PRO B 14 2.41 22.37 -20.84
C PRO B 14 2.97 21.35 -21.84
N GLY B 15 2.10 20.51 -22.38
CA GLY B 15 2.50 19.50 -23.33
C GLY B 15 2.78 18.17 -22.65
N GLN B 16 2.98 18.22 -21.33
CA GLN B 16 3.25 17.02 -20.57
C GLN B 16 1.97 16.20 -20.41
N SER B 17 2.13 14.88 -20.36
CA SER B 17 1.03 13.99 -20.03
C SER B 17 1.12 13.66 -18.54
N ILE B 18 -0.04 13.62 -17.88
CA ILE B 18 -0.10 13.31 -16.46
C ILE B 18 -1.24 12.33 -16.13
N THR B 19 -1.19 11.78 -14.93
CA THR B 19 -2.20 10.81 -14.49
C THR B 19 -2.69 11.05 -13.05
N ILE B 20 -3.99 10.88 -12.86
CA ILE B 20 -4.58 10.98 -11.54
C ILE B 20 -5.20 9.63 -11.16
N SER B 21 -4.93 9.18 -9.94
CA SER B 21 -5.44 7.89 -9.47
C SER B 21 -6.62 8.04 -8.52
N CYS B 22 -7.60 7.15 -8.66
CA CYS B 22 -8.72 7.08 -7.74
C CYS B 22 -8.82 5.65 -7.21
N GLN B 23 -8.51 5.47 -5.93
CA GLN B 23 -8.49 4.13 -5.35
C GLN B 23 -9.64 3.88 -4.38
N GLY B 24 -10.53 2.99 -4.78
CA GLY B 24 -11.63 2.58 -3.94
C GLY B 24 -11.51 1.16 -3.40
N THR B 25 -12.65 0.56 -3.12
CA THR B 25 -12.71 -0.82 -2.70
C THR B 25 -13.41 -1.63 -3.78
N SER B 26 -13.59 -2.92 -3.53
CA SER B 26 -14.25 -3.80 -4.48
C SER B 26 -15.76 -3.58 -4.48
N ASN B 27 -16.24 -2.80 -3.53
CA ASN B 27 -17.67 -2.52 -3.44
C ASN B 27 -18.11 -1.24 -4.15
N ASP B 28 -17.15 -0.48 -4.67
CA ASP B 28 -17.46 0.66 -5.53
C ASP B 28 -16.66 0.71 -6.84
N VAL B 29 -15.36 1.00 -6.74
CA VAL B 29 -14.54 1.21 -7.93
C VAL B 29 -14.15 -0.12 -8.57
N GLY B 30 -13.94 -1.14 -7.75
CA GLY B 30 -13.53 -2.44 -8.25
C GLY B 30 -14.70 -3.35 -8.51
N GLY B 31 -15.90 -2.89 -8.17
CA GLY B 31 -17.10 -3.69 -8.34
C GLY B 31 -17.98 -3.28 -9.49
N TYR B 32 -17.69 -2.13 -10.11
CA TYR B 32 -18.55 -1.63 -11.18
C TYR B 32 -17.79 -0.84 -12.24
N GLU B 33 -18.44 -0.67 -13.39
CA GLU B 33 -17.88 0.07 -14.52
C GLU B 33 -18.33 1.53 -14.50
N SER B 34 -18.97 1.95 -13.43
CA SER B 34 -19.63 3.26 -13.39
C SER B 34 -18.73 4.44 -13.00
N VAL B 35 -17.43 4.20 -12.82
CA VAL B 35 -16.52 5.30 -12.48
C VAL B 35 -16.58 6.42 -13.50
N SER B 36 -16.81 7.64 -13.03
CA SER B 36 -16.82 8.82 -13.89
C SER B 36 -15.91 9.89 -13.30
N TRP B 37 -15.50 10.84 -14.12
CA TRP B 37 -14.54 11.86 -13.70
C TRP B 37 -15.01 13.29 -14.00
N TYR B 38 -14.77 14.19 -13.05
CA TYR B 38 -15.26 15.57 -13.15
C TYR B 38 -14.17 16.62 -13.05
N GLN B 39 -14.22 17.61 -13.94
CA GLN B 39 -13.29 18.74 -13.91
C GLN B 39 -14.00 19.94 -13.31
N GLN B 40 -13.31 20.69 -12.46
CA GLN B 40 -13.91 21.89 -11.86
C GLN B 40 -13.00 23.11 -11.85
N HIS B 41 -13.49 24.21 -12.40
CA HIS B 41 -12.79 25.49 -12.33
C HIS B 41 -13.28 26.33 -11.15
N PRO B 42 -12.47 27.30 -10.71
CA PRO B 42 -12.87 28.19 -9.62
C PRO B 42 -14.23 28.83 -9.86
N GLY B 43 -15.09 28.82 -8.83
CA GLY B 43 -16.37 29.51 -8.89
C GLY B 43 -17.37 28.94 -9.88
N LYS B 44 -17.08 27.78 -10.44
CA LYS B 44 -17.94 27.15 -11.44
C LYS B 44 -18.37 25.77 -10.98
N ALA B 45 -19.41 25.23 -11.60
CA ALA B 45 -19.88 23.89 -11.30
C ALA B 45 -19.10 22.86 -12.09
N PRO B 46 -18.90 21.67 -11.52
CA PRO B 46 -18.16 20.59 -12.18
C PRO B 46 -18.71 20.23 -13.55
N LYS B 47 -17.84 19.74 -14.42
CA LYS B 47 -18.23 19.22 -15.71
C LYS B 47 -17.64 17.83 -15.87
N VAL B 48 -18.43 16.90 -16.39
CA VAL B 48 -17.96 15.52 -16.55
C VAL B 48 -17.06 15.40 -17.77
N VAL B 49 -15.81 15.02 -17.54
CA VAL B 49 -14.90 14.71 -18.65
C VAL B 49 -14.80 13.22 -19.01
N ILE B 50 -15.29 12.34 -18.14
CA ILE B 50 -15.19 10.89 -18.37
C ILE B 50 -16.34 10.12 -17.73
N TYR B 51 -16.83 9.08 -18.41
CA TYR B 51 -17.89 8.25 -17.83
C TYR B 51 -17.85 6.79 -18.29
N ASP B 52 -18.36 5.89 -17.45
CA ASP B 52 -18.25 4.46 -17.67
C ASP B 52 -16.79 4.08 -17.82
N VAL B 53 -15.95 4.93 -17.22
CA VAL B 53 -14.53 4.72 -16.98
C VAL B 53 -13.64 4.87 -18.20
N SER B 54 -14.16 4.57 -19.39
CA SER B 54 -13.40 4.84 -20.61
C SER B 54 -13.93 5.96 -21.47
N LYS B 55 -15.14 6.44 -21.17
CA LYS B 55 -15.91 7.15 -22.19
C LYS B 55 -15.93 8.66 -22.06
N ARG B 56 -15.82 9.33 -23.20
CA ARG B 56 -15.89 10.78 -23.26
C ARG B 56 -17.26 11.27 -23.71
N PRO B 57 -17.85 12.21 -22.96
CA PRO B 57 -19.12 12.86 -23.29
C PRO B 57 -18.93 13.80 -24.46
N SER B 58 -19.93 13.93 -25.33
CA SER B 58 -19.79 14.74 -26.54
C SER B 58 -19.28 16.15 -26.20
N GLY B 59 -18.25 16.58 -26.90
CA GLY B 59 -17.68 17.90 -26.68
C GLY B 59 -16.34 17.91 -25.95
N VAL B 60 -15.95 16.78 -25.39
CA VAL B 60 -14.71 16.69 -24.63
C VAL B 60 -13.53 16.41 -25.54
N SER B 61 -12.38 16.97 -25.19
CA SER B 61 -11.16 16.78 -25.97
C SER B 61 -10.75 15.32 -25.96
N ASN B 62 -10.00 14.91 -26.99
CA ASN B 62 -9.53 13.54 -27.10
C ASN B 62 -8.27 13.35 -26.27
N ARG B 63 -7.85 14.42 -25.60
CA ARG B 63 -6.69 14.39 -24.73
C ARG B 63 -7.01 13.75 -23.39
N PHE B 64 -8.30 13.51 -23.14
CA PHE B 64 -8.75 12.91 -21.89
C PHE B 64 -9.12 11.45 -22.09
N SER B 65 -8.47 10.58 -21.33
CA SER B 65 -8.77 9.16 -21.37
C SER B 65 -8.99 8.64 -19.96
N GLY B 66 -9.57 7.45 -19.85
CA GLY B 66 -9.75 6.87 -18.55
C GLY B 66 -9.52 5.38 -18.61
N SER B 67 -9.28 4.80 -17.45
CA SER B 67 -8.90 3.40 -17.36
C SER B 67 -9.20 2.89 -15.96
N LYS B 68 -9.26 1.57 -15.84
CA LYS B 68 -9.41 0.96 -14.54
C LYS B 68 -8.58 -0.32 -14.43
N SER B 69 -7.81 -0.42 -13.35
CA SER B 69 -7.12 -1.64 -13.00
C SER B 69 -7.45 -1.96 -11.54
N GLY B 70 -8.14 -3.07 -11.32
CA GLY B 70 -8.49 -3.47 -9.98
C GLY B 70 -9.43 -2.49 -9.31
N ASN B 71 -9.05 -2.05 -8.11
CA ASN B 71 -9.83 -1.06 -7.36
C ASN B 71 -9.36 0.37 -7.60
N THR B 72 -8.41 0.54 -8.52
CA THR B 72 -7.88 1.86 -8.83
C THR B 72 -8.20 2.28 -10.27
N ALA B 73 -9.02 3.32 -10.42
CA ALA B 73 -9.29 3.90 -11.73
C ALA B 73 -8.47 5.17 -11.92
N SER B 74 -8.01 5.40 -13.15
CA SER B 74 -7.14 6.54 -13.43
C SER B 74 -7.64 7.41 -14.58
N LEU B 75 -7.50 8.72 -14.40
CA LEU B 75 -7.79 9.67 -15.45
C LEU B 75 -6.44 10.10 -16.01
N THR B 76 -6.33 10.16 -17.33
CA THR B 76 -5.07 10.55 -17.96
C THR B 76 -5.25 11.68 -18.97
N ILE B 77 -4.51 12.76 -18.78
CA ILE B 77 -4.59 13.92 -19.65
C ILE B 77 -3.32 14.04 -20.49
N SER B 78 -3.47 13.89 -21.80
CA SER B 78 -2.32 14.02 -22.68
C SER B 78 -2.23 15.46 -23.17
N GLY B 79 -0.99 15.94 -23.31
CA GLY B 79 -0.80 17.26 -23.87
C GLY B 79 -1.48 18.37 -23.08
N LEU B 80 -1.11 18.50 -21.81
CA LEU B 80 -1.68 19.54 -20.96
C LEU B 80 -1.62 20.92 -21.61
N GLN B 81 -2.78 21.59 -21.61
CA GLN B 81 -2.88 22.98 -22.03
C GLN B 81 -3.33 23.78 -20.82
N ALA B 82 -3.08 25.08 -20.81
CA ALA B 82 -3.41 25.89 -19.64
C ALA B 82 -4.83 25.64 -19.13
N GLU B 83 -5.78 25.50 -20.05
CA GLU B 83 -7.19 25.44 -19.66
C GLU B 83 -7.57 24.13 -18.96
N ASP B 84 -6.64 23.19 -18.88
CA ASP B 84 -6.88 21.94 -18.16
C ASP B 84 -6.71 22.12 -16.64
N GLU B 85 -5.98 23.15 -16.23
CA GLU B 85 -5.80 23.43 -14.81
C GLU B 85 -7.15 23.56 -14.11
N GLY B 86 -7.30 22.84 -13.00
CA GLY B 86 -8.55 22.81 -12.26
C GLY B 86 -8.48 21.69 -11.25
N ASP B 87 -9.58 21.48 -10.52
CA ASP B 87 -9.65 20.36 -9.57
C ASP B 87 -10.39 19.20 -10.21
N TYR B 88 -9.91 17.97 -9.95
CA TYR B 88 -10.50 16.78 -10.55
C TYR B 88 -11.03 15.77 -9.53
N TYR B 89 -12.31 15.44 -9.68
CA TYR B 89 -12.99 14.55 -8.77
C TYR B 89 -13.52 13.34 -9.53
N CYS B 90 -13.26 12.15 -8.99
CA CYS B 90 -13.89 10.94 -9.54
C CYS B 90 -15.12 10.54 -8.73
N LYS B 91 -16.14 10.04 -9.42
CA LYS B 91 -17.35 9.60 -8.75
C LYS B 91 -17.54 8.12 -9.03
N SER B 92 -17.94 7.37 -8.02
CA SER B 92 -18.22 5.96 -8.22
C SER B 92 -19.56 5.58 -7.63
N LEU B 93 -20.10 4.48 -8.15
CA LEU B 93 -21.35 3.91 -7.68
C LEU B 93 -20.98 2.79 -6.70
N THR B 94 -21.76 2.62 -5.64
CA THR B 94 -21.44 1.62 -4.63
C THR B 94 -22.54 0.55 -4.52
N SER B 95 -22.17 -0.58 -3.94
CA SER B 95 -23.05 -1.76 -3.92
C SER B 95 -24.48 -1.48 -3.43
N THR B 96 -24.63 -0.49 -2.57
CA THR B 96 -25.94 -0.09 -2.06
C THR B 96 -26.59 0.95 -2.96
N ARG B 97 -25.98 1.19 -4.12
CA ARG B 97 -26.48 2.12 -5.12
C ARG B 97 -26.44 3.59 -4.68
N ARG B 98 -25.54 3.90 -3.75
CA ARG B 98 -25.25 5.29 -3.43
C ARG B 98 -24.16 5.78 -4.36
N ARG B 99 -23.80 7.04 -4.23
CA ARG B 99 -22.68 7.58 -4.99
C ARG B 99 -21.61 8.04 -4.01
N VAL B 100 -20.35 8.03 -4.46
CA VAL B 100 -19.26 8.53 -3.63
C VAL B 100 -18.23 9.25 -4.49
N PHE B 101 -17.65 10.32 -3.95
CA PHE B 101 -16.72 11.15 -4.69
C PHE B 101 -15.29 10.96 -4.22
N GLY B 102 -14.34 11.26 -5.10
CA GLY B 102 -12.96 11.27 -4.69
C GLY B 102 -12.70 12.38 -3.70
N THR B 103 -11.52 12.36 -3.10
CA THR B 103 -11.10 13.42 -2.19
C THR B 103 -10.67 14.65 -3.00
N GLY B 104 -10.54 14.48 -4.31
CA GLY B 104 -10.17 15.56 -5.21
C GLY B 104 -8.69 15.66 -5.50
N THR B 105 -8.36 16.26 -6.64
CA THR B 105 -6.98 16.48 -7.07
C THR B 105 -6.86 17.88 -7.66
N LYS B 106 -5.92 18.67 -7.16
CA LYS B 106 -5.69 19.99 -7.73
C LYS B 106 -4.58 19.91 -8.76
N LEU B 107 -4.94 20.07 -10.03
CA LEU B 107 -3.98 19.95 -11.12
C LEU B 107 -3.51 21.33 -11.54
N THR B 108 -2.18 21.49 -11.60
CA THR B 108 -1.58 22.75 -12.02
C THR B 108 -0.79 22.64 -13.33
N VAL B 109 -1.30 23.22 -14.41
CA VAL B 109 -0.50 23.38 -15.61
C VAL B 109 0.46 24.53 -15.30
N LEU B 110 1.75 24.34 -15.55
CA LEU B 110 2.72 25.23 -14.93
C LEU B 110 3.16 26.42 -15.73
N GLY B 111 2.69 27.58 -15.30
CA GLY B 111 3.15 28.85 -15.75
C GLY B 111 4.64 29.13 -15.66
N GLN B 112 5.20 29.11 -14.45
CA GLN B 112 6.59 29.50 -14.22
C GLN B 112 7.29 28.31 -13.58
N PRO B 113 8.58 28.45 -13.25
CA PRO B 113 9.25 27.35 -12.54
C PRO B 113 8.77 27.19 -11.10
N LYS B 114 8.88 25.98 -10.56
CA LYS B 114 8.45 25.66 -9.21
C LYS B 114 9.17 26.51 -8.16
N ALA B 115 8.50 26.81 -7.04
CA ALA B 115 9.08 27.67 -6.01
C ALA B 115 8.72 27.22 -4.59
N ALA B 116 9.70 27.22 -3.70
CA ALA B 116 9.52 26.78 -2.31
C ALA B 116 9.07 27.90 -1.38
N PRO B 117 8.38 27.53 -0.28
CA PRO B 117 7.73 28.47 0.64
C PRO B 117 8.67 29.21 1.58
N SER B 118 8.34 30.47 1.87
CA SER B 118 9.00 31.22 2.92
C SER B 118 8.14 31.08 4.16
N VAL B 119 8.76 30.68 5.27
CA VAL B 119 8.00 30.37 6.48
C VAL B 119 8.36 31.26 7.67
N THR B 120 7.40 32.02 8.16
CA THR B 120 7.62 32.84 9.32
C THR B 120 6.70 32.38 10.43
N LEU B 121 7.24 32.27 11.63
CA LEU B 121 6.45 31.84 12.78
C LEU B 121 6.47 32.90 13.87
N PHE B 122 5.28 33.31 14.31
CA PHE B 122 5.15 34.33 15.34
C PHE B 122 4.71 33.71 16.66
N PRO B 123 5.48 33.94 17.74
CA PRO B 123 5.06 33.53 19.08
C PRO B 123 3.84 34.34 19.52
N PRO B 124 3.07 33.83 20.50
CA PRO B 124 1.87 34.54 20.93
C PRO B 124 2.19 35.93 21.46
N SER B 125 1.45 36.94 20.99
CA SER B 125 1.64 38.31 21.43
C SER B 125 1.37 38.45 22.93
N SER B 126 2.09 39.35 23.58
CA SER B 126 1.92 39.55 25.01
C SER B 126 0.55 40.14 25.35
N GLU B 127 -0.04 40.88 24.42
CA GLU B 127 -1.38 41.41 24.61
C GLU B 127 -2.39 40.27 24.73
N GLU B 128 -2.15 39.19 23.99
CA GLU B 128 -3.05 38.04 24.01
C GLU B 128 -2.83 37.14 25.22
N LEU B 129 -1.59 37.05 25.68
CA LEU B 129 -1.26 36.24 26.84
C LEU B 129 -1.96 36.74 28.09
N GLN B 130 -2.05 38.06 28.22
CA GLN B 130 -2.73 38.68 29.34
C GLN B 130 -4.25 38.54 29.18
N ALA B 131 -4.67 38.17 27.97
CA ALA B 131 -6.09 37.97 27.67
C ALA B 131 -6.49 36.54 28.03
N ASN B 132 -5.54 35.80 28.58
CA ASN B 132 -5.74 34.40 28.94
C ASN B 132 -5.99 33.51 27.73
N LYS B 133 -5.26 33.79 26.66
CA LYS B 133 -5.29 32.99 25.45
C LYS B 133 -3.89 32.94 24.87
N ALA B 134 -3.65 31.99 23.98
CA ALA B 134 -2.38 31.94 23.27
C ALA B 134 -2.58 31.36 21.87
N THR B 135 -1.89 31.93 20.90
CA THR B 135 -1.97 31.43 19.53
C THR B 135 -0.65 31.59 18.80
N LEU B 136 -0.29 30.57 18.02
CA LEU B 136 0.92 30.60 17.21
C LEU B 136 0.55 30.83 15.74
N VAL B 137 1.23 31.77 15.10
CA VAL B 137 0.92 32.10 13.71
C VAL B 137 2.04 31.65 12.79
N CYS B 138 1.79 30.63 11.97
CA CYS B 138 2.75 30.17 10.98
C CYS B 138 2.37 30.68 9.59
N LEU B 139 3.13 31.65 9.10
CA LEU B 139 2.80 32.29 7.83
C LEU B 139 3.66 31.75 6.70
N ILE B 140 3.00 31.33 5.62
CA ILE B 140 3.68 30.72 4.50
C ILE B 140 3.49 31.61 3.27
N SER B 141 4.54 31.76 2.48
CA SER B 141 4.46 32.64 1.31
C SER B 141 5.39 32.23 0.18
N ASP B 142 5.12 32.77 -1.01
CA ASP B 142 6.02 32.67 -2.17
C ASP B 142 6.31 31.24 -2.62
N PHE B 143 5.28 30.40 -2.71
CA PHE B 143 5.46 29.03 -3.18
C PHE B 143 4.56 28.70 -4.38
N TYR B 144 4.84 27.59 -5.04
CA TYR B 144 4.16 27.25 -6.28
C TYR B 144 4.54 25.85 -6.78
N PRO B 145 3.54 25.08 -7.23
CA PRO B 145 2.12 25.46 -7.26
C PRO B 145 1.62 25.43 -5.82
N GLY B 146 0.58 26.18 -5.47
CA GLY B 146 0.16 26.08 -4.09
C GLY B 146 -0.51 24.77 -3.75
N ALA B 147 0.21 23.94 -2.99
CA ALA B 147 -0.36 22.85 -2.23
C ALA B 147 0.60 22.64 -1.07
N VAL B 148 0.11 22.67 0.16
CA VAL B 148 1.02 22.53 1.29
C VAL B 148 0.43 21.70 2.42
N THR B 149 1.20 20.74 2.90
CA THR B 149 0.88 20.05 4.11
C THR B 149 1.44 20.90 5.24
N VAL B 150 0.59 21.29 6.19
CA VAL B 150 1.11 21.95 7.39
C VAL B 150 1.01 21.01 8.60
N ALA B 151 2.07 20.99 9.41
CA ALA B 151 2.13 20.10 10.54
C ALA B 151 2.77 20.80 11.73
N TRP B 152 2.14 20.68 12.89
CA TRP B 152 2.63 21.32 14.10
C TRP B 152 3.23 20.31 15.06
N LYS B 153 4.31 20.71 15.73
CA LYS B 153 4.89 19.87 16.77
C LYS B 153 5.26 20.66 18.03
N ALA B 154 4.63 20.29 19.14
CA ALA B 154 5.04 20.77 20.45
C ALA B 154 6.20 19.89 20.88
N ASP B 155 7.36 20.51 21.09
CA ASP B 155 8.59 19.74 21.24
C ASP B 155 8.80 18.94 19.96
N SER B 156 9.04 17.64 20.11
CA SER B 156 9.15 16.74 18.98
C SER B 156 7.85 15.96 18.71
N SER B 157 6.83 16.22 19.51
CA SER B 157 5.56 15.49 19.44
C SER B 157 4.54 16.15 18.53
N PRO B 158 3.95 15.38 17.61
CA PRO B 158 2.88 15.86 16.72
C PRO B 158 1.69 16.41 17.49
N VAL B 159 1.10 17.51 17.02
CA VAL B 159 -0.05 18.11 17.67
C VAL B 159 -1.21 18.31 16.70
N LYS B 160 -2.27 17.53 16.87
CA LYS B 160 -3.45 17.64 16.00
C LYS B 160 -4.61 18.43 16.62
N ALA B 161 -4.43 18.91 17.84
CA ALA B 161 -5.49 19.61 18.56
C ALA B 161 -5.46 21.13 18.41
N GLY B 162 -6.57 21.70 17.92
CA GLY B 162 -6.72 23.14 17.84
C GLY B 162 -5.89 23.82 16.77
N VAL B 163 -5.84 23.22 15.58
CA VAL B 163 -5.12 23.82 14.46
C VAL B 163 -6.04 24.09 13.27
N GLU B 164 -6.05 25.34 12.81
CA GLU B 164 -6.81 25.72 11.62
C GLU B 164 -5.85 26.23 10.56
N THR B 165 -6.03 25.76 9.33
CA THR B 165 -5.15 26.15 8.23
C THR B 165 -5.98 26.65 7.05
N THR B 166 -5.52 27.72 6.40
CA THR B 166 -6.20 28.24 5.22
C THR B 166 -5.94 27.38 3.98
N THR B 167 -6.82 27.53 2.99
CA THR B 167 -6.56 27.03 1.65
C THR B 167 -5.61 28.02 1.00
N PRO B 168 -4.56 27.51 0.33
CA PRO B 168 -3.59 28.42 -0.29
C PRO B 168 -4.32 29.41 -1.20
N SER B 169 -4.00 30.70 -1.04
CA SER B 169 -4.57 31.74 -1.88
C SER B 169 -3.48 32.39 -2.75
N LYS B 170 -3.89 32.98 -3.87
CA LYS B 170 -2.96 33.59 -4.81
C LYS B 170 -2.50 34.97 -4.34
N GLN B 171 -1.24 35.30 -4.62
CA GLN B 171 -0.69 36.62 -4.33
C GLN B 171 -0.64 37.42 -5.62
N SER B 172 -0.17 38.66 -5.53
CA SER B 172 -0.07 39.51 -6.69
C SER B 172 1.14 39.14 -7.52
N ASN B 173 2.10 38.48 -6.88
CA ASN B 173 3.40 38.18 -7.50
C ASN B 173 3.48 36.85 -8.26
N ASN B 174 2.33 36.25 -8.51
CA ASN B 174 2.19 34.97 -9.21
C ASN B 174 2.63 33.77 -8.41
N LYS B 175 2.67 33.92 -7.09
CA LYS B 175 2.94 32.80 -6.21
C LYS B 175 1.86 32.72 -5.14
N TYR B 176 1.76 31.60 -4.43
CA TYR B 176 0.69 31.41 -3.46
C TYR B 176 1.06 31.88 -2.06
N ALA B 177 0.08 31.81 -1.15
CA ALA B 177 0.34 32.05 0.27
C ALA B 177 -0.70 31.33 1.13
N ALA B 178 -0.33 30.98 2.34
CA ALA B 178 -1.21 30.27 3.24
C ALA B 178 -0.79 30.49 4.69
N SER B 179 -1.70 30.23 5.62
CA SER B 179 -1.39 30.39 7.04
C SER B 179 -1.93 29.23 7.84
N SER B 180 -1.34 29.01 9.01
CA SER B 180 -1.84 28.02 9.95
C SER B 180 -1.77 28.58 11.37
N TYR B 181 -2.89 28.56 12.07
CA TYR B 181 -2.96 29.08 13.43
C TYR B 181 -3.14 27.96 14.45
N LEU B 182 -2.43 28.08 15.57
CA LEU B 182 -2.44 27.06 16.61
C LEU B 182 -2.98 27.63 17.93
N SER B 183 -4.14 27.12 18.36
CA SER B 183 -4.76 27.60 19.58
C SER B 183 -4.24 26.85 20.80
N LEU B 184 -3.82 27.59 21.82
CA LEU B 184 -3.30 27.00 23.03
C LEU B 184 -3.72 27.82 24.24
N THR B 185 -3.70 27.18 25.41
CA THR B 185 -3.88 27.90 26.66
C THR B 185 -2.51 28.38 27.11
N PRO B 186 -2.46 29.54 27.80
CA PRO B 186 -1.20 30.11 28.27
C PRO B 186 -0.35 29.07 28.99
N GLU B 187 -1.00 28.20 29.76
CA GLU B 187 -0.30 27.14 30.47
C GLU B 187 0.41 26.20 29.49
N GLN B 188 -0.30 25.83 28.42
CA GLN B 188 0.27 24.99 27.39
C GLN B 188 1.51 25.64 26.78
N TRP B 189 1.38 26.91 26.43
CA TRP B 189 2.48 27.66 25.83
C TRP B 189 3.72 27.67 26.72
N LYS B 190 3.54 28.00 27.99
CA LYS B 190 4.65 28.11 28.93
C LYS B 190 5.17 26.74 29.37
N SER B 191 4.28 25.76 29.43
CA SER B 191 4.66 24.42 29.88
C SER B 191 5.64 23.75 28.93
N HIS B 192 5.38 23.82 27.63
CA HIS B 192 6.23 23.14 26.66
C HIS B 192 7.53 23.86 26.32
N LYS B 193 8.50 23.07 25.88
CA LYS B 193 9.85 23.55 25.56
C LYS B 193 9.86 24.46 24.34
N SER B 194 9.34 23.97 23.22
CA SER B 194 9.29 24.74 21.99
C SER B 194 8.19 24.21 21.06
N TYR B 195 7.79 25.02 20.09
CA TYR B 195 6.75 24.62 19.14
C TYR B 195 7.24 24.78 17.70
N SER B 196 6.95 23.79 16.86
CA SER B 196 7.47 23.76 15.51
C SER B 196 6.39 23.77 14.43
N CYS B 197 6.71 24.42 13.31
CA CYS B 197 5.82 24.46 12.14
C CYS B 197 6.54 23.83 10.95
N GLN B 198 6.03 22.69 10.48
CA GLN B 198 6.68 21.99 9.37
C GLN B 198 5.80 21.97 8.12
N VAL B 199 6.22 22.73 7.11
CA VAL B 199 5.48 22.84 5.87
C VAL B 199 6.03 21.91 4.80
N THR B 200 5.21 20.99 4.33
CA THR B 200 5.63 20.03 3.30
C THR B 200 5.12 20.45 1.93
N HIS B 201 6.04 20.87 1.07
CA HIS B 201 5.70 21.35 -0.27
C HIS B 201 6.48 20.58 -1.33
N GLU B 202 5.76 19.86 -2.18
CA GLU B 202 6.39 19.07 -3.23
C GLU B 202 7.36 18.04 -2.68
N GLY B 203 6.98 17.42 -1.57
CA GLY B 203 7.77 16.36 -0.96
C GLY B 203 8.89 16.86 -0.07
N SER B 204 9.00 18.18 0.06
CA SER B 204 10.08 18.78 0.85
C SER B 204 9.54 19.60 2.02
N THR B 205 10.12 19.41 3.19
CA THR B 205 9.65 20.08 4.40
C THR B 205 10.60 21.18 4.87
N VAL B 206 10.04 22.36 5.09
CA VAL B 206 10.76 23.46 5.71
C VAL B 206 10.20 23.63 7.11
N GLU B 207 11.05 24.00 8.07
CA GLU B 207 10.60 24.09 9.46
C GLU B 207 11.14 25.32 10.20
N LYS B 208 10.27 25.95 10.99
CA LYS B 208 10.65 27.04 11.86
C LYS B 208 10.24 26.71 13.30
N THR B 209 10.81 27.43 14.28
CA THR B 209 10.56 27.12 15.68
C THR B 209 10.56 28.35 16.59
N VAL B 210 9.69 28.33 17.59
CA VAL B 210 9.62 29.41 18.58
C VAL B 210 9.50 28.85 20.01
N ALA B 211 10.00 29.60 20.99
CA ALA B 211 9.96 29.17 22.37
C ALA B 211 9.75 30.33 23.33
N PRO B 212 9.05 30.08 24.44
CA PRO B 212 8.77 31.07 25.49
C PRO B 212 10.00 31.89 25.89
N ARG C 2 8.36 -41.69 -5.79
CA ARG C 2 9.65 -41.37 -5.17
C ARG C 2 10.66 -40.80 -6.16
N LEU C 3 11.41 -39.78 -5.71
CA LEU C 3 12.48 -39.17 -6.52
C LEU C 3 13.80 -39.06 -5.73
N VAL C 4 14.93 -39.26 -6.42
CA VAL C 4 16.24 -39.20 -5.76
C VAL C 4 17.25 -38.33 -6.52
N GLU C 5 17.66 -37.22 -5.89
CA GLU C 5 18.69 -36.33 -6.46
C GLU C 5 20.12 -36.81 -6.22
N SER C 6 21.03 -36.34 -7.06
CA SER C 6 22.46 -36.67 -6.93
C SER C 6 23.30 -35.88 -7.93
N GLY C 7 24.62 -35.99 -7.80
CA GLY C 7 25.52 -35.23 -8.64
C GLY C 7 26.00 -33.94 -7.97
N GLY C 8 25.37 -33.58 -6.86
CA GLY C 8 25.70 -32.38 -6.12
C GLY C 8 27.06 -32.46 -5.47
N GLY C 9 27.47 -31.38 -4.81
CA GLY C 9 28.75 -31.37 -4.15
C GLY C 9 29.25 -29.96 -3.90
N VAL C 10 30.49 -29.85 -3.42
CA VAL C 10 31.10 -28.55 -3.16
C VAL C 10 32.09 -28.19 -4.27
N VAL C 11 31.73 -27.20 -5.09
CA VAL C 11 32.60 -26.80 -6.19
C VAL C 11 33.07 -25.36 -6.05
N GLN C 12 33.96 -24.94 -6.95
CA GLN C 12 34.43 -23.57 -6.97
C GLN C 12 33.62 -22.71 -7.93
N PRO C 13 33.53 -21.41 -7.62
CA PRO C 13 32.78 -20.54 -8.53
C PRO C 13 33.39 -20.61 -9.92
N GLY C 14 32.55 -20.82 -10.93
CA GLY C 14 33.01 -20.86 -12.30
C GLY C 14 33.09 -22.29 -12.83
N SER C 15 33.14 -23.25 -11.92
CA SER C 15 33.19 -24.65 -12.32
C SER C 15 31.81 -25.12 -12.75
N SER C 16 31.73 -26.37 -13.19
CA SER C 16 30.47 -26.91 -13.70
C SER C 16 30.09 -28.19 -12.98
N LEU C 17 28.79 -28.44 -12.92
CA LEU C 17 28.26 -29.56 -12.16
C LEU C 17 26.96 -30.04 -12.82
N ARG C 18 26.68 -31.33 -12.76
CA ARG C 18 25.46 -31.85 -13.36
C ARG C 18 24.68 -32.69 -12.36
N LEU C 19 23.46 -32.25 -12.06
CA LEU C 19 22.56 -32.95 -11.15
C LEU C 19 21.63 -33.91 -11.90
N SER C 20 21.34 -35.04 -11.28
CA SER C 20 20.43 -36.02 -11.84
C SER C 20 19.40 -36.50 -10.83
N CYS C 21 18.14 -36.56 -11.26
CA CYS C 21 17.06 -37.03 -10.41
C CYS C 21 16.44 -38.27 -11.03
N ALA C 22 16.62 -39.41 -10.39
CA ALA C 22 16.09 -40.67 -10.88
C ALA C 22 14.67 -40.88 -10.36
N ALA C 23 13.75 -41.20 -11.27
CA ALA C 23 12.34 -41.31 -10.90
C ALA C 23 11.83 -42.75 -10.97
N SER C 24 10.81 -43.04 -10.15
CA SER C 24 10.24 -44.38 -10.10
C SER C 24 8.82 -44.35 -9.55
N GLY C 25 8.08 -45.42 -9.82
CA GLY C 25 6.77 -45.58 -9.24
C GLY C 25 5.66 -44.86 -9.98
N PHE C 26 6.02 -44.13 -11.03
CA PHE C 26 5.03 -43.45 -11.85
C PHE C 26 5.51 -43.33 -13.28
N ASP C 27 4.58 -43.08 -14.21
CA ASP C 27 4.97 -42.97 -15.60
C ASP C 27 5.60 -41.61 -15.81
N PHE C 28 6.87 -41.62 -16.19
CA PHE C 28 7.70 -40.42 -16.23
C PHE C 28 7.45 -39.58 -17.48
N SER C 29 7.36 -40.26 -18.63
CA SER C 29 7.27 -39.58 -19.92
C SER C 29 5.96 -38.82 -20.10
N ARG C 30 5.00 -39.08 -19.22
CA ARG C 30 3.70 -38.40 -19.31
C ARG C 30 3.54 -37.19 -18.38
N GLN C 31 4.59 -36.85 -17.62
CA GLN C 31 4.47 -35.78 -16.63
C GLN C 31 5.59 -34.75 -16.68
N GLY C 32 5.23 -33.50 -16.45
CA GLY C 32 6.19 -32.41 -16.39
C GLY C 32 6.97 -32.49 -15.10
N MET C 33 8.13 -31.83 -15.05
CA MET C 33 8.98 -31.86 -13.87
C MET C 33 9.58 -30.49 -13.57
N HIS C 34 9.97 -30.29 -12.31
CA HIS C 34 10.58 -29.03 -11.89
C HIS C 34 11.90 -29.25 -11.20
N TRP C 35 12.65 -28.17 -11.06
CA TRP C 35 13.79 -28.13 -10.17
C TRP C 35 13.57 -26.93 -9.28
N VAL C 36 13.65 -27.14 -7.97
CA VAL C 36 13.54 -26.03 -7.05
C VAL C 36 14.75 -26.03 -6.13
N ARG C 37 15.27 -24.84 -5.85
CA ARG C 37 16.39 -24.75 -4.92
C ARG C 37 16.00 -23.95 -3.70
N GLN C 38 16.68 -24.24 -2.58
CA GLN C 38 16.51 -23.47 -1.37
C GLN C 38 17.84 -23.19 -0.69
N ALA C 39 18.19 -21.91 -0.55
CA ALA C 39 19.43 -21.56 0.12
C ALA C 39 19.31 -21.98 1.58
N PRO C 40 20.45 -22.25 2.25
CA PRO C 40 20.37 -22.56 3.68
C PRO C 40 19.83 -21.36 4.46
N GLY C 41 18.80 -21.57 5.25
CA GLY C 41 18.17 -20.50 6.01
C GLY C 41 17.43 -19.48 5.16
N GLN C 42 17.09 -19.84 3.93
CA GLN C 42 16.33 -18.97 3.04
C GLN C 42 15.04 -19.64 2.60
N GLY C 43 14.31 -18.98 1.70
CA GLY C 43 13.07 -19.51 1.19
C GLY C 43 13.24 -20.29 -0.10
N LEU C 44 12.13 -20.80 -0.61
CA LEU C 44 12.14 -21.55 -1.86
C LEU C 44 12.29 -20.62 -3.06
N GLU C 45 12.94 -21.12 -4.10
CA GLU C 45 13.06 -20.44 -5.37
C GLU C 45 12.93 -21.42 -6.53
N TRP C 46 12.02 -21.13 -7.46
CA TRP C 46 11.85 -21.95 -8.64
C TRP C 46 13.09 -21.83 -9.51
N VAL C 47 13.50 -22.94 -10.10
CA VAL C 47 14.66 -22.93 -10.98
C VAL C 47 14.24 -23.15 -12.43
N ALA C 48 13.62 -24.29 -12.70
CA ALA C 48 13.25 -24.62 -14.08
C ALA C 48 12.12 -25.62 -14.14
N PHE C 49 11.43 -25.65 -15.29
CA PHE C 49 10.36 -26.61 -15.51
C PHE C 49 10.50 -27.19 -16.91
N ILE C 50 10.24 -28.48 -17.06
CA ILE C 50 10.24 -29.10 -18.38
C ILE C 50 8.96 -29.87 -18.64
N LYS C 51 8.37 -29.65 -19.80
CA LYS C 51 7.16 -30.34 -20.20
C LYS C 51 7.46 -31.83 -20.34
N TYR C 52 6.41 -32.66 -20.25
CA TYR C 52 6.57 -34.10 -20.24
C TYR C 52 7.46 -34.61 -21.37
N ASP C 53 7.25 -34.11 -22.58
CA ASP C 53 7.98 -34.59 -23.75
C ASP C 53 9.27 -33.82 -24.01
N GLY C 54 9.59 -32.89 -23.12
CA GLY C 54 10.82 -32.13 -23.22
C GLY C 54 10.86 -31.19 -24.41
N SER C 55 9.69 -30.98 -25.03
CA SER C 55 9.60 -30.11 -26.20
C SER C 55 9.60 -28.65 -25.80
N GLU C 56 9.47 -28.39 -24.50
CA GLU C 56 9.54 -27.02 -23.98
C GLU C 56 10.09 -26.97 -22.57
N LYS C 57 10.84 -25.92 -22.27
CA LYS C 57 11.44 -25.79 -20.96
C LYS C 57 11.50 -24.32 -20.55
N TYR C 58 11.21 -24.05 -19.28
CA TYR C 58 11.22 -22.71 -18.75
C TYR C 58 12.27 -22.58 -17.65
N HIS C 59 13.02 -21.49 -17.65
CA HIS C 59 14.03 -21.27 -16.62
C HIS C 59 13.80 -19.95 -15.89
N ALA C 60 14.27 -19.86 -14.67
CA ALA C 60 14.09 -18.69 -13.83
C ALA C 60 15.06 -17.60 -14.25
N ASP C 61 14.71 -16.34 -14.00
CA ASP C 61 15.54 -15.21 -14.45
C ASP C 61 16.87 -15.12 -13.72
N SER C 62 16.92 -15.62 -12.49
CA SER C 62 18.17 -15.60 -11.73
C SER C 62 19.19 -16.64 -12.23
N VAL C 63 18.71 -17.82 -12.62
CA VAL C 63 19.60 -18.87 -13.14
C VAL C 63 19.77 -18.90 -14.66
N TRP C 64 18.99 -18.11 -15.39
CA TRP C 64 19.17 -17.91 -16.82
C TRP C 64 20.58 -17.34 -16.98
N GLY C 65 21.30 -17.69 -18.03
CA GLY C 65 21.01 -18.81 -18.92
C GLY C 65 22.02 -19.90 -18.61
N ARG C 66 22.53 -19.85 -17.37
CA ARG C 66 23.56 -20.77 -16.88
C ARG C 66 23.07 -22.20 -16.59
N LEU C 67 21.95 -22.30 -15.92
CA LEU C 67 21.42 -23.61 -15.54
C LEU C 67 20.35 -24.09 -16.51
N SER C 68 20.62 -25.25 -17.12
CA SER C 68 19.75 -25.80 -18.18
C SER C 68 19.08 -27.13 -17.79
N ILE C 69 17.75 -27.13 -17.77
CA ILE C 69 16.99 -28.33 -17.49
C ILE C 69 16.83 -29.20 -18.73
N SER C 70 16.68 -30.51 -18.53
CA SER C 70 16.58 -31.47 -19.63
C SER C 70 16.30 -32.87 -19.11
N ARG C 71 15.80 -33.74 -19.97
CA ARG C 71 15.30 -35.04 -19.52
C ARG C 71 15.53 -36.15 -20.54
N ASP C 72 15.75 -37.36 -20.02
CA ASP C 72 15.81 -38.54 -20.87
C ASP C 72 14.69 -39.48 -20.44
N ASN C 73 13.69 -39.64 -21.30
CA ASN C 73 12.49 -40.38 -20.96
C ASN C 73 12.68 -41.91 -20.96
N SER C 74 13.68 -42.39 -21.68
CA SER C 74 13.96 -43.83 -21.72
C SER C 74 14.73 -44.27 -20.47
N LYS C 75 15.47 -43.34 -19.88
CA LYS C 75 16.18 -43.60 -18.63
C LYS C 75 15.37 -43.18 -17.41
N ASP C 76 14.22 -42.55 -17.64
CA ASP C 76 13.40 -41.99 -16.57
C ASP C 76 14.21 -41.06 -15.68
N THR C 77 14.91 -40.12 -16.30
CA THR C 77 15.80 -39.23 -15.55
C THR C 77 15.61 -37.76 -15.90
N LEU C 78 15.70 -36.90 -14.89
CA LEU C 78 15.71 -35.47 -15.08
C LEU C 78 17.09 -34.94 -14.76
N TYR C 79 17.61 -34.05 -15.62
CA TYR C 79 18.97 -33.53 -15.43
C TYR C 79 19.00 -32.02 -15.14
N LEU C 80 20.06 -31.57 -14.47
CA LEU C 80 20.31 -30.14 -14.39
C LEU C 80 21.79 -29.89 -14.63
N GLN C 81 22.08 -29.15 -15.70
CA GLN C 81 23.46 -28.82 -16.05
C GLN C 81 23.80 -27.41 -15.54
N MET C 82 24.72 -27.34 -14.59
CA MET C 82 25.05 -26.06 -13.94
C MET C 82 26.41 -25.56 -14.40
N ASN C 83 26.41 -24.41 -15.09
CA ASN C 83 27.63 -23.82 -15.62
C ASN C 83 27.81 -22.40 -15.10
N SER C 84 29.01 -21.85 -15.26
CA SER C 84 29.32 -20.50 -14.77
C SER C 84 28.81 -20.30 -13.33
N LEU C 85 28.94 -21.32 -12.49
CA LEU C 85 28.35 -21.27 -11.16
C LEU C 85 28.78 -20.05 -10.36
N ARG C 86 27.87 -19.55 -9.53
CA ARG C 86 28.09 -18.37 -8.70
C ARG C 86 27.92 -18.72 -7.23
N VAL C 87 28.47 -17.89 -6.35
CA VAL C 87 28.33 -18.09 -4.92
C VAL C 87 26.85 -18.09 -4.52
N GLU C 88 26.05 -17.30 -5.23
CA GLU C 88 24.61 -17.23 -4.98
C GLU C 88 23.88 -18.49 -5.45
N ASP C 89 24.60 -19.41 -6.09
CA ASP C 89 24.00 -20.67 -6.53
C ASP C 89 23.99 -21.75 -5.43
N THR C 90 24.56 -21.42 -4.27
CA THR C 90 24.59 -22.37 -3.16
C THR C 90 23.18 -22.63 -2.66
N ALA C 91 22.80 -23.90 -2.60
CA ALA C 91 21.47 -24.28 -2.16
C ALA C 91 21.23 -25.77 -2.26
N THR C 92 20.10 -26.20 -1.71
CA THR C 92 19.66 -27.57 -1.84
C THR C 92 18.71 -27.65 -3.03
N TYR C 93 19.09 -28.46 -4.02
CA TYR C 93 18.27 -28.58 -5.22
C TYR C 93 17.30 -29.77 -5.17
N PHE C 94 16.01 -29.47 -5.29
CA PHE C 94 14.99 -30.51 -5.22
C PHE C 94 14.47 -30.86 -6.58
N CYS C 95 14.32 -32.16 -6.80
CA CYS C 95 13.64 -32.67 -7.98
C CYS C 95 12.16 -32.75 -7.62
N VAL C 96 11.32 -32.09 -8.40
CA VAL C 96 9.91 -31.98 -8.06
C VAL C 96 9.00 -32.33 -9.22
N ARG C 97 7.88 -32.97 -8.90
CA ARG C 97 6.94 -33.38 -9.93
C ARG C 97 5.72 -32.44 -10.01
N GLU C 98 5.31 -32.11 -11.24
CA GLU C 98 4.10 -31.32 -11.46
C GLU C 98 2.88 -32.24 -11.45
N ALA C 99 1.89 -31.89 -10.63
CA ALA C 99 0.67 -32.70 -10.53
C ALA C 99 -0.14 -32.63 -11.81
N GLY C 100 -0.56 -33.80 -12.31
CA GLY C 100 -1.22 -33.84 -13.60
C GLY C 100 -2.25 -34.95 -13.70
N GLY C 101 -2.96 -34.97 -14.83
CA GLY C 101 -4.01 -35.94 -15.08
C GLY C 101 -4.85 -35.51 -16.26
N PRO C 102 -5.92 -36.27 -16.54
CA PRO C 102 -6.80 -36.00 -17.68
C PRO C 102 -7.67 -34.78 -17.45
N ASP C 103 -8.24 -34.23 -18.52
CA ASP C 103 -9.21 -33.14 -18.44
C ASP C 103 -8.87 -32.13 -17.35
N TYR C 117 -0.26 -35.77 -19.74
CA TYR C 117 -1.23 -35.21 -18.82
C TYR C 117 -1.36 -33.71 -18.98
N TYR C 118 -2.23 -33.13 -18.17
CA TYR C 118 -2.34 -31.68 -18.08
C TYR C 118 -1.93 -31.23 -16.69
N ASN C 119 -0.96 -30.33 -16.62
CA ASN C 119 -0.47 -29.81 -15.36
C ASN C 119 -1.63 -29.28 -14.53
N TYR C 120 -1.64 -29.62 -13.25
CA TYR C 120 -2.66 -29.10 -12.34
C TYR C 120 -2.16 -27.87 -11.60
N HIS C 121 -0.91 -27.48 -11.87
CA HIS C 121 -0.31 -26.28 -11.32
C HIS C 121 -0.10 -26.35 -9.81
N TYR C 122 0.31 -27.53 -9.33
CA TYR C 122 0.82 -27.68 -7.98
C TYR C 122 1.79 -28.86 -7.90
N MET C 123 2.72 -28.80 -6.95
CA MET C 123 3.81 -29.76 -6.90
C MET C 123 3.58 -30.83 -5.84
N ASP C 124 3.31 -32.05 -6.30
CA ASP C 124 2.91 -33.13 -5.39
C ASP C 124 4.00 -34.09 -4.86
N VAL C 125 5.20 -34.07 -5.43
CA VAL C 125 6.24 -35.02 -5.03
C VAL C 125 7.64 -34.43 -4.99
N TRP C 126 8.33 -34.67 -3.89
CA TRP C 126 9.65 -34.06 -3.69
C TRP C 126 10.72 -35.10 -3.40
N GLY C 127 11.91 -34.87 -3.96
CA GLY C 127 13.07 -35.66 -3.59
C GLY C 127 13.63 -35.07 -2.30
N LYS C 128 14.48 -35.81 -1.61
CA LYS C 128 15.04 -35.32 -0.35
C LYS C 128 15.99 -34.15 -0.59
N GLY C 129 16.38 -33.97 -1.85
CA GLY C 129 17.19 -32.84 -2.28
C GLY C 129 18.68 -33.14 -2.28
N THR C 130 19.41 -32.54 -3.21
CA THR C 130 20.86 -32.65 -3.22
C THR C 130 21.47 -31.27 -3.01
N THR C 131 22.47 -31.20 -2.13
CA THR C 131 23.11 -29.93 -1.82
C THR C 131 24.16 -29.55 -2.86
N VAL C 132 24.33 -28.25 -3.05
CA VAL C 132 25.39 -27.73 -3.89
C VAL C 132 25.98 -26.55 -3.16
N THR C 133 27.29 -26.57 -2.97
CA THR C 133 28.00 -25.46 -2.35
C THR C 133 29.04 -24.87 -3.30
N VAL C 134 28.82 -23.63 -3.71
CA VAL C 134 29.80 -22.94 -4.54
C VAL C 134 30.59 -22.01 -3.64
N SER C 135 31.89 -22.30 -3.47
CA SER C 135 32.71 -21.56 -2.53
C SER C 135 34.12 -21.29 -3.02
N SER C 136 34.59 -20.06 -2.81
CA SER C 136 35.94 -19.67 -3.19
C SER C 136 36.97 -20.14 -2.17
N ALA C 137 36.54 -20.27 -0.92
CA ALA C 137 37.43 -20.56 0.18
C ALA C 137 38.09 -21.93 0.11
N SER C 138 39.24 -22.06 0.74
CA SER C 138 39.95 -23.32 0.84
C SER C 138 40.11 -23.64 2.31
N THR C 139 40.38 -24.90 2.64
CA THR C 139 40.50 -25.29 4.04
C THR C 139 41.48 -24.33 4.73
N LYS C 140 41.03 -23.74 5.84
CA LYS C 140 41.78 -22.65 6.45
C LYS C 140 41.57 -22.58 7.96
N GLY C 141 42.60 -22.14 8.67
CA GLY C 141 42.55 -22.04 10.11
C GLY C 141 41.82 -20.79 10.60
N PRO C 142 41.13 -20.91 11.74
CA PRO C 142 40.39 -19.81 12.37
C PRO C 142 41.30 -18.77 13.02
N SER C 143 40.95 -17.49 12.89
CA SER C 143 41.65 -16.42 13.55
C SER C 143 40.85 -15.97 14.77
N VAL C 144 41.38 -16.24 15.96
CA VAL C 144 40.63 -16.00 17.20
C VAL C 144 40.99 -14.69 17.89
N PHE C 145 39.97 -13.87 18.17
CA PHE C 145 40.20 -12.60 18.85
C PHE C 145 39.27 -12.46 20.04
N PRO C 146 39.79 -11.93 21.16
CA PRO C 146 39.03 -11.77 22.40
C PRO C 146 38.00 -10.66 22.34
N LEU C 147 36.82 -10.90 22.92
CA LEU C 147 35.82 -9.85 23.10
C LEU C 147 35.75 -9.53 24.58
N ALA C 148 36.25 -8.36 24.96
CA ALA C 148 36.44 -8.03 26.37
C ALA C 148 35.23 -7.37 27.03
N PRO C 149 35.02 -7.65 28.32
CA PRO C 149 33.96 -7.06 29.15
C PRO C 149 34.22 -5.58 29.43
N SER C 150 33.18 -4.76 29.31
CA SER C 150 33.31 -3.32 29.54
C SER C 150 33.57 -3.00 31.01
N GLY C 157 25.43 -6.71 38.58
CA GLY C 157 26.77 -7.17 38.86
C GLY C 157 27.21 -8.31 37.95
N THR C 158 26.69 -8.29 36.72
CA THR C 158 27.00 -9.34 35.76
C THR C 158 27.77 -8.80 34.56
N ALA C 159 28.87 -9.46 34.23
CA ALA C 159 29.69 -9.07 33.09
C ALA C 159 29.51 -10.06 31.93
N ALA C 160 29.56 -9.54 30.72
CA ALA C 160 29.47 -10.38 29.52
C ALA C 160 30.74 -10.28 28.67
N LEU C 161 31.36 -11.43 28.40
CA LEU C 161 32.59 -11.49 27.61
C LEU C 161 32.53 -12.68 26.66
N GLY C 162 33.47 -12.76 25.73
CA GLY C 162 33.51 -13.87 24.81
C GLY C 162 34.64 -13.81 23.79
N CYS C 163 34.75 -14.85 22.98
CA CYS C 163 35.78 -14.92 21.94
C CYS C 163 35.16 -14.78 20.56
N LEU C 164 35.86 -14.08 19.68
CA LEU C 164 35.42 -13.94 18.29
C LEU C 164 36.24 -14.86 17.38
N VAL C 165 35.57 -15.86 16.82
CA VAL C 165 36.19 -16.76 15.87
C VAL C 165 35.89 -16.32 14.45
N LYS C 166 36.94 -16.03 13.67
CA LYS C 166 36.76 -15.42 12.37
C LYS C 166 37.58 -16.11 11.27
N ASP C 167 37.01 -16.14 10.07
CA ASP C 167 37.72 -16.62 8.90
C ASP C 167 38.24 -18.06 9.01
N TYR C 168 37.34 -18.99 9.24
CA TYR C 168 37.69 -20.41 9.19
C TYR C 168 36.81 -21.17 8.20
N PHE C 169 37.36 -22.20 7.57
CA PHE C 169 36.60 -23.07 6.68
C PHE C 169 37.14 -24.49 6.73
N PRO C 170 36.27 -25.51 6.63
CA PRO C 170 34.82 -25.45 6.67
C PRO C 170 34.29 -25.70 8.08
N GLU C 171 32.97 -25.77 8.22
CA GLU C 171 32.33 -26.13 9.47
C GLU C 171 32.63 -27.58 9.86
N PRO C 172 32.50 -27.91 11.15
CA PRO C 172 32.33 -27.00 12.30
C PRO C 172 33.64 -26.73 13.05
N VAL C 173 33.57 -25.92 14.10
CA VAL C 173 34.63 -25.84 15.10
C VAL C 173 34.00 -25.81 16.49
N THR C 174 34.60 -26.48 17.45
CA THR C 174 34.05 -26.52 18.80
C THR C 174 34.82 -25.60 19.73
N VAL C 175 34.10 -24.92 20.62
CA VAL C 175 34.72 -23.96 21.54
C VAL C 175 34.34 -24.21 22.97
N SER C 176 35.34 -24.44 23.82
CA SER C 176 35.11 -24.60 25.24
C SER C 176 35.74 -23.44 26.00
N TRP C 177 35.58 -23.45 27.33
CA TRP C 177 36.11 -22.39 28.17
C TRP C 177 36.86 -22.96 29.37
N ASN C 178 38.09 -22.48 29.58
CA ASN C 178 38.94 -23.01 30.65
C ASN C 178 39.07 -24.53 30.54
N SER C 179 39.06 -25.02 29.30
CA SER C 179 39.11 -26.45 29.04
C SER C 179 37.93 -27.21 29.65
N GLY C 180 36.73 -26.75 29.36
CA GLY C 180 35.52 -27.43 29.81
C GLY C 180 35.23 -27.24 31.28
N ALA C 181 36.13 -26.52 31.97
CA ALA C 181 35.95 -26.24 33.39
C ALA C 181 34.69 -25.39 33.62
N LEU C 182 34.60 -24.26 32.92
CA LEU C 182 33.44 -23.38 33.06
C LEU C 182 32.42 -23.70 31.96
N THR C 183 31.33 -24.34 32.36
CA THR C 183 30.18 -24.57 31.47
C THR C 183 28.97 -23.67 31.73
N SER C 184 29.06 -22.79 32.72
CA SER C 184 27.89 -22.06 33.20
C SER C 184 27.81 -20.63 32.67
N GLY C 185 26.83 -20.38 31.81
CA GLY C 185 26.61 -19.06 31.24
C GLY C 185 27.17 -18.92 29.84
N VAL C 186 27.64 -20.03 29.28
CA VAL C 186 28.30 -20.02 27.98
C VAL C 186 27.29 -20.10 26.83
N HIS C 187 27.43 -19.18 25.88
CA HIS C 187 26.63 -19.22 24.67
C HIS C 187 27.52 -19.14 23.44
N THR C 188 27.56 -20.24 22.68
CA THR C 188 28.22 -20.23 21.39
C THR C 188 27.14 -20.09 20.33
N PHE C 189 27.16 -18.95 19.63
CA PHE C 189 26.16 -18.66 18.60
C PHE C 189 26.47 -19.39 17.31
N PRO C 190 25.46 -19.54 16.45
CA PRO C 190 25.67 -19.99 15.07
C PRO C 190 26.66 -19.08 14.33
N ALA C 191 27.35 -19.66 13.36
CA ALA C 191 28.35 -18.93 12.58
C ALA C 191 27.74 -18.27 11.36
N VAL C 192 28.22 -17.08 11.04
CA VAL C 192 27.78 -16.38 9.84
C VAL C 192 28.70 -16.73 8.69
N LEU C 193 28.13 -16.83 7.50
CA LEU C 193 28.92 -17.06 6.31
C LEU C 193 29.10 -15.75 5.57
N GLN C 194 30.31 -15.22 5.61
CA GLN C 194 30.60 -13.93 5.00
C GLN C 194 30.74 -14.02 3.48
N SER C 195 30.55 -12.89 2.80
CA SER C 195 30.60 -12.84 1.35
C SER C 195 31.92 -13.38 0.80
N SER C 196 32.96 -13.35 1.63
CA SER C 196 34.29 -13.85 1.24
C SER C 196 34.31 -15.37 1.13
N GLY C 197 33.34 -16.01 1.77
CA GLY C 197 33.22 -17.46 1.74
C GLY C 197 33.68 -18.13 3.03
N LEU C 198 34.15 -17.32 3.97
CA LEU C 198 34.70 -17.84 5.23
C LEU C 198 33.74 -17.63 6.40
N TYR C 199 33.65 -18.63 7.27
CA TYR C 199 32.77 -18.57 8.43
C TYR C 199 33.33 -17.76 9.60
N SER C 200 32.44 -17.18 10.39
CA SER C 200 32.82 -16.49 11.62
C SER C 200 31.72 -16.67 12.65
N LEU C 201 32.10 -16.82 13.92
CA LEU C 201 31.12 -16.98 15.01
C LEU C 201 31.61 -16.42 16.35
N SER C 202 30.69 -16.20 17.27
CA SER C 202 31.04 -15.71 18.60
C SER C 202 30.59 -16.68 19.70
N SER C 203 31.29 -16.63 20.83
CA SER C 203 30.91 -17.41 22.00
C SER C 203 31.03 -16.52 23.21
N VAL C 204 29.96 -16.45 24.01
CA VAL C 204 29.95 -15.59 25.18
C VAL C 204 29.58 -16.32 26.45
N VAL C 205 30.30 -16.00 27.52
CA VAL C 205 30.01 -16.55 28.83
C VAL C 205 29.67 -15.42 29.80
N THR C 206 28.66 -15.63 30.61
CA THR C 206 28.22 -14.62 31.55
C THR C 206 28.75 -14.90 32.96
N VAL C 207 29.53 -13.94 33.48
CA VAL C 207 30.23 -14.13 34.75
C VAL C 207 29.99 -12.98 35.71
N PRO C 208 30.15 -13.24 37.01
CA PRO C 208 30.05 -12.21 38.05
C PRO C 208 31.13 -11.14 37.86
N SER C 209 30.74 -9.87 37.91
CA SER C 209 31.68 -8.78 37.71
C SER C 209 32.88 -8.89 38.67
N SER C 210 32.64 -9.48 39.84
CA SER C 210 33.66 -9.56 40.88
C SER C 210 34.81 -10.51 40.55
N SER C 211 34.51 -11.56 39.79
CA SER C 211 35.52 -12.57 39.47
C SER C 211 36.57 -12.06 38.48
N LEU C 212 36.27 -10.93 37.83
CA LEU C 212 37.19 -10.35 36.85
C LEU C 212 38.47 -9.85 37.51
N GLY C 213 39.60 -10.13 36.87
CA GLY C 213 40.89 -9.79 37.42
C GLY C 213 41.33 -10.82 38.44
N THR C 214 40.38 -11.62 38.89
CA THR C 214 40.65 -12.70 39.83
C THR C 214 40.80 -14.01 39.08
N GLN C 215 39.67 -14.47 38.51
CA GLN C 215 39.64 -15.70 37.73
C GLN C 215 40.19 -15.47 36.32
N THR C 216 40.94 -16.45 35.82
CA THR C 216 41.42 -16.39 34.44
C THR C 216 40.37 -16.99 33.52
N TYR C 217 40.10 -16.32 32.41
CA TYR C 217 39.13 -16.82 31.44
C TYR C 217 39.78 -17.11 30.10
N ILE C 218 39.67 -18.36 29.67
CA ILE C 218 40.29 -18.81 28.43
C ILE C 218 39.28 -19.56 27.59
N CYS C 219 39.29 -19.29 26.29
CA CYS C 219 38.45 -20.03 25.35
C CYS C 219 39.32 -20.97 24.50
N ASN C 220 38.83 -22.19 24.29
CA ASN C 220 39.55 -23.18 23.49
C ASN C 220 38.88 -23.39 22.16
N VAL C 221 39.51 -22.93 21.10
CA VAL C 221 38.95 -23.09 19.77
C VAL C 221 39.63 -24.24 19.04
N ASN C 222 38.82 -25.17 18.55
CA ASN C 222 39.36 -26.36 17.89
C ASN C 222 38.78 -26.58 16.49
N HIS C 223 39.63 -26.48 15.47
CA HIS C 223 39.22 -26.74 14.10
C HIS C 223 39.78 -28.07 13.64
N LYS C 224 38.91 -29.07 13.50
CA LYS C 224 39.32 -30.42 13.13
C LYS C 224 39.83 -30.57 11.68
N PRO C 225 39.07 -30.05 10.70
CA PRO C 225 39.47 -30.17 9.29
C PRO C 225 40.88 -29.66 9.01
N SER C 226 41.27 -28.54 9.61
CA SER C 226 42.61 -28.00 9.42
C SER C 226 43.57 -28.43 10.52
N ASN C 227 43.05 -29.13 11.53
CA ASN C 227 43.84 -29.49 12.71
C ASN C 227 44.50 -28.27 13.36
N THR C 228 43.68 -27.25 13.65
CA THR C 228 44.15 -26.05 14.33
C THR C 228 43.53 -25.95 15.72
N LYS C 229 44.38 -25.91 16.74
CA LYS C 229 43.94 -25.65 18.10
C LYS C 229 44.54 -24.36 18.62
N VAL C 230 43.68 -23.48 19.14
CA VAL C 230 44.13 -22.18 19.63
C VAL C 230 43.45 -21.81 20.94
N ASP C 231 44.24 -21.24 21.86
CA ASP C 231 43.73 -20.77 23.14
C ASP C 231 44.01 -19.28 23.33
N LYS C 232 42.95 -18.50 23.51
CA LYS C 232 43.07 -17.05 23.70
C LYS C 232 42.64 -16.63 25.09
N LYS C 233 43.47 -15.84 25.74
CA LYS C 233 43.13 -15.30 27.06
C LYS C 233 42.29 -14.05 26.90
N VAL C 234 41.15 -14.02 27.59
CA VAL C 234 40.23 -12.90 27.51
C VAL C 234 40.30 -12.07 28.79
N GLU C 235 40.66 -10.80 28.64
CA GLU C 235 40.82 -9.93 29.80
C GLU C 235 40.39 -8.48 29.52
N PRO C 236 40.04 -7.73 30.58
CA PRO C 236 39.55 -6.34 30.49
C PRO C 236 40.32 -5.50 29.48
N SER D 2 10.65 -12.19 -9.94
CA SER D 2 10.33 -11.35 -8.79
C SER D 2 9.35 -12.04 -7.85
N ALA D 3 9.74 -12.19 -6.58
CA ALA D 3 8.97 -12.98 -5.62
C ALA D 3 7.59 -12.41 -5.31
N LEU D 4 6.66 -13.29 -4.97
CA LEU D 4 5.37 -12.90 -4.43
C LEU D 4 5.55 -12.55 -2.96
N THR D 5 5.00 -11.41 -2.54
CA THR D 5 5.28 -10.90 -1.20
C THR D 5 4.41 -11.49 -0.08
N GLN D 6 5.09 -12.11 0.89
CA GLN D 6 4.45 -12.64 2.07
C GLN D 6 5.02 -11.94 3.29
N PRO D 7 4.25 -11.93 4.39
CA PRO D 7 4.71 -11.45 5.70
C PRO D 7 5.76 -12.40 6.26
N ALA D 8 6.87 -11.86 6.74
CA ALA D 8 7.99 -12.70 7.17
C ALA D 8 7.53 -13.76 8.17
N SER D 9 6.68 -13.35 9.10
CA SER D 9 6.23 -14.26 10.13
C SER D 9 4.82 -13.96 10.61
N VAL D 10 4.11 -15.01 11.02
CA VAL D 10 2.92 -14.86 11.85
C VAL D 10 3.17 -15.64 13.13
N SER D 11 2.20 -15.57 14.04
CA SER D 11 2.24 -16.35 15.26
C SER D 11 0.83 -16.45 15.80
N GLY D 12 0.58 -17.45 16.64
CA GLY D 12 -0.71 -17.57 17.27
C GLY D 12 -0.73 -18.52 18.43
N SER D 13 -1.67 -18.30 19.35
CA SER D 13 -1.86 -19.21 20.45
C SER D 13 -2.60 -20.39 19.88
N PRO D 14 -2.42 -21.57 20.50
CA PRO D 14 -3.16 -22.77 20.06
C PRO D 14 -4.65 -22.50 20.08
N GLY D 15 -5.34 -22.91 19.03
CA GLY D 15 -6.77 -22.71 18.92
C GLY D 15 -7.12 -21.43 18.18
N GLN D 16 -6.14 -20.55 18.06
CA GLN D 16 -6.36 -19.29 17.37
C GLN D 16 -6.39 -19.53 15.87
N SER D 17 -7.17 -18.71 15.17
CA SER D 17 -7.19 -18.70 13.71
C SER D 17 -6.27 -17.60 13.24
N ILE D 18 -5.48 -17.88 12.21
CA ILE D 18 -4.57 -16.88 11.64
C ILE D 18 -4.63 -16.86 10.11
N THR D 19 -4.04 -15.82 9.52
CA THR D 19 -4.04 -15.65 8.06
C THR D 19 -2.66 -15.21 7.51
N ILE D 20 -2.30 -15.78 6.37
CA ILE D 20 -1.10 -15.40 5.66
C ILE D 20 -1.47 -14.83 4.29
N SER D 21 -0.87 -13.70 3.94
CA SER D 21 -1.16 -13.05 2.66
C SER D 21 -0.05 -13.26 1.63
N CYS D 22 -0.44 -13.44 0.38
CA CYS D 22 0.50 -13.53 -0.73
C CYS D 22 0.07 -12.53 -1.78
N GLN D 23 0.87 -11.49 -1.96
CA GLN D 23 0.49 -10.42 -2.88
C GLN D 23 1.37 -10.41 -4.13
N GLY D 24 0.76 -10.72 -5.26
CA GLY D 24 1.44 -10.65 -6.55
C GLY D 24 0.96 -9.50 -7.43
N THR D 25 1.10 -9.71 -8.73
CA THR D 25 0.62 -8.76 -9.71
C THR D 25 -0.54 -9.40 -10.48
N SER D 26 -1.06 -8.69 -11.47
CA SER D 26 -2.15 -9.20 -12.27
C SER D 26 -1.65 -10.23 -13.29
N ASN D 27 -0.34 -10.36 -13.41
CA ASN D 27 0.25 -11.32 -14.35
C ASN D 27 0.57 -12.68 -13.73
N ASP D 28 0.40 -12.80 -12.42
CA ASP D 28 0.50 -14.11 -11.77
C ASP D 28 -0.67 -14.45 -10.82
N VAL D 29 -0.73 -13.75 -9.68
CA VAL D 29 -1.72 -14.05 -8.66
C VAL D 29 -3.10 -13.52 -9.04
N GLY D 30 -3.14 -12.36 -9.67
CA GLY D 30 -4.41 -11.75 -10.04
C GLY D 30 -4.87 -12.13 -11.43
N GLY D 31 -4.04 -12.88 -12.14
CA GLY D 31 -4.35 -13.29 -13.49
C GLY D 31 -4.77 -14.74 -13.65
N TYR D 32 -4.62 -15.53 -12.59
CA TYR D 32 -4.92 -16.96 -12.69
C TYR D 32 -5.44 -17.56 -11.39
N GLU D 33 -6.06 -18.73 -11.51
CA GLU D 33 -6.63 -19.46 -10.38
C GLU D 33 -5.64 -20.49 -9.83
N SER D 34 -4.41 -20.44 -10.32
CA SER D 34 -3.43 -21.49 -10.03
C SER D 34 -2.64 -21.34 -8.73
N VAL D 35 -2.95 -20.32 -7.93
CA VAL D 35 -2.27 -20.15 -6.64
C VAL D 35 -2.38 -21.39 -5.77
N SER D 36 -1.24 -21.89 -5.31
CA SER D 36 -1.20 -23.04 -4.41
C SER D 36 -0.32 -22.71 -3.21
N TRP D 37 -0.51 -23.45 -2.12
CA TRP D 37 0.19 -23.17 -0.87
C TRP D 37 0.94 -24.37 -0.31
N TYR D 38 2.15 -24.12 0.21
CA TYR D 38 3.00 -25.20 0.70
C TYR D 38 3.44 -25.03 2.16
N GLN D 39 3.36 -26.13 2.91
CA GLN D 39 3.82 -26.14 4.30
C GLN D 39 5.16 -26.85 4.36
N GLN D 40 6.08 -26.33 5.16
CA GLN D 40 7.40 -26.95 5.28
C GLN D 40 7.90 -27.03 6.72
N HIS D 41 8.41 -28.21 7.10
CA HIS D 41 8.94 -28.42 8.42
C HIS D 41 10.46 -28.50 8.30
N PRO D 42 11.17 -28.24 9.40
CA PRO D 42 12.64 -28.28 9.39
C PRO D 42 13.17 -29.59 8.80
N GLY D 43 14.16 -29.48 7.92
CA GLY D 43 14.83 -30.66 7.36
C GLY D 43 13.98 -31.56 6.49
N LYS D 44 12.79 -31.10 6.12
CA LYS D 44 11.87 -31.89 5.32
C LYS D 44 11.51 -31.14 4.03
N ALA D 45 10.98 -31.86 3.06
CA ALA D 45 10.51 -31.24 1.82
C ALA D 45 9.09 -30.71 1.99
N PRO D 46 8.77 -29.63 1.27
CA PRO D 46 7.44 -29.01 1.34
C PRO D 46 6.32 -29.99 1.02
N LYS D 47 5.15 -29.72 1.58
CA LYS D 47 3.95 -30.46 1.25
C LYS D 47 2.87 -29.46 0.87
N VAL D 48 2.11 -29.76 -0.17
CA VAL D 48 1.05 -28.85 -0.60
C VAL D 48 -0.19 -28.98 0.28
N VAL D 49 -0.55 -27.89 0.95
CA VAL D 49 -1.80 -27.84 1.71
C VAL D 49 -2.99 -27.20 0.98
N ILE D 50 -2.74 -26.52 -0.13
CA ILE D 50 -3.80 -25.84 -0.88
C ILE D 50 -3.48 -25.73 -2.37
N TYR D 51 -4.50 -25.89 -3.23
CA TYR D 51 -4.28 -25.75 -4.67
C TYR D 51 -5.52 -25.24 -5.42
N ASP D 52 -5.28 -24.57 -6.56
CA ASP D 52 -6.33 -23.87 -7.29
C ASP D 52 -7.03 -22.88 -6.38
N VAL D 53 -6.27 -22.46 -5.36
CA VAL D 53 -6.57 -21.36 -4.45
C VAL D 53 -7.62 -21.64 -3.39
N SER D 54 -8.58 -22.50 -3.69
CA SER D 54 -9.55 -22.92 -2.67
C SER D 54 -9.41 -24.36 -2.20
N LYS D 55 -8.60 -25.15 -2.90
CA LYS D 55 -8.76 -26.61 -2.82
C LYS D 55 -7.75 -27.34 -1.96
N ARG D 56 -8.26 -28.33 -1.22
CA ARG D 56 -7.42 -29.17 -0.36
C ARG D 56 -7.15 -30.51 -1.02
N PRO D 57 -5.87 -30.90 -1.07
CA PRO D 57 -5.42 -32.21 -1.56
C PRO D 57 -5.81 -33.29 -0.57
N SER D 58 -6.15 -34.49 -1.05
CA SER D 58 -6.62 -35.54 -0.17
C SER D 58 -5.66 -35.77 0.99
N GLY D 59 -6.18 -35.80 2.22
CA GLY D 59 -5.37 -36.02 3.40
C GLY D 59 -5.12 -34.79 4.25
N VAL D 60 -5.48 -33.61 3.74
CA VAL D 60 -5.25 -32.37 4.45
C VAL D 60 -6.41 -32.04 5.38
N SER D 61 -6.09 -31.44 6.52
CA SER D 61 -7.08 -31.09 7.52
C SER D 61 -8.05 -30.07 6.95
N ASN D 62 -9.26 -30.02 7.50
CA ASN D 62 -10.28 -29.08 7.05
C ASN D 62 -10.06 -27.72 7.68
N ARG D 63 -9.01 -27.62 8.50
CA ARG D 63 -8.65 -26.39 9.18
C ARG D 63 -7.93 -25.44 8.23
N PHE D 64 -7.56 -25.94 7.05
CA PHE D 64 -6.85 -25.16 6.04
C PHE D 64 -7.77 -24.72 4.91
N SER D 65 -7.90 -23.42 4.72
CA SER D 65 -8.70 -22.88 3.64
C SER D 65 -7.87 -21.90 2.83
N GLY D 66 -8.36 -21.54 1.65
CA GLY D 66 -7.66 -20.55 0.86
C GLY D 66 -8.65 -19.67 0.15
N SER D 67 -8.18 -18.51 -0.28
CA SER D 67 -9.03 -17.50 -0.87
C SER D 67 -8.20 -16.57 -1.74
N LYS D 68 -8.88 -15.85 -2.61
CA LYS D 68 -8.20 -14.84 -3.41
C LYS D 68 -9.07 -13.61 -3.57
N SER D 69 -8.49 -12.45 -3.29
CA SER D 69 -9.12 -11.17 -3.59
C SER D 69 -8.12 -10.32 -4.36
N GLY D 70 -8.45 -10.02 -5.62
CA GLY D 70 -7.57 -9.22 -6.46
C GLY D 70 -6.24 -9.89 -6.71
N ASN D 71 -5.15 -9.17 -6.43
CA ASN D 71 -3.81 -9.71 -6.60
C ASN D 71 -3.26 -10.32 -5.32
N THR D 72 -4.09 -10.39 -4.28
CA THR D 72 -3.67 -10.95 -3.00
C THR D 72 -4.43 -12.22 -2.63
N ALA D 73 -3.73 -13.35 -2.59
CA ALA D 73 -4.32 -14.62 -2.16
C ALA D 73 -3.91 -14.91 -0.72
N SER D 74 -4.82 -15.51 0.05
CA SER D 74 -4.57 -15.74 1.46
C SER D 74 -4.80 -17.19 1.86
N LEU D 75 -3.90 -17.69 2.71
CA LEU D 75 -4.09 -18.99 3.34
C LEU D 75 -4.57 -18.77 4.77
N THR D 76 -5.59 -19.52 5.18
CA THR D 76 -6.16 -19.34 6.52
C THR D 76 -6.23 -20.64 7.31
N ILE D 77 -5.61 -20.65 8.47
CA ILE D 77 -5.58 -21.84 9.30
C ILE D 77 -6.44 -21.64 10.53
N SER D 78 -7.50 -22.42 10.65
CA SER D 78 -8.37 -22.34 11.80
C SER D 78 -7.91 -23.32 12.86
N GLY D 79 -8.01 -22.93 14.13
CA GLY D 79 -7.72 -23.84 15.21
C GLY D 79 -6.30 -24.35 15.18
N LEU D 80 -5.34 -23.44 15.27
CA LEU D 80 -3.92 -23.82 15.26
C LEU D 80 -3.62 -24.91 16.29
N GLN D 81 -2.94 -25.96 15.83
CA GLN D 81 -2.41 -27.00 16.68
C GLN D 81 -0.89 -26.94 16.55
N ALA D 82 -0.15 -27.47 17.52
CA ALA D 82 1.31 -27.41 17.50
C ALA D 82 1.90 -27.82 16.15
N GLU D 83 1.36 -28.88 15.56
CA GLU D 83 1.93 -29.45 14.34
C GLU D 83 1.76 -28.58 13.10
N ASP D 84 1.05 -27.46 13.22
CA ASP D 84 0.92 -26.54 12.11
C ASP D 84 2.15 -25.63 11.97
N GLU D 85 2.89 -25.47 13.07
CA GLU D 85 4.10 -24.66 13.06
C GLU D 85 5.06 -25.13 11.95
N GLY D 86 5.51 -24.17 11.14
CA GLY D 86 6.38 -24.45 10.01
C GLY D 86 6.47 -23.23 9.14
N ASP D 87 7.15 -23.33 8.01
CA ASP D 87 7.24 -22.21 7.06
C ASP D 87 6.24 -22.40 5.93
N TYR D 88 5.59 -21.32 5.52
CA TYR D 88 4.56 -21.41 4.47
C TYR D 88 4.87 -20.59 3.21
N TYR D 89 4.86 -21.27 2.08
CA TYR D 89 5.20 -20.66 0.81
C TYR D 89 4.04 -20.80 -0.16
N CYS D 90 3.67 -19.71 -0.82
CA CYS D 90 2.68 -19.78 -1.90
C CYS D 90 3.36 -19.84 -3.25
N LYS D 91 2.79 -20.60 -4.16
CA LYS D 91 3.31 -20.68 -5.51
C LYS D 91 2.27 -20.17 -6.48
N SER D 92 2.71 -19.41 -7.47
CA SER D 92 1.79 -18.95 -8.51
C SER D 92 2.33 -19.21 -9.90
N LEU D 93 1.41 -19.28 -10.85
CA LEU D 93 1.74 -19.44 -12.26
C LEU D 93 1.73 -18.05 -12.88
N THR D 94 2.61 -17.80 -13.83
CA THR D 94 2.71 -16.48 -14.42
C THR D 94 2.43 -16.50 -15.93
N SER D 95 2.10 -15.33 -16.49
CA SER D 95 1.63 -15.23 -17.87
C SER D 95 2.52 -15.94 -18.90
N THR D 96 3.82 -16.03 -18.61
CA THR D 96 4.76 -16.74 -19.48
C THR D 96 4.86 -18.23 -19.14
N ARG D 97 3.97 -18.67 -18.25
CA ARG D 97 3.89 -20.07 -17.85
C ARG D 97 5.10 -20.54 -17.03
N ARG D 98 5.76 -19.60 -16.37
CA ARG D 98 6.75 -19.95 -15.36
C ARG D 98 6.06 -20.10 -14.02
N ARG D 99 6.82 -20.47 -13.00
CA ARG D 99 6.29 -20.56 -11.66
C ARG D 99 7.07 -19.58 -10.79
N VAL D 100 6.44 -19.09 -9.73
CA VAL D 100 7.11 -18.19 -8.80
C VAL D 100 6.63 -18.44 -7.38
N PHE D 101 7.56 -18.38 -6.42
CA PHE D 101 7.19 -18.68 -5.04
C PHE D 101 7.05 -17.43 -4.20
N GLY D 102 6.50 -17.60 -3.01
CA GLY D 102 6.38 -16.49 -2.09
C GLY D 102 7.73 -16.31 -1.44
N THR D 103 7.87 -15.23 -0.70
CA THR D 103 9.09 -14.98 0.07
C THR D 103 9.11 -15.85 1.32
N GLY D 104 7.97 -16.46 1.63
CA GLY D 104 7.84 -17.36 2.77
C GLY D 104 7.30 -16.69 4.01
N THR D 105 6.70 -17.50 4.88
CA THR D 105 6.18 -17.04 6.16
C THR D 105 6.54 -18.06 7.22
N LYS D 106 7.16 -17.62 8.31
CA LYS D 106 7.45 -18.51 9.42
C LYS D 106 6.34 -18.44 10.45
N LEU D 107 5.56 -19.50 10.57
CA LEU D 107 4.42 -19.50 11.48
C LEU D 107 4.78 -20.20 12.79
N THR D 108 4.51 -19.53 13.90
CA THR D 108 4.80 -20.08 15.22
C THR D 108 3.54 -20.32 16.06
N VAL D 109 3.18 -21.58 16.26
CA VAL D 109 2.16 -21.91 17.24
C VAL D 109 2.85 -21.74 18.59
N LEU D 110 2.23 -21.02 19.53
CA LEU D 110 3.04 -20.57 20.66
C LEU D 110 2.92 -21.39 21.93
N GLY D 111 3.84 -22.34 22.13
CA GLY D 111 4.71 -22.36 23.27
C GLY D 111 4.30 -21.80 24.61
N GLN D 112 5.11 -20.79 24.89
CA GLN D 112 5.14 -20.02 26.10
C GLN D 112 4.76 -18.60 25.72
N PRO D 113 4.77 -17.68 26.69
CA PRO D 113 4.48 -16.27 26.38
C PRO D 113 5.61 -15.62 25.58
N LYS D 114 5.27 -14.58 24.81
CA LYS D 114 6.23 -13.87 23.98
C LYS D 114 7.37 -13.24 24.80
N ALA D 115 8.56 -13.15 24.21
CA ALA D 115 9.73 -12.64 24.92
C ALA D 115 10.63 -11.75 24.05
N ALA D 116 11.08 -10.62 24.59
CA ALA D 116 11.92 -9.66 23.86
C ALA D 116 13.42 -9.95 23.99
N PRO D 117 14.20 -9.51 22.99
CA PRO D 117 15.63 -9.85 22.85
C PRO D 117 16.55 -9.11 23.81
N SER D 118 17.61 -9.79 24.24
CA SER D 118 18.71 -9.15 24.96
C SER D 118 19.77 -8.86 23.94
N VAL D 119 20.23 -7.60 23.91
CA VAL D 119 21.16 -7.17 22.87
C VAL D 119 22.51 -6.71 23.42
N THR D 120 23.57 -7.41 23.03
CA THR D 120 24.92 -7.02 23.42
C THR D 120 25.71 -6.66 22.19
N LEU D 121 26.43 -5.54 22.25
CA LEU D 121 27.24 -5.11 21.13
C LEU D 121 28.70 -5.01 21.53
N PHE D 122 29.57 -5.68 20.78
CA PHE D 122 30.99 -5.66 21.05
C PHE D 122 31.75 -4.81 20.04
N PRO D 123 32.53 -3.83 20.52
CA PRO D 123 33.41 -3.04 19.65
C PRO D 123 34.51 -3.95 19.10
N PRO D 124 35.15 -3.55 17.99
CA PRO D 124 36.20 -4.39 17.40
C PRO D 124 37.34 -4.61 18.37
N SER D 125 37.77 -5.87 18.52
CA SER D 125 38.88 -6.19 19.41
C SER D 125 40.17 -5.53 18.94
N SER D 126 41.04 -5.19 19.87
CA SER D 126 42.30 -4.52 19.55
C SER D 126 43.24 -5.45 18.79
N GLU D 127 43.10 -6.76 19.00
CA GLU D 127 43.90 -7.73 18.26
C GLU D 127 43.56 -7.69 16.77
N GLU D 128 42.29 -7.41 16.46
CA GLU D 128 41.84 -7.34 15.07
C GLU D 128 42.19 -6.00 14.42
N LEU D 129 42.15 -4.93 15.20
CA LEU D 129 42.49 -3.60 14.68
C LEU D 129 43.93 -3.54 14.17
N GLN D 130 44.83 -4.22 14.87
CA GLN D 130 46.23 -4.28 14.48
C GLN D 130 46.39 -5.21 13.29
N ALA D 131 45.35 -6.00 13.01
CA ALA D 131 45.35 -6.92 11.88
C ALA D 131 44.87 -6.20 10.63
N ASN D 132 44.61 -4.90 10.77
CA ASN D 132 44.11 -4.07 9.68
C ASN D 132 42.71 -4.49 9.24
N LYS D 133 41.88 -4.85 10.21
CA LYS D 133 40.49 -5.17 9.99
C LYS D 133 39.67 -4.66 11.16
N ALA D 134 38.36 -4.54 10.98
CA ALA D 134 37.47 -4.17 12.07
C ALA D 134 36.12 -4.83 11.88
N THR D 135 35.53 -5.30 12.98
CA THR D 135 34.20 -5.91 12.92
C THR D 135 33.42 -5.63 14.20
N LEU D 136 32.13 -5.35 14.03
CA LEU D 136 31.22 -5.12 15.15
C LEU D 136 30.33 -6.33 15.35
N VAL D 137 30.24 -6.82 16.58
CA VAL D 137 29.44 -8.01 16.86
C VAL D 137 28.21 -7.65 17.66
N CYS D 138 27.04 -7.76 17.03
CA CYS D 138 25.77 -7.54 17.71
C CYS D 138 25.09 -8.87 18.03
N LEU D 139 25.12 -9.23 19.31
CA LEU D 139 24.62 -10.51 19.76
C LEU D 139 23.22 -10.39 20.35
N ILE D 140 22.31 -11.20 19.83
CA ILE D 140 20.91 -11.17 20.23
C ILE D 140 20.54 -12.48 20.92
N SER D 141 19.78 -12.41 22.00
CA SER D 141 19.42 -13.62 22.73
C SER D 141 18.08 -13.51 23.45
N ASP D 142 17.56 -14.67 23.86
CA ASP D 142 16.39 -14.77 24.73
C ASP D 142 15.13 -14.11 24.19
N PHE D 143 14.82 -14.34 22.92
CA PHE D 143 13.59 -13.80 22.33
C PHE D 143 12.70 -14.89 21.73
N TYR D 144 11.45 -14.53 21.43
CA TYR D 144 10.46 -15.52 21.00
C TYR D 144 9.15 -14.88 20.55
N PRO D 145 8.59 -15.34 19.43
CA PRO D 145 9.16 -16.41 18.58
C PRO D 145 10.35 -15.83 17.86
N GLY D 146 11.33 -16.63 17.43
CA GLY D 146 12.44 -16.01 16.75
C GLY D 146 12.07 -15.51 15.36
N ALA D 147 11.98 -14.19 15.24
CA ALA D 147 12.05 -13.51 13.96
C ALA D 147 12.58 -12.12 14.30
N VAL D 148 13.65 -11.68 13.65
CA VAL D 148 14.21 -10.39 13.99
C VAL D 148 14.72 -9.63 12.77
N THR D 149 14.33 -8.36 12.67
CA THR D 149 14.94 -7.47 11.72
C THR D 149 16.17 -6.91 12.41
N VAL D 150 17.34 -7.04 11.78
CA VAL D 150 18.53 -6.36 12.29
C VAL D 150 18.90 -5.20 11.37
N ALA D 151 19.25 -4.07 11.98
CA ALA D 151 19.57 -2.87 11.22
C ALA D 151 20.75 -2.14 11.85
N TRP D 152 21.72 -1.78 11.03
CA TRP D 152 22.91 -1.09 11.51
C TRP D 152 22.89 0.39 11.14
N LYS D 153 23.40 1.22 12.04
CA LYS D 153 23.55 2.65 11.74
C LYS D 153 24.89 3.21 12.20
N ALA D 154 25.67 3.69 11.24
CA ALA D 154 26.86 4.47 11.55
C ALA D 154 26.38 5.90 11.80
N ASP D 155 26.62 6.40 13.01
CA ASP D 155 25.98 7.63 13.45
C ASP D 155 24.47 7.41 13.42
N SER D 156 23.75 8.33 12.78
CA SER D 156 22.31 8.18 12.57
C SER D 156 21.97 7.65 11.17
N SER D 157 22.99 7.37 10.37
CA SER D 157 22.80 6.95 8.98
C SER D 157 22.76 5.44 8.83
N PRO D 158 21.74 4.94 8.12
CA PRO D 158 21.59 3.51 7.81
C PRO D 158 22.82 2.97 7.06
N VAL D 159 23.23 1.74 7.39
CA VAL D 159 24.38 1.14 6.72
C VAL D 159 24.04 -0.26 6.19
N LYS D 160 23.97 -0.38 4.87
CA LYS D 160 23.66 -1.66 4.23
C LYS D 160 24.89 -2.42 3.69
N ALA D 161 26.07 -1.83 3.85
CA ALA D 161 27.29 -2.39 3.28
C ALA D 161 28.05 -3.27 4.27
N GLY D 162 28.29 -4.52 3.88
CA GLY D 162 29.13 -5.42 4.66
C GLY D 162 28.51 -5.93 5.94
N VAL D 163 27.22 -6.29 5.89
CA VAL D 163 26.55 -6.84 7.05
C VAL D 163 26.04 -8.26 6.79
N GLU D 164 26.43 -9.20 7.65
CA GLU D 164 25.93 -10.56 7.59
C GLU D 164 25.19 -10.91 8.87
N THR D 165 24.00 -11.49 8.74
CA THR D 165 23.18 -11.82 9.90
C THR D 165 22.78 -13.29 9.86
N THR D 166 22.80 -13.97 11.01
CA THR D 166 22.38 -15.36 11.08
C THR D 166 20.87 -15.52 11.04
N THR D 167 20.42 -16.71 10.68
CA THR D 167 19.03 -17.09 10.88
C THR D 167 18.89 -17.44 12.36
N PRO D 168 17.81 -16.95 13.00
CA PRO D 168 17.63 -17.22 14.43
C PRO D 168 17.72 -18.71 14.69
N SER D 169 18.51 -19.10 15.69
CA SER D 169 18.65 -20.50 16.07
C SER D 169 18.10 -20.71 17.48
N LYS D 170 17.70 -21.93 17.79
CA LYS D 170 17.12 -22.24 19.10
C LYS D 170 18.19 -22.42 20.17
N GLN D 171 17.88 -21.99 21.39
CA GLN D 171 18.75 -22.20 22.54
C GLN D 171 18.21 -23.36 23.36
N SER D 172 18.91 -23.68 24.45
CA SER D 172 18.49 -24.78 25.32
C SER D 172 17.34 -24.34 26.20
N ASN D 173 17.20 -23.03 26.39
CA ASN D 173 16.24 -22.46 27.34
C ASN D 173 14.85 -22.17 26.76
N ASN D 174 14.60 -22.70 25.57
CA ASN D 174 13.32 -22.54 24.85
C ASN D 174 13.11 -21.16 24.26
N LYS D 175 14.20 -20.41 24.07
CA LYS D 175 14.13 -19.12 23.40
C LYS D 175 15.16 -19.09 22.31
N TYR D 176 15.07 -18.14 21.40
CA TYR D 176 15.95 -18.09 20.23
C TYR D 176 17.21 -17.27 20.46
N ALA D 177 18.10 -17.26 19.47
CA ALA D 177 19.26 -16.40 19.48
C ALA D 177 19.73 -16.13 18.06
N ALA D 178 20.37 -14.99 17.85
CA ALA D 178 20.85 -14.62 16.53
C ALA D 178 22.00 -13.62 16.67
N SER D 179 22.78 -13.48 15.61
CA SER D 179 23.88 -12.52 15.61
C SER D 179 23.94 -11.74 14.30
N SER D 180 24.55 -10.57 14.36
CA SER D 180 24.81 -9.79 13.16
C SER D 180 26.21 -9.17 13.22
N TYR D 181 27.02 -9.44 12.20
CA TYR D 181 28.38 -8.93 12.15
C TYR D 181 28.54 -7.83 11.10
N LEU D 182 29.28 -6.79 11.46
CA LEU D 182 29.48 -5.64 10.59
C LEU D 182 30.96 -5.48 10.21
N SER D 183 31.26 -5.65 8.92
CA SER D 183 32.64 -5.53 8.46
C SER D 183 32.99 -4.10 8.11
N LEU D 184 34.11 -3.63 8.64
CA LEU D 184 34.59 -2.27 8.40
C LEU D 184 36.10 -2.23 8.28
N THR D 185 36.61 -1.19 7.64
CA THR D 185 38.04 -0.91 7.67
C THR D 185 38.34 -0.06 8.90
N PRO D 186 39.54 -0.23 9.48
CA PRO D 186 39.92 0.51 10.69
C PRO D 186 39.66 2.00 10.54
N GLU D 187 39.88 2.52 9.34
CA GLU D 187 39.62 3.94 9.07
C GLU D 187 38.14 4.26 9.25
N GLN D 188 37.28 3.40 8.74
CA GLN D 188 35.84 3.56 8.89
C GLN D 188 35.46 3.60 10.36
N TRP D 189 35.98 2.65 11.13
CA TRP D 189 35.70 2.55 12.55
C TRP D 189 36.08 3.82 13.31
N LYS D 190 37.30 4.30 13.08
CA LYS D 190 37.80 5.48 13.77
C LYS D 190 37.20 6.79 13.24
N SER D 191 36.85 6.79 11.95
CA SER D 191 36.33 7.99 11.31
C SER D 191 34.97 8.39 11.87
N HIS D 192 34.09 7.40 12.02
CA HIS D 192 32.73 7.67 12.47
C HIS D 192 32.58 7.86 13.97
N LYS D 193 31.55 8.62 14.34
CA LYS D 193 31.25 8.98 15.71
C LYS D 193 30.86 7.77 16.57
N SER D 194 29.84 7.05 16.14
CA SER D 194 29.36 5.86 16.85
C SER D 194 28.61 4.94 15.90
N TYR D 195 28.44 3.68 16.31
CA TYR D 195 27.73 2.70 15.51
C TYR D 195 26.61 2.04 16.31
N SER D 196 25.45 1.88 15.67
CA SER D 196 24.26 1.39 16.37
C SER D 196 23.71 0.09 15.81
N CYS D 197 23.15 -0.73 16.69
CA CYS D 197 22.51 -1.98 16.31
C CYS D 197 21.05 -1.94 16.74
N GLN D 198 20.13 -1.92 15.77
CA GLN D 198 18.71 -1.84 16.09
C GLN D 198 17.95 -3.10 15.71
N VAL D 199 17.53 -3.86 16.72
CA VAL D 199 16.83 -5.11 16.50
C VAL D 199 15.32 -4.93 16.61
N THR D 200 14.61 -5.23 15.53
CA THR D 200 13.16 -5.10 15.50
C THR D 200 12.49 -6.45 15.68
N HIS D 201 11.84 -6.63 16.83
CA HIS D 201 11.18 -7.88 17.18
C HIS D 201 9.72 -7.65 17.56
N GLU D 202 8.81 -8.21 16.77
CA GLU D 202 7.38 -8.06 17.02
C GLU D 202 6.96 -6.60 16.99
N GLY D 203 7.53 -5.83 16.08
CA GLY D 203 7.17 -4.43 15.90
C GLY D 203 7.87 -3.48 16.85
N SER D 204 8.74 -4.02 17.70
CA SER D 204 9.44 -3.22 18.70
C SER D 204 10.95 -3.28 18.51
N THR D 205 11.59 -2.12 18.57
CA THR D 205 13.04 -2.03 18.34
C THR D 205 13.82 -1.77 19.63
N VAL D 206 14.83 -2.59 19.88
CA VAL D 206 15.79 -2.35 20.95
C VAL D 206 17.10 -1.94 20.30
N GLU D 207 17.84 -1.04 20.94
CA GLU D 207 19.07 -0.54 20.34
C GLU D 207 20.23 -0.39 21.32
N LYS D 208 21.42 -0.78 20.86
CA LYS D 208 22.65 -0.60 21.62
C LYS D 208 23.65 0.18 20.77
N THR D 209 24.69 0.73 21.41
CA THR D 209 25.64 1.59 20.71
C THR D 209 27.07 1.50 21.25
N VAL D 210 28.04 1.57 20.34
CA VAL D 210 29.45 1.56 20.72
C VAL D 210 30.24 2.63 19.96
N ALA D 211 31.31 3.14 20.57
CA ALA D 211 32.12 4.18 19.95
C ALA D 211 33.61 4.01 20.28
N PRO D 212 34.48 4.39 19.34
CA PRO D 212 35.94 4.33 19.49
C PRO D 212 36.43 4.89 20.84
N ARG E 2 -2.01 8.50 25.75
CA ARG E 2 -2.35 7.52 24.70
C ARG E 2 -2.13 6.07 25.14
N LEU E 3 -3.06 5.19 24.75
CA LEU E 3 -2.97 3.76 25.06
C LEU E 3 -3.21 2.91 23.82
N VAL E 4 -2.50 1.79 23.72
CA VAL E 4 -2.62 0.91 22.55
C VAL E 4 -2.77 -0.57 22.93
N GLU E 5 -3.94 -1.14 22.62
CA GLU E 5 -4.19 -2.57 22.85
C GLU E 5 -3.63 -3.48 21.76
N SER E 6 -3.36 -4.73 22.12
CA SER E 6 -2.94 -5.74 21.16
C SER E 6 -2.97 -7.13 21.80
N GLY E 7 -2.67 -8.15 21.00
CA GLY E 7 -2.70 -9.52 21.46
C GLY E 7 -4.00 -10.24 21.13
N GLY E 8 -5.00 -9.45 20.73
CA GLY E 8 -6.31 -9.99 20.41
C GLY E 8 -6.29 -10.85 19.17
N GLY E 9 -7.46 -11.39 18.81
CA GLY E 9 -7.57 -12.21 17.63
C GLY E 9 -8.78 -13.11 17.68
N VAL E 10 -8.89 -14.01 16.72
CA VAL E 10 -9.99 -14.97 16.67
C VAL E 10 -9.54 -16.34 17.15
N VAL E 11 -10.02 -16.74 18.33
CA VAL E 11 -9.63 -18.03 18.90
C VAL E 11 -10.81 -18.98 19.06
N GLN E 12 -10.51 -20.22 19.45
CA GLN E 12 -11.55 -21.20 19.71
C GLN E 12 -11.96 -21.21 21.18
N PRO E 13 -13.22 -21.58 21.44
CA PRO E 13 -13.64 -21.64 22.84
C PRO E 13 -12.75 -22.62 23.59
N GLY E 14 -12.23 -22.21 24.74
CA GLY E 14 -11.40 -23.06 25.56
C GLY E 14 -9.93 -22.72 25.44
N SER E 15 -9.56 -22.04 24.35
CA SER E 15 -8.18 -21.64 24.14
C SER E 15 -7.83 -20.45 25.03
N SER E 16 -6.57 -20.02 24.97
CA SER E 16 -6.11 -18.93 25.81
C SER E 16 -5.48 -17.83 24.99
N LEU E 17 -5.53 -16.61 25.52
CA LEU E 17 -5.08 -15.44 24.80
C LEU E 17 -4.62 -14.40 25.80
N ARG E 18 -3.61 -13.62 25.45
CA ARG E 18 -3.10 -12.58 26.34
C ARG E 18 -3.07 -11.21 25.68
N LEU E 19 -3.80 -10.27 26.25
CA LEU E 19 -3.86 -8.90 25.73
C LEU E 19 -2.87 -8.02 26.45
N SER E 20 -2.30 -7.06 25.72
CA SER E 20 -1.37 -6.10 26.30
C SER E 20 -1.70 -4.69 25.86
N CYS E 21 -1.66 -3.76 26.80
CA CYS E 21 -1.92 -2.36 26.51
C CYS E 21 -0.70 -1.53 26.89
N ALA E 22 -0.01 -1.00 25.90
CA ALA E 22 1.19 -0.20 26.12
C ALA E 22 0.81 1.26 26.37
N ALA E 23 1.36 1.83 27.43
CA ALA E 23 1.00 3.18 27.83
C ALA E 23 2.13 4.19 27.63
N SER E 24 1.77 5.44 27.40
CA SER E 24 2.74 6.49 27.17
C SER E 24 2.17 7.87 27.48
N GLY E 25 3.06 8.84 27.70
CA GLY E 25 2.65 10.21 27.86
C GLY E 25 2.21 10.57 29.26
N PHE E 26 2.19 9.59 30.16
CA PHE E 26 1.85 9.85 31.55
C PHE E 26 2.58 8.88 32.46
N ASP E 27 2.66 9.21 33.75
CA ASP E 27 3.35 8.34 34.68
C ASP E 27 2.43 7.17 35.00
N PHE E 28 2.88 5.98 34.65
CA PHE E 28 2.06 4.77 34.68
C PHE E 28 1.95 4.18 36.08
N SER E 29 3.07 4.12 36.78
CA SER E 29 3.14 3.47 38.09
C SER E 29 2.32 4.17 39.17
N ARG E 30 1.90 5.39 38.88
CA ARG E 30 1.14 6.18 39.85
C ARG E 30 -0.39 6.16 39.62
N GLN E 31 -0.85 5.42 38.61
CA GLN E 31 -2.27 5.41 38.28
C GLN E 31 -2.90 4.03 38.12
N GLY E 32 -4.14 3.90 38.57
CA GLY E 32 -4.89 2.66 38.42
C GLY E 32 -5.33 2.51 36.99
N MET E 33 -5.67 1.29 36.59
CA MET E 33 -6.07 1.01 35.22
C MET E 33 -7.26 0.06 35.16
N HIS E 34 -7.98 0.08 34.04
CA HIS E 34 -9.14 -0.78 33.85
C HIS E 34 -9.03 -1.55 32.54
N TRP E 35 -9.85 -2.58 32.43
CA TRP E 35 -10.13 -3.22 31.16
C TRP E 35 -11.64 -3.22 31.01
N VAL E 36 -12.12 -2.74 29.86
CA VAL E 36 -13.55 -2.76 29.60
C VAL E 36 -13.80 -3.43 28.27
N ARG E 37 -14.84 -4.24 28.21
CA ARG E 37 -15.16 -4.88 26.95
C ARG E 37 -16.52 -4.46 26.46
N GLN E 38 -16.72 -4.49 25.15
CA GLN E 38 -18.01 -4.22 24.56
C GLN E 38 -18.32 -5.22 23.44
N ALA E 39 -19.38 -6.01 23.61
CA ALA E 39 -19.75 -6.94 22.55
C ALA E 39 -20.18 -6.14 21.34
N PRO E 40 -20.10 -6.74 20.14
CA PRO E 40 -20.57 -6.03 18.94
C PRO E 40 -22.07 -5.78 19.03
N GLY E 41 -22.50 -4.54 18.86
CA GLY E 41 -23.91 -4.18 18.97
C GLY E 41 -24.49 -4.29 20.38
N GLN E 42 -23.62 -4.31 21.39
CA GLN E 42 -24.06 -4.36 22.78
C GLN E 42 -23.53 -3.15 23.55
N GLY E 43 -23.76 -3.15 24.86
CA GLY E 43 -23.30 -2.07 25.71
C GLY E 43 -21.97 -2.37 26.37
N LEU E 44 -21.48 -1.40 27.15
CA LEU E 44 -20.22 -1.55 27.86
C LEU E 44 -20.35 -2.49 29.05
N GLU E 45 -19.27 -3.19 29.35
CA GLU E 45 -19.19 -4.04 30.53
C GLU E 45 -17.81 -3.94 31.15
N TRP E 46 -17.77 -3.63 32.44
CA TRP E 46 -16.50 -3.58 33.15
C TRP E 46 -15.91 -4.99 33.23
N VAL E 47 -14.59 -5.08 33.11
CA VAL E 47 -13.94 -6.39 33.21
C VAL E 47 -13.11 -6.46 34.49
N ALA E 48 -12.11 -5.59 34.60
CA ALA E 48 -11.21 -5.63 35.74
C ALA E 48 -10.55 -4.29 36.03
N PHE E 49 -10.06 -4.13 37.25
CA PHE E 49 -9.36 -2.91 37.64
C PHE E 49 -8.15 -3.30 38.47
N ILE E 50 -7.05 -2.59 38.25
CA ILE E 50 -5.86 -2.81 39.07
C ILE E 50 -5.32 -1.51 39.65
N LYS E 51 -5.01 -1.54 40.94
CA LYS E 51 -4.48 -0.39 41.63
C LYS E 51 -3.11 -0.05 41.05
N TYR E 52 -2.68 1.19 41.21
CA TYR E 52 -1.43 1.67 40.62
C TYR E 52 -0.24 0.73 40.87
N ASP E 53 -0.10 0.25 42.10
CA ASP E 53 1.04 -0.58 42.48
C ASP E 53 0.78 -2.07 42.29
N GLY E 54 -0.39 -2.40 41.76
CA GLY E 54 -0.75 -3.78 41.49
C GLY E 54 -0.91 -4.64 42.73
N SER E 55 -0.99 -3.98 43.88
CA SER E 55 -1.14 -4.69 45.16
C SER E 55 -2.57 -5.16 45.37
N GLU E 56 -3.48 -4.67 44.51
CA GLU E 56 -4.88 -5.10 44.55
C GLU E 56 -5.52 -5.08 43.17
N LYS E 57 -6.40 -6.04 42.92
CA LYS E 57 -7.09 -6.12 41.64
C LYS E 57 -8.51 -6.63 41.81
N TYR E 58 -9.43 -6.04 41.05
CA TYR E 58 -10.83 -6.42 41.12
C TYR E 58 -11.27 -6.95 39.76
N HIS E 59 -12.05 -8.02 39.76
CA HIS E 59 -12.57 -8.58 38.52
C HIS E 59 -14.10 -8.66 38.55
N ALA E 60 -14.69 -8.63 37.36
CA ALA E 60 -16.13 -8.70 37.21
C ALA E 60 -16.63 -10.13 37.43
N ASP E 61 -17.88 -10.26 37.87
CA ASP E 61 -18.45 -11.58 38.19
C ASP E 61 -18.64 -12.47 36.97
N SER E 62 -18.83 -11.86 35.81
CA SER E 62 -19.01 -12.63 34.58
C SER E 62 -17.69 -13.23 34.09
N VAL E 63 -16.60 -12.48 34.24
CA VAL E 63 -15.28 -12.96 33.80
C VAL E 63 -14.45 -13.65 34.89
N TRP E 64 -14.88 -13.56 36.15
CA TRP E 64 -14.27 -14.31 37.23
C TRP E 64 -14.40 -15.78 36.84
N GLY E 65 -13.44 -16.63 37.19
CA GLY E 65 -12.10 -16.26 37.62
C GLY E 65 -11.14 -16.54 36.48
N ARG E 66 -11.69 -16.56 35.27
CA ARG E 66 -10.96 -16.88 34.04
C ARG E 66 -10.03 -15.76 33.56
N LEU E 67 -10.51 -14.52 33.56
CA LEU E 67 -9.72 -13.39 33.07
C LEU E 67 -9.02 -12.65 34.19
N SER E 68 -7.69 -12.61 34.14
CA SER E 68 -6.87 -12.05 35.20
C SER E 68 -6.07 -10.80 34.77
N ILE E 69 -6.34 -9.69 35.44
CA ILE E 69 -5.63 -8.43 35.19
C ILE E 69 -4.30 -8.38 35.95
N SER E 70 -3.30 -7.76 35.33
CA SER E 70 -1.97 -7.63 35.92
C SER E 70 -1.14 -6.58 35.19
N ARG E 71 -0.08 -6.08 35.83
CA ARG E 71 0.69 -4.98 35.25
C ARG E 71 2.18 -5.08 35.55
N ASP E 72 2.98 -4.58 34.61
CA ASP E 72 4.41 -4.45 34.82
C ASP E 72 4.77 -2.98 34.73
N ASN E 73 5.14 -2.39 35.86
CA ASN E 73 5.37 -0.95 35.93
C ASN E 73 6.67 -0.47 35.28
N SER E 74 7.65 -1.37 35.20
CA SER E 74 8.93 -1.04 34.57
C SER E 74 8.82 -1.06 33.05
N LYS E 75 7.85 -1.83 32.53
CA LYS E 75 7.59 -1.88 31.10
C LYS E 75 6.46 -0.93 30.70
N ASP E 76 5.85 -0.28 31.69
CA ASP E 76 4.66 0.54 31.45
C ASP E 76 3.59 -0.20 30.67
N THR E 77 3.23 -1.40 31.14
CA THR E 77 2.29 -2.24 30.42
C THR E 77 1.21 -2.83 31.31
N LEU E 78 -0.01 -2.91 30.76
CA LEU E 78 -1.12 -3.55 31.43
C LEU E 78 -1.46 -4.82 30.66
N TYR E 79 -1.70 -5.91 31.37
CA TYR E 79 -1.95 -7.20 30.72
C TYR E 79 -3.35 -7.73 31.01
N LEU E 80 -3.87 -8.55 30.11
CA LEU E 80 -5.06 -9.34 30.41
C LEU E 80 -4.84 -10.79 29.95
N GLN E 81 -4.85 -11.72 30.89
CA GLN E 81 -4.67 -13.12 30.57
C GLN E 81 -6.04 -13.79 30.49
N MET E 82 -6.42 -14.23 29.30
CA MET E 82 -7.74 -14.82 29.08
C MET E 82 -7.67 -16.35 28.94
N ASN E 83 -8.28 -17.06 29.88
CA ASN E 83 -8.28 -18.52 29.88
C ASN E 83 -9.70 -19.06 29.87
N SER E 84 -9.85 -20.35 29.58
CA SER E 84 -11.18 -20.98 29.51
C SER E 84 -12.18 -20.13 28.74
N LEU E 85 -11.73 -19.52 27.64
CA LEU E 85 -12.55 -18.57 26.90
C LEU E 85 -13.91 -19.15 26.49
N ARG E 86 -14.92 -18.29 26.49
CA ARG E 86 -16.28 -18.68 26.15
C ARG E 86 -16.78 -17.87 24.96
N VAL E 87 -17.83 -18.35 24.32
CA VAL E 87 -18.40 -17.62 23.18
C VAL E 87 -18.89 -16.25 23.62
N GLU E 88 -19.33 -16.17 24.87
CA GLU E 88 -19.80 -14.90 25.43
C GLU E 88 -18.65 -13.92 25.71
N ASP E 89 -17.42 -14.38 25.54
CA ASP E 89 -16.25 -13.52 25.74
C ASP E 89 -15.92 -12.67 24.50
N THR E 90 -16.68 -12.86 23.43
CA THR E 90 -16.45 -12.09 22.21
C THR E 90 -16.75 -10.62 22.44
N ALA E 91 -15.78 -9.76 22.16
CA ALA E 91 -15.96 -8.33 22.36
C ALA E 91 -14.71 -7.55 22.01
N THR E 92 -14.85 -6.23 22.03
CA THR E 92 -13.72 -5.33 21.85
C THR E 92 -13.22 -4.94 23.24
N TYR E 93 -11.96 -5.25 23.53
CA TYR E 93 -11.41 -4.97 24.86
C TYR E 93 -10.66 -3.65 24.88
N PHE E 94 -11.08 -2.74 25.74
CA PHE E 94 -10.46 -1.42 25.84
C PHE E 94 -9.56 -1.35 27.05
N CYS E 95 -8.39 -0.75 26.84
CA CYS E 95 -7.48 -0.42 27.93
C CYS E 95 -7.89 0.99 28.38
N VAL E 96 -8.22 1.13 29.65
CA VAL E 96 -8.78 2.38 30.14
C VAL E 96 -8.08 2.89 31.41
N ARG E 97 -7.91 4.20 31.50
CA ARG E 97 -7.21 4.78 32.63
C ARG E 97 -8.18 5.36 33.66
N GLU E 98 -7.90 5.14 34.94
CA GLU E 98 -8.70 5.74 36.00
C GLU E 98 -8.16 7.14 36.30
N ALA E 99 -9.06 8.12 36.30
CA ALA E 99 -8.68 9.51 36.56
C ALA E 99 -8.25 9.69 38.01
N GLY E 100 -7.12 10.35 38.19
CA GLY E 100 -6.55 10.47 39.53
C GLY E 100 -5.76 11.74 39.74
N GLY E 101 -5.30 11.92 40.98
CA GLY E 101 -4.54 13.10 41.36
C GLY E 101 -4.47 13.22 42.87
N PRO E 102 -3.91 14.33 43.37
CA PRO E 102 -3.75 14.55 44.81
C PRO E 102 -5.07 14.86 45.50
N ASP E 103 -5.09 14.73 46.83
CA ASP E 103 -6.24 15.12 47.65
C ASP E 103 -7.57 14.81 46.97
N TYR E 117 -1.61 8.21 43.14
CA TYR E 117 -2.73 9.14 43.12
C TYR E 117 -3.93 8.57 43.85
N TYR E 118 -5.01 9.35 43.86
CA TYR E 118 -6.29 8.89 44.37
C TYR E 118 -7.30 8.85 43.22
N ASN E 119 -7.90 7.68 43.01
CA ASN E 119 -8.89 7.53 41.94
C ASN E 119 -9.99 8.57 42.07
N TYR E 120 -10.36 9.19 40.96
CA TYR E 120 -11.46 10.16 40.95
C TYR E 120 -12.77 9.50 40.54
N HIS E 121 -12.70 8.21 40.26
CA HIS E 121 -13.88 7.41 39.95
C HIS E 121 -14.55 7.79 38.63
N TYR E 122 -13.73 8.12 37.64
CA TYR E 122 -14.18 8.23 36.26
C TYR E 122 -13.03 7.94 35.28
N MET E 123 -13.37 7.46 34.09
CA MET E 123 -12.37 6.97 33.15
C MET E 123 -12.07 7.98 32.06
N ASP E 124 -10.87 8.56 32.11
CA ASP E 124 -10.50 9.68 31.22
C ASP E 124 -9.75 9.36 29.92
N VAL E 125 -9.25 8.14 29.76
CA VAL E 125 -8.44 7.81 28.58
C VAL E 125 -8.69 6.40 28.04
N TRP E 126 -8.89 6.30 26.73
CA TRP E 126 -9.25 5.04 26.12
C TRP E 126 -8.32 4.69 24.97
N GLY E 127 -7.99 3.40 24.88
CA GLY E 127 -7.32 2.89 23.71
C GLY E 127 -8.36 2.64 22.64
N LYS E 128 -7.94 2.50 21.39
CA LYS E 128 -8.88 2.27 20.30
C LYS E 128 -9.55 0.89 20.42
N GLY E 129 -8.95 0.05 21.26
CA GLY E 129 -9.50 -1.25 21.56
C GLY E 129 -8.97 -2.37 20.69
N THR E 130 -8.87 -3.56 21.27
CA THR E 130 -8.50 -4.76 20.52
C THR E 130 -9.65 -5.75 20.51
N THR E 131 -9.96 -6.29 19.34
CA THR E 131 -11.05 -7.25 19.23
C THR E 131 -10.63 -8.66 19.64
N VAL E 132 -11.59 -9.41 20.17
CA VAL E 132 -11.42 -10.81 20.47
C VAL E 132 -12.66 -11.53 20.00
N THR E 133 -12.48 -12.57 19.19
CA THR E 133 -13.60 -13.38 18.74
C THR E 133 -13.39 -14.84 19.14
N VAL E 134 -14.27 -15.32 20.00
CA VAL E 134 -14.24 -16.72 20.40
C VAL E 134 -15.33 -17.45 19.62
N SER E 135 -14.92 -18.34 18.72
CA SER E 135 -15.86 -18.99 17.83
C SER E 135 -15.55 -20.46 17.60
N SER E 136 -16.59 -21.29 17.61
CA SER E 136 -16.46 -22.72 17.37
C SER E 136 -16.39 -23.01 15.88
N ALA E 137 -17.00 -22.14 15.09
CA ALA E 137 -17.14 -22.37 13.65
C ALA E 137 -15.80 -22.38 12.88
N SER E 138 -15.80 -23.07 11.75
CA SER E 138 -14.65 -23.11 10.85
C SER E 138 -15.10 -22.57 9.50
N THR E 139 -14.16 -22.16 8.67
CA THR E 139 -14.51 -21.59 7.36
C THR E 139 -15.47 -22.55 6.67
N LYS E 140 -16.62 -22.03 6.24
CA LYS E 140 -17.70 -22.89 5.77
C LYS E 140 -18.57 -22.19 4.73
N GLY E 141 -19.10 -22.97 3.78
CA GLY E 141 -19.93 -22.44 2.72
C GLY E 141 -21.36 -22.19 3.16
N PRO E 142 -21.98 -21.15 2.57
CA PRO E 142 -23.37 -20.76 2.85
C PRO E 142 -24.39 -21.72 2.24
N SER E 143 -25.46 -21.99 2.99
CA SER E 143 -26.57 -22.79 2.48
C SER E 143 -27.71 -21.86 2.09
N VAL E 144 -27.99 -21.76 0.79
CA VAL E 144 -28.96 -20.80 0.30
C VAL E 144 -30.34 -21.38 0.04
N PHE E 145 -31.37 -20.78 0.62
CA PHE E 145 -32.74 -21.24 0.43
C PHE E 145 -33.64 -20.09 0.01
N PRO E 146 -34.56 -20.35 -0.93
CA PRO E 146 -35.46 -19.33 -1.46
C PRO E 146 -36.55 -18.95 -0.49
N LEU E 147 -36.89 -17.66 -0.42
CA LEU E 147 -38.05 -17.19 0.32
C LEU E 147 -39.09 -16.73 -0.70
N ALA E 148 -40.17 -17.48 -0.84
CA ALA E 148 -41.13 -17.27 -1.92
C ALA E 148 -42.25 -16.29 -1.57
N PRO E 149 -42.71 -15.54 -2.58
CA PRO E 149 -43.84 -14.61 -2.47
C PRO E 149 -45.18 -15.33 -2.31
N SER E 150 -46.01 -14.84 -1.41
CA SER E 150 -47.30 -15.46 -1.13
C SER E 150 -48.27 -15.29 -2.30
N GLY E 157 -50.60 -4.23 -5.36
CA GLY E 157 -50.08 -5.05 -6.44
C GLY E 157 -48.57 -5.26 -6.35
N THR E 158 -48.07 -5.28 -5.12
CA THR E 158 -46.64 -5.46 -4.89
C THR E 158 -46.33 -6.75 -4.14
N ALA E 159 -45.39 -7.52 -4.69
CA ALA E 159 -44.98 -8.77 -4.08
C ALA E 159 -43.60 -8.64 -3.44
N ALA E 160 -43.40 -9.34 -2.32
CA ALA E 160 -42.11 -9.34 -1.64
C ALA E 160 -41.52 -10.75 -1.59
N LEU E 161 -40.30 -10.89 -2.11
CA LEU E 161 -39.61 -12.17 -2.13
C LEU E 161 -38.14 -11.98 -1.78
N GLY E 162 -37.43 -13.07 -1.54
CA GLY E 162 -36.01 -12.99 -1.25
C GLY E 162 -35.33 -14.32 -1.01
N CYS E 163 -34.01 -14.26 -0.79
CA CYS E 163 -33.22 -15.46 -0.55
C CYS E 163 -32.75 -15.51 0.90
N LEU E 164 -32.75 -16.71 1.48
CA LEU E 164 -32.26 -16.90 2.84
C LEU E 164 -30.89 -17.52 2.82
N VAL E 165 -29.89 -16.74 3.23
CA VAL E 165 -28.53 -17.25 3.33
C VAL E 165 -28.24 -17.70 4.76
N LYS E 166 -27.87 -18.96 4.93
CA LYS E 166 -27.76 -19.54 6.25
C LYS E 166 -26.46 -20.31 6.45
N ASP E 167 -25.93 -20.27 7.67
CA ASP E 167 -24.79 -21.10 8.06
C ASP E 167 -23.55 -20.90 7.20
N TYR E 168 -23.05 -19.67 7.14
CA TYR E 168 -21.77 -19.40 6.50
C TYR E 168 -20.81 -18.72 7.47
N PHE E 169 -19.52 -18.99 7.31
CA PHE E 169 -18.49 -18.30 8.10
C PHE E 169 -17.21 -18.16 7.26
N PRO E 170 -16.48 -17.04 7.44
CA PRO E 170 -16.82 -15.82 8.17
C PRO E 170 -17.44 -14.77 7.24
N GLU E 171 -17.70 -13.59 7.79
CA GLU E 171 -18.16 -12.45 7.02
C GLU E 171 -17.09 -11.97 6.03
N PRO E 172 -17.51 -11.25 4.97
CA PRO E 172 -18.87 -11.07 4.48
C PRO E 172 -19.23 -12.01 3.34
N VAL E 173 -20.45 -11.88 2.82
CA VAL E 173 -20.81 -12.46 1.53
C VAL E 173 -21.68 -11.45 0.79
N THR E 174 -21.47 -11.34 -0.52
CA THR E 174 -22.23 -10.37 -1.31
C THR E 174 -23.33 -11.06 -2.10
N VAL E 175 -24.50 -10.42 -2.17
CA VAL E 175 -25.64 -11.01 -2.88
C VAL E 175 -26.24 -10.06 -3.90
N SER E 176 -26.29 -10.50 -5.16
CA SER E 176 -26.92 -9.71 -6.22
C SER E 176 -28.14 -10.44 -6.73
N TRP E 177 -28.84 -9.83 -7.68
CA TRP E 177 -30.05 -10.42 -8.23
C TRP E 177 -30.04 -10.37 -9.75
N ASN E 178 -30.33 -11.51 -10.38
CA ASN E 178 -30.25 -11.62 -11.83
C ASN E 178 -28.89 -11.16 -12.35
N SER E 179 -27.86 -11.38 -11.55
CA SER E 179 -26.51 -10.94 -11.88
C SER E 179 -26.40 -9.42 -12.03
N GLY E 180 -26.88 -8.70 -11.02
CA GLY E 180 -26.78 -7.24 -11.00
C GLY E 180 -27.74 -6.55 -11.93
N ALA E 181 -28.52 -7.34 -12.66
CA ALA E 181 -29.52 -6.79 -13.58
C ALA E 181 -30.59 -6.03 -12.82
N LEU E 182 -31.20 -6.68 -11.84
CA LEU E 182 -32.23 -6.02 -11.04
C LEU E 182 -31.61 -5.44 -9.78
N THR E 183 -31.48 -4.12 -9.75
CA THR E 183 -31.07 -3.37 -8.57
C THR E 183 -32.19 -2.64 -7.82
N SER E 184 -33.41 -2.70 -8.35
CA SER E 184 -34.50 -1.86 -7.84
C SER E 184 -35.44 -2.58 -6.88
N GLY E 185 -35.41 -2.16 -5.61
CA GLY E 185 -36.27 -2.73 -4.58
C GLY E 185 -35.58 -3.77 -3.72
N VAL E 186 -34.27 -3.91 -3.92
CA VAL E 186 -33.48 -4.92 -3.24
C VAL E 186 -33.02 -4.49 -1.86
N HIS E 187 -33.28 -5.32 -0.85
CA HIS E 187 -32.78 -5.06 0.49
C HIS E 187 -32.06 -6.28 1.03
N THR E 188 -30.76 -6.13 1.22
CA THR E 188 -29.98 -7.17 1.89
C THR E 188 -29.78 -6.72 3.31
N PHE E 189 -30.37 -7.45 4.26
CA PHE E 189 -30.28 -7.09 5.67
C PHE E 189 -28.94 -7.51 6.26
N PRO E 190 -28.59 -6.91 7.41
CA PRO E 190 -27.47 -7.39 8.22
C PRO E 190 -27.65 -8.87 8.61
N ALA E 191 -26.53 -9.56 8.80
CA ALA E 191 -26.56 -10.98 9.16
C ALA E 191 -26.62 -11.17 10.66
N VAL E 192 -27.37 -12.19 11.10
CA VAL E 192 -27.42 -12.55 12.51
C VAL E 192 -26.37 -13.61 12.81
N LEU E 193 -25.80 -13.51 14.01
CA LEU E 193 -24.84 -14.51 14.45
C LEU E 193 -25.53 -15.45 15.39
N GLN E 194 -25.76 -16.68 14.93
CA GLN E 194 -26.47 -17.68 15.72
C GLN E 194 -25.59 -18.31 16.81
N SER E 195 -26.24 -18.85 17.83
CA SER E 195 -25.53 -19.44 18.97
C SER E 195 -24.54 -20.51 18.52
N SER E 196 -24.79 -21.10 17.36
CA SER E 196 -23.93 -22.14 16.81
C SER E 196 -22.59 -21.56 16.34
N GLY E 197 -22.56 -20.25 16.11
CA GLY E 197 -21.36 -19.56 15.67
C GLY E 197 -21.34 -19.22 14.20
N LEU E 198 -22.40 -19.61 13.49
CA LEU E 198 -22.50 -19.40 12.05
C LEU E 198 -23.46 -18.26 11.70
N TYR E 199 -23.08 -17.46 10.71
CA TYR E 199 -23.91 -16.33 10.29
C TYR E 199 -25.07 -16.71 9.36
N SER E 200 -26.13 -15.92 9.40
CA SER E 200 -27.25 -16.08 8.48
C SER E 200 -27.83 -14.71 8.17
N LEU E 201 -28.26 -14.50 6.93
CA LEU E 201 -28.88 -13.23 6.54
C LEU E 201 -29.93 -13.40 5.44
N SER E 202 -30.77 -12.38 5.26
CA SER E 202 -31.79 -12.40 4.22
C SER E 202 -31.62 -11.24 3.23
N SER E 203 -32.11 -11.43 2.02
CA SER E 203 -32.12 -10.37 1.02
C SER E 203 -33.46 -10.39 0.32
N VAL E 204 -34.12 -9.24 0.27
CA VAL E 204 -35.45 -9.17 -0.33
C VAL E 204 -35.54 -8.10 -1.41
N VAL E 205 -36.22 -8.45 -2.50
CA VAL E 205 -36.48 -7.51 -3.56
C VAL E 205 -38.00 -7.35 -3.74
N THR E 206 -38.43 -6.11 -3.93
CA THR E 206 -39.85 -5.82 -4.09
C THR E 206 -40.22 -5.65 -5.56
N VAL E 207 -41.13 -6.49 -6.02
CA VAL E 207 -41.48 -6.55 -7.43
C VAL E 207 -42.99 -6.47 -7.66
N PRO E 208 -43.39 -6.02 -8.85
CA PRO E 208 -44.81 -5.99 -9.25
C PRO E 208 -45.39 -7.40 -9.29
N SER E 209 -46.55 -7.59 -8.67
CA SER E 209 -47.18 -8.91 -8.62
C SER E 209 -47.35 -9.51 -10.01
N SER E 210 -47.48 -8.65 -11.02
CA SER E 210 -47.76 -9.08 -12.38
C SER E 210 -46.57 -9.78 -13.04
N SER E 211 -45.36 -9.36 -12.67
CA SER E 211 -44.15 -9.91 -13.29
C SER E 211 -43.87 -11.35 -12.87
N LEU E 212 -44.54 -11.80 -11.81
CA LEU E 212 -44.35 -13.16 -11.31
C LEU E 212 -44.86 -14.21 -12.30
N GLY E 213 -44.07 -15.26 -12.48
CA GLY E 213 -44.40 -16.29 -13.45
C GLY E 213 -43.96 -15.86 -14.84
N THR E 214 -43.70 -14.57 -14.99
CA THR E 214 -43.22 -14.02 -16.25
C THR E 214 -41.70 -13.85 -16.20
N GLN E 215 -41.26 -12.94 -15.35
CA GLN E 215 -39.83 -12.69 -15.16
C GLN E 215 -39.20 -13.75 -14.25
N THR E 216 -37.98 -14.16 -14.59
CA THR E 216 -37.23 -15.08 -13.74
C THR E 216 -36.47 -14.29 -12.69
N TYR E 217 -36.53 -14.75 -11.44
CA TYR E 217 -35.80 -14.08 -10.37
C TYR E 217 -34.75 -14.98 -9.76
N ILE E 218 -33.51 -14.53 -9.81
CA ILE E 218 -32.39 -15.31 -9.31
C ILE E 218 -31.50 -14.47 -8.41
N CYS E 219 -31.08 -15.04 -7.30
CA CYS E 219 -30.14 -14.37 -6.40
C CYS E 219 -28.76 -15.01 -6.51
N ASN E 220 -27.73 -14.18 -6.52
CA ASN E 220 -26.35 -14.67 -6.61
C ASN E 220 -25.63 -14.48 -5.30
N VAL E 221 -25.34 -15.59 -4.62
CA VAL E 221 -24.64 -15.52 -3.35
C VAL E 221 -23.18 -15.88 -3.54
N ASN E 222 -22.30 -15.02 -3.07
CA ASN E 222 -20.87 -15.21 -3.26
C ASN E 222 -20.09 -15.13 -1.95
N HIS E 223 -19.49 -16.25 -1.55
CA HIS E 223 -18.67 -16.28 -0.35
C HIS E 223 -17.19 -16.37 -0.76
N LYS E 224 -16.47 -15.28 -0.54
CA LYS E 224 -15.06 -15.20 -0.95
C LYS E 224 -14.10 -16.09 -0.14
N PRO E 225 -14.18 -16.03 1.20
CA PRO E 225 -13.28 -16.82 2.05
C PRO E 225 -13.29 -18.32 1.75
N SER E 226 -14.46 -18.88 1.47
CA SER E 226 -14.55 -20.29 1.12
C SER E 226 -14.57 -20.51 -0.39
N ASN E 227 -14.60 -19.43 -1.16
CA ASN E 227 -14.75 -19.51 -2.60
C ASN E 227 -15.97 -20.33 -3.02
N THR E 228 -17.13 -19.97 -2.47
CA THR E 228 -18.39 -20.63 -2.81
C THR E 228 -19.29 -19.65 -3.56
N LYS E 229 -19.69 -20.01 -4.77
CA LYS E 229 -20.67 -19.25 -5.51
C LYS E 229 -21.92 -20.09 -5.78
N VAL E 230 -23.08 -19.55 -5.43
CA VAL E 230 -24.33 -20.27 -5.58
C VAL E 230 -25.45 -19.40 -6.14
N ASP E 231 -26.24 -19.96 -7.05
CA ASP E 231 -27.38 -19.26 -7.64
C ASP E 231 -28.66 -20.05 -7.40
N LYS E 232 -29.63 -19.42 -6.72
CA LYS E 232 -30.91 -20.07 -6.41
C LYS E 232 -32.05 -19.38 -7.14
N LYS E 233 -32.89 -20.16 -7.80
CA LYS E 233 -34.06 -19.63 -8.45
C LYS E 233 -35.21 -19.50 -7.45
N VAL E 234 -35.80 -18.32 -7.39
CA VAL E 234 -36.88 -18.04 -6.45
C VAL E 234 -38.21 -17.98 -7.20
N GLU E 235 -39.14 -18.86 -6.83
CA GLU E 235 -40.44 -18.93 -7.51
C GLU E 235 -41.58 -19.27 -6.57
N PRO E 236 -42.82 -18.90 -6.95
CA PRO E 236 -44.02 -19.10 -6.14
C PRO E 236 -44.07 -20.46 -5.44
N SER F 2 -24.28 -7.36 38.16
CA SER F 2 -25.65 -7.01 37.75
C SER F 2 -25.74 -5.55 37.30
N ALA F 3 -26.18 -5.36 36.06
CA ALA F 3 -26.17 -4.04 35.45
C ALA F 3 -27.09 -3.02 36.13
N LEU F 4 -26.70 -1.75 36.05
CA LEU F 4 -27.57 -0.64 36.46
C LEU F 4 -28.58 -0.38 35.35
N THR F 5 -29.84 -0.25 35.71
CA THR F 5 -30.91 -0.21 34.71
C THR F 5 -31.16 1.16 34.09
N GLN F 6 -31.03 1.22 32.77
CA GLN F 6 -31.33 2.43 32.03
C GLN F 6 -32.43 2.10 31.03
N PRO F 7 -33.16 3.13 30.59
CA PRO F 7 -34.13 3.04 29.49
C PRO F 7 -33.40 2.76 28.16
N ALA F 8 -33.88 1.78 27.40
CA ALA F 8 -33.20 1.36 26.18
C ALA F 8 -32.92 2.55 25.27
N SER F 9 -33.91 3.43 25.13
CA SER F 9 -33.76 4.57 24.24
C SER F 9 -34.52 5.79 24.72
N VAL F 10 -34.00 6.97 24.40
CA VAL F 10 -34.79 8.20 24.44
C VAL F 10 -34.77 8.80 23.05
N SER F 11 -35.48 9.91 22.87
CA SER F 11 -35.45 10.64 21.63
C SER F 11 -35.93 12.05 21.90
N GLY F 12 -35.60 12.98 21.02
CA GLY F 12 -36.06 14.35 21.18
C GLY F 12 -35.86 15.19 19.94
N SER F 13 -36.69 16.22 19.81
CA SER F 13 -36.54 17.16 18.73
C SER F 13 -35.40 18.07 19.13
N PRO F 14 -34.70 18.63 18.14
CA PRO F 14 -33.63 19.59 18.44
C PRO F 14 -34.16 20.73 19.30
N GLY F 15 -33.39 21.10 20.32
CA GLY F 15 -33.78 22.17 21.21
C GLY F 15 -34.53 21.64 22.42
N GLN F 16 -35.03 20.42 22.31
CA GLN F 16 -35.75 19.80 23.42
C GLN F 16 -34.79 19.36 24.53
N SER F 17 -35.26 19.42 25.78
CA SER F 17 -34.51 18.89 26.90
C SER F 17 -35.01 17.48 27.19
N ILE F 18 -34.09 16.58 27.49
CA ILE F 18 -34.44 15.19 27.79
C ILE F 18 -33.68 14.67 29.02
N THR F 19 -34.12 13.53 29.54
CA THR F 19 -33.51 12.93 30.72
C THR F 19 -33.33 11.41 30.59
N ILE F 20 -32.20 10.91 31.09
CA ILE F 20 -31.94 9.49 31.12
C ILE F 20 -31.79 9.05 32.57
N SER F 21 -32.42 7.94 32.94
CA SER F 21 -32.35 7.45 34.31
C SER F 21 -31.43 6.23 34.45
N CYS F 22 -30.70 6.19 35.56
CA CYS F 22 -29.87 5.05 35.90
C CYS F 22 -30.28 4.60 37.31
N GLN F 23 -30.88 3.42 37.40
CA GLN F 23 -31.38 2.94 38.69
C GLN F 23 -30.58 1.75 39.19
N GLY F 24 -29.88 1.97 40.29
CA GLY F 24 -29.12 0.93 40.96
C GLY F 24 -29.72 0.50 42.28
N THR F 25 -28.84 0.01 43.15
CA THR F 25 -29.21 -0.36 44.50
C THR F 25 -28.50 0.58 45.46
N SER F 26 -28.68 0.35 46.75
CA SER F 26 -28.04 1.17 47.77
C SER F 26 -26.57 0.81 47.93
N ASN F 27 -26.14 -0.27 47.29
CA ASN F 27 -24.75 -0.71 47.36
C ASN F 27 -23.87 -0.17 46.24
N ASP F 28 -24.47 0.52 45.28
CA ASP F 28 -23.70 1.22 44.25
C ASP F 28 -24.14 2.67 44.01
N VAL F 29 -25.32 2.85 43.42
CA VAL F 29 -25.77 4.18 43.03
C VAL F 29 -26.31 4.98 44.21
N GLY F 30 -26.94 4.28 45.14
CA GLY F 30 -27.51 4.93 46.31
C GLY F 30 -26.57 4.96 47.50
N GLY F 31 -25.42 4.31 47.34
CA GLY F 31 -24.43 4.24 48.41
C GLY F 31 -23.23 5.14 48.23
N TYR F 32 -23.08 5.75 47.06
CA TYR F 32 -21.90 6.57 46.79
C TYR F 32 -22.17 7.74 45.84
N GLU F 33 -21.25 8.70 45.84
CA GLU F 33 -21.33 9.89 44.99
C GLU F 33 -20.56 9.70 43.67
N SER F 34 -20.10 8.48 43.41
CA SER F 34 -19.20 8.20 42.32
C SER F 34 -19.84 7.99 40.95
N VAL F 35 -21.16 8.13 40.86
CA VAL F 35 -21.83 7.95 39.57
C VAL F 35 -21.26 8.88 38.49
N SER F 36 -20.86 8.31 37.37
CA SER F 36 -20.37 9.10 36.24
C SER F 36 -21.09 8.66 34.97
N TRP F 37 -21.06 9.51 33.95
CA TRP F 37 -21.82 9.28 32.73
C TRP F 37 -20.96 9.35 31.47
N TYR F 38 -21.20 8.45 30.53
CA TYR F 38 -20.40 8.39 29.32
C TYR F 38 -21.21 8.49 28.03
N GLN F 39 -20.70 9.29 27.09
CA GLN F 39 -21.29 9.42 25.76
C GLN F 39 -20.47 8.60 24.76
N GLN F 40 -21.14 7.92 23.85
CA GLN F 40 -20.45 7.12 22.85
C GLN F 40 -21.03 7.26 21.45
N HIS F 41 -20.18 7.62 20.49
CA HIS F 41 -20.53 7.65 19.08
C HIS F 41 -20.16 6.35 18.38
N PRO F 42 -20.79 6.06 17.23
CA PRO F 42 -20.45 4.86 16.45
C PRO F 42 -18.95 4.74 16.16
N GLY F 43 -18.39 3.56 16.36
CA GLY F 43 -17.00 3.29 16.03
C GLY F 43 -15.96 4.05 16.83
N LYS F 44 -16.39 4.71 17.90
CA LYS F 44 -15.50 5.51 18.72
C LYS F 44 -15.53 5.02 20.17
N ALA F 45 -14.52 5.41 20.95
CA ALA F 45 -14.49 5.07 22.37
C ALA F 45 -15.26 6.09 23.18
N PRO F 46 -15.88 5.65 24.28
CA PRO F 46 -16.69 6.51 25.14
C PRO F 46 -15.93 7.74 25.63
N LYS F 47 -16.68 8.79 25.92
CA LYS F 47 -16.12 9.99 26.51
C LYS F 47 -16.96 10.33 27.73
N VAL F 48 -16.32 10.72 28.83
CA VAL F 48 -17.05 11.06 30.04
C VAL F 48 -17.64 12.47 29.96
N VAL F 49 -18.97 12.55 30.01
CA VAL F 49 -19.65 13.84 30.10
C VAL F 49 -20.04 14.29 31.53
N ILE F 50 -19.99 13.38 32.50
CA ILE F 50 -20.37 13.70 33.88
C ILE F 50 -19.62 12.85 34.90
N TYR F 51 -19.23 13.44 36.03
CA TYR F 51 -18.56 12.67 37.09
C TYR F 51 -18.84 13.20 38.49
N ASP F 52 -18.77 12.31 39.48
CA ASP F 52 -19.19 12.63 40.85
C ASP F 52 -20.63 13.14 40.86
N VAL F 53 -21.35 12.71 39.83
CA VAL F 53 -22.79 12.81 39.67
C VAL F 53 -23.30 14.20 39.31
N SER F 54 -22.60 15.25 39.74
CA SER F 54 -22.97 16.59 39.31
C SER F 54 -21.99 17.26 38.35
N LYS F 55 -20.82 16.65 38.18
CA LYS F 55 -19.66 17.41 37.70
C LYS F 55 -19.31 17.21 36.23
N ARG F 56 -18.99 18.31 35.56
CA ARG F 56 -18.57 18.29 34.16
C ARG F 56 -17.06 18.39 34.05
N PRO F 57 -16.46 17.48 33.28
CA PRO F 57 -15.02 17.48 32.97
C PRO F 57 -14.70 18.61 32.01
N SER F 58 -13.53 19.21 32.13
CA SER F 58 -13.18 20.38 31.32
C SER F 58 -13.41 20.10 29.84
N GLY F 59 -14.13 20.99 29.17
CA GLY F 59 -14.39 20.85 27.75
C GLY F 59 -15.82 20.44 27.40
N VAL F 60 -16.58 20.04 28.40
CA VAL F 60 -17.95 19.60 28.16
C VAL F 60 -18.92 20.77 28.16
N SER F 61 -19.94 20.68 27.32
CA SER F 61 -20.96 21.71 27.21
C SER F 61 -21.70 21.88 28.53
N ASN F 62 -22.25 23.07 28.75
CA ASN F 62 -23.00 23.36 29.97
C ASN F 62 -24.43 22.86 29.85
N ARG F 63 -24.72 22.22 28.71
CA ARG F 63 -26.03 21.65 28.44
C ARG F 63 -26.19 20.30 29.13
N PHE F 64 -25.10 19.78 29.67
CA PHE F 64 -25.09 18.50 30.36
C PHE F 64 -25.04 18.66 31.88
N SER F 65 -26.06 18.14 32.55
CA SER F 65 -26.14 18.19 34.01
C SER F 65 -26.41 16.80 34.57
N GLY F 66 -25.93 16.55 35.78
CA GLY F 66 -26.29 15.35 36.49
C GLY F 66 -27.03 15.55 37.80
N SER F 67 -27.63 14.49 38.31
CA SER F 67 -28.35 14.55 39.57
C SER F 67 -28.50 13.15 40.14
N LYS F 68 -28.80 13.08 41.43
CA LYS F 68 -29.09 11.80 42.05
C LYS F 68 -30.21 11.95 43.08
N SER F 69 -31.20 11.08 42.97
CA SER F 69 -32.23 10.96 43.99
C SER F 69 -32.34 9.50 44.37
N GLY F 70 -32.00 9.17 45.61
CA GLY F 70 -32.09 7.81 46.09
C GLY F 70 -31.12 6.89 45.36
N ASN F 71 -31.64 5.79 44.82
CA ASN F 71 -30.84 4.84 44.06
C ASN F 71 -30.89 5.10 42.56
N THR F 72 -31.53 6.20 42.16
CA THR F 72 -31.65 6.56 40.76
C THR F 72 -30.92 7.87 40.44
N ALA F 73 -29.87 7.78 39.64
CA ALA F 73 -29.17 8.96 39.16
C ALA F 73 -29.60 9.28 37.73
N SER F 74 -29.67 10.56 37.40
CA SER F 74 -30.14 10.96 36.08
C SER F 74 -29.18 11.91 35.36
N LEU F 75 -29.03 11.70 34.06
CA LEU F 75 -28.31 12.63 33.21
C LEU F 75 -29.34 13.46 32.46
N THR F 76 -29.11 14.76 32.38
CA THR F 76 -30.05 15.64 31.71
C THR F 76 -29.37 16.52 30.65
N ILE F 77 -29.86 16.45 29.43
CA ILE F 77 -29.30 17.24 28.34
C ILE F 77 -30.26 18.33 27.90
N SER F 78 -29.86 19.59 28.09
CA SER F 78 -30.71 20.70 27.70
C SER F 78 -30.35 21.13 26.30
N GLY F 79 -31.35 21.53 25.52
CA GLY F 79 -31.11 22.05 24.19
C GLY F 79 -30.38 21.07 23.28
N LEU F 80 -30.98 19.90 23.05
CA LEU F 80 -30.39 18.89 22.18
C LEU F 80 -29.97 19.46 20.83
N GLN F 81 -28.72 19.18 20.46
CA GLN F 81 -28.19 19.49 19.15
C GLN F 81 -27.86 18.17 18.48
N ALA F 82 -27.78 18.15 17.15
CA ALA F 82 -27.56 16.90 16.43
C ALA F 82 -26.41 16.08 17.00
N GLU F 83 -25.32 16.75 17.39
CA GLU F 83 -24.11 16.05 17.81
C GLU F 83 -24.23 15.36 19.17
N ASP F 84 -25.35 15.53 19.85
CA ASP F 84 -25.57 14.85 21.12
C ASP F 84 -26.05 13.41 20.89
N GLU F 85 -26.58 13.13 19.71
CA GLU F 85 -27.02 11.78 19.38
C GLU F 85 -25.89 10.77 19.56
N GLY F 86 -26.18 9.69 20.28
CA GLY F 86 -25.20 8.68 20.62
C GLY F 86 -25.76 7.77 21.69
N ASP F 87 -24.96 6.83 22.17
CA ASP F 87 -25.37 5.94 23.25
C ASP F 87 -24.82 6.45 24.58
N TYR F 88 -25.61 6.36 25.63
CA TYR F 88 -25.19 6.86 26.94
C TYR F 88 -25.16 5.81 28.04
N TYR F 89 -24.00 5.69 28.66
CA TYR F 89 -23.79 4.69 29.70
C TYR F 89 -23.43 5.39 31.01
N CYS F 90 -24.10 5.01 32.10
CA CYS F 90 -23.66 5.43 33.42
C CYS F 90 -22.78 4.36 34.09
N LYS F 91 -21.79 4.83 34.84
CA LYS F 91 -20.91 3.94 35.57
C LYS F 91 -21.03 4.24 37.06
N SER F 92 -21.04 3.20 37.87
CA SER F 92 -21.07 3.39 39.30
C SER F 92 -20.04 2.53 40.00
N LEU F 93 -19.68 2.95 41.21
CA LEU F 93 -18.76 2.23 42.05
C LEU F 93 -19.60 1.43 43.02
N THR F 94 -19.15 0.24 43.40
CA THR F 94 -19.94 -0.61 44.29
C THR F 94 -19.20 -0.91 45.59
N SER F 95 -19.93 -1.34 46.60
CA SER F 95 -19.40 -1.51 47.95
C SER F 95 -18.10 -2.34 48.05
N THR F 96 -17.91 -3.26 47.11
CA THR F 96 -16.70 -4.07 47.04
C THR F 96 -15.62 -3.40 46.19
N ARG F 97 -15.87 -2.15 45.81
CA ARG F 97 -14.93 -1.34 45.04
C ARG F 97 -14.73 -1.83 43.61
N ARG F 98 -15.73 -2.54 43.07
CA ARG F 98 -15.75 -2.85 41.66
C ARG F 98 -16.47 -1.73 40.93
N ARG F 99 -16.54 -1.83 39.61
CA ARG F 99 -17.27 -0.85 38.82
C ARG F 99 -18.39 -1.58 38.10
N VAL F 100 -19.48 -0.88 37.82
CA VAL F 100 -20.57 -1.45 37.04
C VAL F 100 -21.17 -0.41 36.10
N PHE F 101 -21.62 -0.85 34.93
CA PHE F 101 -22.07 0.07 33.89
C PHE F 101 -23.57 -0.06 33.72
N GLY F 102 -24.17 0.98 33.16
CA GLY F 102 -25.58 0.93 32.84
C GLY F 102 -25.81 -0.02 31.69
N THR F 103 -27.07 -0.34 31.42
CA THR F 103 -27.41 -1.18 30.29
C THR F 103 -27.35 -0.37 29.00
N GLY F 104 -27.22 0.94 29.15
CA GLY F 104 -27.08 1.82 28.00
C GLY F 104 -28.39 2.45 27.55
N THR F 105 -28.28 3.61 26.93
CA THR F 105 -29.41 4.32 26.36
C THR F 105 -29.06 4.85 24.98
N LYS F 106 -29.87 4.53 23.97
CA LYS F 106 -29.64 5.08 22.65
C LYS F 106 -30.46 6.35 22.47
N LEU F 107 -29.78 7.48 22.42
CA LEU F 107 -30.45 8.76 22.28
C LEU F 107 -30.47 9.23 20.81
N THR F 108 -31.66 9.59 20.34
CA THR F 108 -31.82 10.08 18.97
C THR F 108 -32.30 11.53 18.91
N VAL F 109 -31.43 12.43 18.49
CA VAL F 109 -31.86 13.77 18.13
C VAL F 109 -32.56 13.62 16.79
N LEU F 110 -33.76 14.17 16.66
CA LEU F 110 -34.61 13.74 15.56
C LEU F 110 -34.56 14.57 14.29
N GLY F 111 -33.92 13.97 13.29
CA GLY F 111 -33.95 14.46 11.94
C GLY F 111 -35.31 14.70 11.31
N GLN F 112 -36.12 13.66 11.19
CA GLN F 112 -37.38 13.73 10.47
C GLN F 112 -38.48 13.31 11.44
N PRO F 113 -39.75 13.30 10.98
CA PRO F 113 -40.82 12.83 11.87
C PRO F 113 -40.74 11.32 12.13
N LYS F 114 -41.27 10.89 13.27
CA LYS F 114 -41.25 9.49 13.67
C LYS F 114 -41.98 8.59 12.66
N ALA F 115 -41.54 7.33 12.53
CA ALA F 115 -42.11 6.41 11.54
C ALA F 115 -42.20 4.98 12.06
N ALA F 116 -43.34 4.35 11.81
CA ALA F 116 -43.60 2.98 12.29
C ALA F 116 -43.13 1.90 11.30
N PRO F 117 -42.84 0.70 11.83
CA PRO F 117 -42.21 -0.39 11.06
C PRO F 117 -43.15 -1.11 10.09
N SER F 118 -42.59 -1.54 8.96
CA SER F 118 -43.28 -2.46 8.06
C SER F 118 -42.80 -3.86 8.39
N VAL F 119 -43.73 -4.78 8.62
CA VAL F 119 -43.38 -6.11 9.10
C VAL F 119 -43.79 -7.21 8.13
N THR F 120 -42.80 -7.95 7.63
CA THR F 120 -43.06 -9.08 6.77
C THR F 120 -42.58 -10.35 7.44
N LEU F 121 -43.40 -11.38 7.41
CA LEU F 121 -43.02 -12.65 8.01
C LEU F 121 -43.04 -13.75 6.96
N PHE F 122 -41.92 -14.47 6.86
CA PHE F 122 -41.82 -15.56 5.90
C PHE F 122 -41.85 -16.93 6.60
N PRO F 123 -42.76 -17.79 6.16
CA PRO F 123 -42.79 -19.18 6.66
C PRO F 123 -41.55 -19.92 6.19
N PRO F 124 -41.18 -21.03 6.86
CA PRO F 124 -39.98 -21.77 6.46
C PRO F 124 -40.07 -22.29 5.02
N SER F 125 -39.03 -22.04 4.24
CA SER F 125 -38.99 -22.50 2.86
C SER F 125 -39.05 -24.02 2.78
N SER F 126 -39.66 -24.54 1.72
CA SER F 126 -39.79 -25.98 1.57
C SER F 126 -38.44 -26.65 1.32
N GLU F 127 -37.50 -25.91 0.76
CA GLU F 127 -36.14 -26.43 0.57
C GLU F 127 -35.48 -26.72 1.91
N GLU F 128 -35.79 -25.90 2.90
CA GLU F 128 -35.23 -26.06 4.24
C GLU F 128 -35.94 -27.15 5.05
N LEU F 129 -37.24 -27.30 4.84
CA LEU F 129 -38.02 -28.32 5.54
C LEU F 129 -37.53 -29.72 5.21
N GLN F 130 -37.15 -29.93 3.96
CA GLN F 130 -36.62 -31.21 3.50
C GLN F 130 -35.19 -31.39 4.00
N ALA F 131 -34.59 -30.30 4.47
CA ALA F 131 -33.25 -30.33 5.03
C ALA F 131 -33.30 -30.69 6.51
N ASN F 132 -34.50 -30.96 6.99
CA ASN F 132 -34.73 -31.30 8.40
C ASN F 132 -34.42 -30.13 9.33
N LYS F 133 -34.79 -28.93 8.87
CA LYS F 133 -34.68 -27.72 9.67
C LYS F 133 -35.88 -26.84 9.38
N ALA F 134 -36.12 -25.86 10.24
CA ALA F 134 -37.17 -24.88 10.00
C ALA F 134 -36.78 -23.54 10.61
N THR F 135 -37.07 -22.46 9.91
CA THR F 135 -36.79 -21.12 10.41
C THR F 135 -37.82 -20.11 9.94
N LEU F 136 -38.23 -19.24 10.85
CA LEU F 136 -39.16 -18.16 10.54
C LEU F 136 -38.41 -16.85 10.42
N VAL F 137 -38.66 -16.12 9.33
CA VAL F 137 -37.98 -14.85 9.11
C VAL F 137 -38.93 -13.67 9.26
N CYS F 138 -38.74 -12.90 10.33
CA CYS F 138 -39.53 -11.68 10.54
C CYS F 138 -38.72 -10.45 10.17
N LEU F 139 -39.08 -9.84 9.05
CA LEU F 139 -38.33 -8.71 8.50
C LEU F 139 -39.01 -7.39 8.82
N ILE F 140 -38.24 -6.48 9.41
CA ILE F 140 -38.75 -5.20 9.85
C ILE F 140 -38.08 -4.09 9.05
N SER F 141 -38.84 -3.08 8.66
CA SER F 141 -38.28 -2.01 7.83
C SER F 141 -39.00 -0.67 8.00
N ASP F 142 -38.33 0.39 7.55
CA ASP F 142 -38.93 1.72 7.45
C ASP F 142 -39.44 2.29 8.76
N PHE F 143 -38.64 2.18 9.82
CA PHE F 143 -39.03 2.76 11.12
C PHE F 143 -37.99 3.73 11.66
N TYR F 144 -38.37 4.50 12.68
CA TYR F 144 -37.52 5.58 13.18
C TYR F 144 -38.07 6.23 14.43
N PRO F 145 -37.21 6.48 15.43
CA PRO F 145 -35.78 6.15 15.41
C PRO F 145 -35.66 4.64 15.54
N GLY F 146 -34.58 4.02 15.07
CA GLY F 146 -34.53 2.58 15.24
C GLY F 146 -34.30 2.18 16.69
N ALA F 147 -35.36 1.66 17.32
CA ALA F 147 -35.26 0.83 18.50
C ALA F 147 -36.49 -0.07 18.47
N VAL F 148 -36.31 -1.38 18.56
CA VAL F 148 -37.45 -2.27 18.46
C VAL F 148 -37.36 -3.46 19.39
N THR F 149 -38.42 -3.69 20.14
CA THR F 149 -38.57 -4.92 20.89
C THR F 149 -39.16 -5.93 19.91
N VAL F 150 -38.52 -7.08 19.74
CA VAL F 150 -39.12 -8.15 18.96
C VAL F 150 -39.55 -9.28 19.88
N ALA F 151 -40.73 -9.83 19.61
CA ALA F 151 -41.26 -10.87 20.46
C ALA F 151 -41.98 -11.92 19.62
N TRP F 152 -41.67 -13.18 19.88
CA TRP F 152 -42.27 -14.28 19.14
C TRP F 152 -43.31 -15.03 19.97
N LYS F 153 -44.38 -15.46 19.31
CA LYS F 153 -45.38 -16.29 19.96
C LYS F 153 -45.84 -17.47 19.11
N ALA F 154 -45.58 -18.68 19.61
CA ALA F 154 -46.16 -19.88 19.04
C ALA F 154 -47.57 -19.98 19.60
N ASP F 155 -48.56 -19.96 18.72
CA ASP F 155 -49.94 -19.79 19.16
C ASP F 155 -50.04 -18.46 19.89
N SER F 156 -50.61 -18.47 21.09
CA SER F 156 -50.66 -17.30 21.96
C SER F 156 -49.57 -17.30 23.03
N SER F 157 -48.72 -18.33 23.00
CA SER F 157 -47.69 -18.51 24.04
C SER F 157 -46.35 -17.91 23.64
N PRO F 158 -45.76 -17.11 24.54
CA PRO F 158 -44.44 -16.50 24.34
C PRO F 158 -43.36 -17.56 24.09
N VAL F 159 -42.44 -17.27 23.18
CA VAL F 159 -41.36 -18.20 22.87
C VAL F 159 -39.99 -17.54 22.96
N LYS F 160 -39.21 -17.92 23.98
CA LYS F 160 -37.88 -17.35 24.17
C LYS F 160 -36.73 -18.24 23.68
N ALA F 161 -37.08 -19.41 23.15
CA ALA F 161 -36.07 -20.39 22.76
C ALA F 161 -35.71 -20.30 21.28
N GLY F 162 -34.41 -20.12 21.00
CA GLY F 162 -33.90 -20.16 19.64
C GLY F 162 -34.25 -18.96 18.78
N VAL F 163 -34.19 -17.76 19.36
CA VAL F 163 -34.45 -16.54 18.61
C VAL F 163 -33.24 -15.61 18.59
N GLU F 164 -32.82 -15.23 17.39
CA GLU F 164 -31.74 -14.28 17.21
C GLU F 164 -32.28 -13.04 16.50
N THR F 165 -31.94 -11.86 17.01
CA THR F 165 -32.42 -10.61 16.42
C THR F 165 -31.24 -9.67 16.14
N THR F 166 -31.27 -8.98 15.00
CA THR F 166 -30.24 -8.02 14.66
C THR F 166 -30.39 -6.71 15.43
N THR F 167 -29.28 -5.96 15.52
CA THR F 167 -29.33 -4.57 15.95
C THR F 167 -29.84 -3.78 14.77
N PRO F 168 -30.79 -2.86 15.00
CA PRO F 168 -31.33 -2.08 13.89
C PRO F 168 -30.20 -1.41 13.11
N SER F 169 -30.24 -1.54 11.79
CA SER F 169 -29.24 -0.93 10.93
C SER F 169 -29.89 0.13 10.05
N LYS F 170 -29.10 1.10 9.58
CA LYS F 170 -29.64 2.18 8.78
C LYS F 170 -29.86 1.78 7.32
N GLN F 171 -30.90 2.33 6.69
CA GLN F 171 -31.16 2.11 5.28
C GLN F 171 -30.70 3.33 4.50
N SER F 172 -30.85 3.27 3.18
CA SER F 172 -30.46 4.38 2.33
C SER F 172 -31.50 5.48 2.39
N ASN F 173 -32.72 5.11 2.79
CA ASN F 173 -33.87 6.03 2.77
C ASN F 173 -34.08 6.85 4.05
N ASN F 174 -33.10 6.80 4.95
CA ASN F 174 -33.15 7.61 6.17
C ASN F 174 -33.95 6.96 7.29
N LYS F 175 -34.37 5.72 7.07
CA LYS F 175 -35.07 4.95 8.10
C LYS F 175 -34.32 3.66 8.42
N TYR F 176 -34.66 3.02 9.55
CA TYR F 176 -33.93 1.83 9.99
C TYR F 176 -34.49 0.51 9.44
N ALA F 177 -33.81 -0.58 9.74
CA ALA F 177 -34.30 -1.92 9.42
C ALA F 177 -33.69 -2.94 10.37
N ALA F 178 -34.41 -4.03 10.60
CA ALA F 178 -33.95 -5.06 11.51
C ALA F 178 -34.62 -6.38 11.15
N SER F 179 -34.05 -7.48 11.62
CA SER F 179 -34.64 -8.78 11.38
C SER F 179 -34.62 -9.64 12.65
N SER F 180 -35.51 -10.63 12.69
CA SER F 180 -35.49 -11.60 13.77
C SER F 180 -35.75 -13.01 13.21
N TYR F 181 -34.85 -13.95 13.49
CA TYR F 181 -34.99 -15.31 12.99
C TYR F 181 -35.34 -16.28 14.11
N LEU F 182 -36.25 -17.20 13.82
CA LEU F 182 -36.71 -18.17 14.80
C LEU F 182 -36.37 -19.60 14.37
N SER F 183 -35.51 -20.26 15.14
CA SER F 183 -35.10 -21.62 14.83
C SER F 183 -36.06 -22.65 15.43
N LEU F 184 -36.51 -23.58 14.60
CA LEU F 184 -37.42 -24.63 15.03
C LEU F 184 -37.11 -25.94 14.33
N THR F 185 -37.54 -27.03 14.93
CA THR F 185 -37.50 -28.33 14.26
C THR F 185 -38.78 -28.47 13.45
N PRO F 186 -38.70 -29.19 12.32
CA PRO F 186 -39.87 -29.38 11.45
C PRO F 186 -41.09 -29.84 12.24
N GLU F 187 -40.88 -30.69 13.25
CA GLU F 187 -41.97 -31.17 14.09
C GLU F 187 -42.62 -30.00 14.84
N GLN F 188 -41.79 -29.12 15.37
CA GLN F 188 -42.28 -27.93 16.06
C GLN F 188 -43.16 -27.08 15.13
N TRP F 189 -42.65 -26.85 13.92
CA TRP F 189 -43.37 -26.04 12.95
C TRP F 189 -44.75 -26.62 12.61
N LYS F 190 -44.78 -27.91 12.32
CA LYS F 190 -46.04 -28.57 11.94
C LYS F 190 -46.95 -28.82 13.14
N SER F 191 -46.37 -29.02 14.31
CA SER F 191 -47.14 -29.31 15.52
C SER F 191 -48.02 -28.14 15.94
N HIS F 192 -47.45 -26.94 15.94
CA HIS F 192 -48.17 -25.76 16.40
C HIS F 192 -49.14 -25.17 15.38
N LYS F 193 -50.16 -24.49 15.91
CA LYS F 193 -51.23 -23.89 15.13
C LYS F 193 -50.73 -22.75 14.23
N SER F 194 -50.10 -21.76 14.85
CA SER F 194 -49.57 -20.60 14.13
C SER F 194 -48.46 -19.93 14.92
N TYR F 195 -47.66 -19.11 14.24
CA TYR F 195 -46.56 -18.41 14.89
C TYR F 195 -46.65 -16.90 14.63
N SER F 196 -46.41 -16.10 15.67
CA SER F 196 -46.58 -14.66 15.57
C SER F 196 -45.32 -13.86 15.84
N CYS F 197 -45.18 -12.73 15.14
CA CYS F 197 -44.07 -11.80 15.33
C CYS F 197 -44.62 -10.45 15.78
N GLN F 198 -44.32 -10.06 17.01
CA GLN F 198 -44.83 -8.79 17.55
C GLN F 198 -43.71 -7.78 17.79
N VAL F 199 -43.69 -6.75 16.96
CA VAL F 199 -42.66 -5.72 17.04
C VAL F 199 -43.15 -4.50 17.81
N THR F 200 -42.49 -4.18 18.92
CA THR F 200 -42.87 -3.04 19.74
C THR F 200 -41.96 -1.84 19.47
N HIS F 201 -42.53 -0.82 18.84
CA HIS F 201 -41.80 0.38 18.48
C HIS F 201 -42.46 1.64 19.03
N GLU F 202 -41.77 2.32 19.93
CA GLU F 202 -42.29 3.55 20.53
C GLU F 202 -43.57 3.29 21.29
N GLY F 203 -43.63 2.15 21.96
CA GLY F 203 -44.77 1.78 22.79
C GLY F 203 -45.92 1.15 22.03
N SER F 204 -45.74 0.99 20.72
CA SER F 204 -46.79 0.43 19.87
C SER F 204 -46.34 -0.87 19.20
N THR F 205 -47.21 -1.88 19.23
CA THR F 205 -46.89 -3.18 18.69
C THR F 205 -47.64 -3.48 17.39
N VAL F 206 -46.88 -3.90 16.38
CA VAL F 206 -47.46 -4.39 15.14
C VAL F 206 -47.21 -5.88 15.09
N GLU F 207 -48.14 -6.64 14.50
CA GLU F 207 -48.02 -8.09 14.52
C GLU F 207 -48.42 -8.75 13.22
N LYS F 208 -47.65 -9.74 12.81
CA LYS F 208 -47.95 -10.57 11.64
C LYS F 208 -47.97 -12.03 12.05
N THR F 209 -48.55 -12.88 11.21
CA THR F 209 -48.72 -14.29 11.56
C THR F 209 -48.65 -15.24 10.36
N VAL F 210 -48.08 -16.42 10.58
CA VAL F 210 -47.97 -17.44 9.54
C VAL F 210 -48.33 -18.82 10.11
N ALA F 211 -48.85 -19.70 9.25
CA ALA F 211 -49.24 -21.04 9.67
C ALA F 211 -48.97 -22.08 8.57
N PRO F 212 -48.64 -23.32 8.99
CA PRO F 212 -48.39 -24.44 8.08
C PRO F 212 -49.45 -24.59 7.00
N ARG G 2 25.23 10.13 -2.05
CA ARG G 2 23.93 9.78 -2.65
C ARG G 2 23.35 10.93 -3.47
N LEU G 3 22.76 10.61 -4.62
CA LEU G 3 22.12 11.60 -5.49
C LEU G 3 20.72 11.14 -5.91
N VAL G 4 19.80 12.09 -6.04
CA VAL G 4 18.42 11.76 -6.41
C VAL G 4 17.86 12.66 -7.52
N GLU G 5 17.58 12.08 -8.67
CA GLU G 5 16.98 12.81 -9.79
C GLU G 5 15.45 12.96 -9.69
N SER G 6 14.92 14.00 -10.33
CA SER G 6 13.47 14.20 -10.40
C SER G 6 13.12 15.29 -11.40
N GLY G 7 11.82 15.52 -11.61
CA GLY G 7 11.35 16.49 -12.58
C GLY G 7 11.01 15.87 -13.92
N GLY G 8 11.44 14.62 -14.12
CA GLY G 8 11.23 13.91 -15.37
C GLY G 8 9.77 13.62 -15.62
N GLY G 9 9.49 12.99 -16.76
CA GLY G 9 8.13 12.62 -17.09
C GLY G 9 7.94 12.40 -18.57
N VAL G 10 6.70 12.22 -18.99
CA VAL G 10 6.37 12.04 -20.40
C VAL G 10 5.80 13.31 -20.99
N VAL G 11 6.56 13.95 -21.88
CA VAL G 11 6.12 15.20 -22.49
C VAL G 11 6.00 15.08 -24.00
N GLN G 12 5.49 16.14 -24.63
CA GLN G 12 5.37 16.18 -26.07
C GLN G 12 6.57 16.84 -26.71
N PRO G 13 6.88 16.44 -27.96
CA PRO G 13 8.01 17.07 -28.63
C PRO G 13 7.78 18.57 -28.71
N GLY G 14 8.77 19.36 -28.31
CA GLY G 14 8.67 20.80 -28.39
C GLY G 14 8.40 21.44 -27.04
N SER G 15 7.89 20.65 -26.11
CA SER G 15 7.61 21.15 -24.77
C SER G 15 8.90 21.28 -23.97
N SER G 16 8.79 21.77 -22.75
CA SER G 16 9.96 21.99 -21.91
C SER G 16 9.83 21.30 -20.56
N LEU G 17 10.97 20.96 -19.98
CA LEU G 17 11.00 20.17 -18.76
C LEU G 17 12.28 20.51 -18.00
N ARG G 18 12.21 20.48 -16.67
CA ARG G 18 13.38 20.80 -15.87
C ARG G 18 13.69 19.70 -14.86
N LEU G 19 14.87 19.10 -14.98
CA LEU G 19 15.31 18.06 -14.07
C LEU G 19 16.14 18.63 -12.92
N SER G 20 15.99 18.03 -11.75
CA SER G 20 16.76 18.44 -10.57
C SER G 20 17.35 17.23 -9.85
N CYS G 21 18.62 17.35 -9.47
CA CYS G 21 19.31 16.29 -8.75
C CYS G 21 19.78 16.83 -7.40
N ALA G 22 19.16 16.35 -6.33
CA ALA G 22 19.49 16.79 -4.98
C ALA G 22 20.64 15.96 -4.42
N ALA G 23 21.64 16.63 -3.90
CA ALA G 23 22.85 15.95 -3.44
C ALA G 23 23.00 15.99 -1.92
N SER G 24 23.67 14.98 -1.38
CA SER G 24 23.88 14.89 0.05
C SER G 24 25.09 14.01 0.39
N GLY G 25 25.60 14.16 1.61
CA GLY G 25 26.65 13.30 2.10
C GLY G 25 28.05 13.70 1.67
N PHE G 26 28.16 14.75 0.86
CA PHE G 26 29.45 15.26 0.44
C PHE G 26 29.38 16.76 0.20
N ASP G 27 30.55 17.41 0.17
CA ASP G 27 30.56 18.85 -0.05
C ASP G 27 30.34 19.10 -1.53
N PHE G 28 29.23 19.76 -1.84
CA PHE G 28 28.75 19.92 -3.21
C PHE G 28 29.49 21.02 -3.97
N SER G 29 29.70 22.16 -3.30
CA SER G 29 30.28 23.33 -3.95
C SER G 29 31.73 23.12 -4.38
N ARG G 30 32.36 22.06 -3.89
CA ARG G 30 33.76 21.79 -4.19
C ARG G 30 33.96 20.77 -5.31
N GLN G 31 32.87 20.26 -5.88
CA GLN G 31 32.97 19.20 -6.90
C GLN G 31 32.18 19.45 -8.19
N GLY G 32 32.78 19.03 -9.31
CA GLY G 32 32.13 19.13 -10.60
C GLY G 32 31.06 18.06 -10.71
N MET G 33 30.14 18.26 -11.63
CA MET G 33 29.01 17.34 -11.80
C MET G 33 28.69 17.10 -13.27
N HIS G 34 28.05 15.97 -13.55
CA HIS G 34 27.69 15.61 -14.91
C HIS G 34 26.21 15.29 -15.02
N TRP G 35 25.72 15.28 -16.24
CA TRP G 35 24.44 14.66 -16.56
C TRP G 35 24.71 13.65 -17.65
N VAL G 36 24.23 12.42 -17.47
CA VAL G 36 24.39 11.42 -18.50
C VAL G 36 23.03 10.81 -18.80
N ARG G 37 22.76 10.56 -20.07
CA ARG G 37 21.50 9.94 -20.43
C ARG G 37 21.73 8.61 -21.12
N GLN G 38 20.76 7.72 -21.00
CA GLN G 38 20.82 6.44 -21.68
C GLN G 38 19.46 6.10 -22.27
N ALA G 39 19.39 5.95 -23.59
CA ALA G 39 18.13 5.57 -24.21
C ALA G 39 17.78 4.15 -23.77
N PRO G 40 16.49 3.80 -23.80
CA PRO G 40 16.12 2.42 -23.45
C PRO G 40 16.72 1.45 -24.47
N GLY G 41 17.45 0.44 -24.00
CA GLY G 41 18.10 -0.51 -24.88
C GLY G 41 19.26 0.05 -25.70
N GLN G 42 19.80 1.18 -25.27
CA GLN G 42 20.93 1.81 -25.94
C GLN G 42 22.10 1.96 -24.97
N GLY G 43 23.17 2.59 -25.44
CA GLY G 43 24.35 2.83 -24.62
C GLY G 43 24.33 4.18 -23.93
N LEU G 44 25.39 4.46 -23.17
CA LEU G 44 25.52 5.73 -22.46
C LEU G 44 25.90 6.86 -23.39
N GLU G 45 25.43 8.06 -23.08
CA GLU G 45 25.80 9.26 -23.80
C GLU G 45 25.96 10.41 -22.82
N TRP G 46 27.11 11.08 -22.88
CA TRP G 46 27.35 12.24 -22.05
C TRP G 46 26.42 13.37 -22.47
N VAL G 47 25.93 14.14 -21.51
CA VAL G 47 25.07 15.27 -21.83
C VAL G 47 25.77 16.58 -21.54
N ALA G 48 26.09 16.80 -20.26
CA ALA G 48 26.73 18.05 -19.85
C ALA G 48 27.59 17.91 -18.59
N PHE G 49 28.50 18.86 -18.41
CA PHE G 49 29.35 18.89 -17.23
C PHE G 49 29.44 20.32 -16.73
N ILE G 50 29.41 20.49 -15.41
CA ILE G 50 29.61 21.81 -14.83
C ILE G 50 30.67 21.81 -13.76
N LYS G 51 31.57 22.79 -13.84
CA LYS G 51 32.65 22.93 -12.88
C LYS G 51 32.04 23.22 -11.51
N TYR G 52 32.80 22.92 -10.45
CA TYR G 52 32.32 23.07 -9.09
C TYR G 52 31.66 24.44 -8.80
N ASP G 53 32.27 25.51 -9.26
CA ASP G 53 31.77 26.85 -9.00
C ASP G 53 30.82 27.36 -10.07
N GLY G 54 30.51 26.50 -11.05
CA GLY G 54 29.56 26.84 -12.10
C GLY G 54 30.04 27.95 -13.02
N SER G 55 31.33 28.26 -12.93
CA SER G 55 31.91 29.32 -13.76
C SER G 55 32.14 28.83 -15.19
N GLU G 56 32.03 27.51 -15.39
CA GLU G 56 32.15 26.92 -16.72
C GLU G 56 31.28 25.68 -16.88
N LYS G 57 30.75 25.50 -18.07
CA LYS G 57 29.90 24.36 -18.36
C LYS G 57 30.09 23.87 -19.79
N TYR G 58 30.10 22.56 -19.96
CA TYR G 58 30.29 21.96 -21.27
C TYR G 58 29.06 21.14 -21.62
N HIS G 59 28.61 21.24 -22.87
CA HIS G 59 27.46 20.46 -23.35
C HIS G 59 27.81 19.60 -24.56
N ALA G 60 27.09 18.50 -24.70
CA ALA G 60 27.30 17.59 -25.82
C ALA G 60 26.75 18.17 -27.12
N ASP G 61 27.33 17.74 -28.24
CA ASP G 61 26.94 18.30 -29.54
C ASP G 61 25.53 17.90 -29.96
N SER G 62 25.06 16.75 -29.48
CA SER G 62 23.72 16.31 -29.80
C SER G 62 22.65 17.12 -29.07
N VAL G 63 22.93 17.48 -27.83
CA VAL G 63 21.97 18.25 -27.01
C VAL G 63 22.17 19.77 -27.05
N TRP G 64 23.27 20.22 -27.61
CA TRP G 64 23.51 21.63 -27.85
C TRP G 64 22.37 22.09 -28.76
N GLY G 65 21.88 23.32 -28.62
CA GLY G 65 22.08 24.19 -27.48
C GLY G 65 20.80 24.22 -26.67
N ARG G 66 20.00 23.16 -26.82
CA ARG G 66 18.69 23.03 -26.18
C ARG G 66 18.76 22.71 -24.68
N LEU G 67 19.61 21.76 -24.29
CA LEU G 67 19.71 21.36 -22.89
C LEU G 67 20.82 22.08 -22.16
N SER G 68 20.46 22.82 -21.10
CA SER G 68 21.40 23.66 -20.38
C SER G 68 21.61 23.22 -18.93
N ILE G 69 22.86 22.88 -18.59
CA ILE G 69 23.23 22.52 -17.23
C ILE G 69 23.49 23.75 -16.36
N SER G 70 23.28 23.60 -15.06
CA SER G 70 23.40 24.71 -14.12
C SER G 70 23.20 24.23 -12.68
N ARG G 71 23.68 25.01 -11.72
CA ARG G 71 23.73 24.54 -10.33
C ARG G 71 23.52 25.66 -9.34
N ASP G 72 22.90 25.31 -8.21
CA ASP G 72 22.76 26.23 -7.09
C ASP G 72 23.48 25.62 -5.90
N ASN G 73 24.60 26.23 -5.50
CA ASN G 73 25.46 25.65 -4.47
C ASN G 73 24.91 25.79 -3.05
N SER G 74 24.06 26.78 -2.84
CA SER G 74 23.45 27.00 -1.53
C SER G 74 22.32 26.01 -1.27
N LYS G 75 21.70 25.53 -2.35
CA LYS G 75 20.65 24.52 -2.26
C LYS G 75 21.21 23.12 -2.46
N ASP G 76 22.50 23.01 -2.75
CA ASP G 76 23.12 21.74 -3.09
C ASP G 76 22.33 21.00 -4.17
N THR G 77 22.07 21.69 -5.28
CA THR G 77 21.27 21.13 -6.36
C THR G 77 21.90 21.33 -7.74
N LEU G 78 21.73 20.32 -8.59
CA LEU G 78 22.13 20.39 -9.98
C LEU G 78 20.86 20.38 -10.84
N TYR G 79 20.81 21.24 -11.84
CA TYR G 79 19.62 21.35 -12.67
C TYR G 79 19.90 20.96 -14.13
N LEU G 80 18.84 20.53 -14.82
CA LEU G 80 18.90 20.43 -16.28
C LEU G 80 17.64 21.01 -16.90
N GLN G 81 17.79 22.08 -17.66
CA GLN G 81 16.67 22.72 -18.33
C GLN G 81 16.56 22.18 -19.76
N MET G 82 15.46 21.48 -20.04
CA MET G 82 15.29 20.86 -21.35
C MET G 82 14.26 21.60 -22.21
N ASN G 83 14.72 22.19 -23.32
CA ASN G 83 13.86 22.95 -24.22
C ASN G 83 13.89 22.39 -25.63
N SER G 84 12.95 22.81 -26.47
CA SER G 84 12.84 22.29 -27.84
C SER G 84 13.02 20.76 -27.91
N LEU G 85 12.43 20.05 -26.95
CA LEU G 85 12.66 18.62 -26.84
C LEU G 85 12.37 17.85 -28.14
N ARG G 86 13.13 16.78 -28.37
CA ARG G 86 12.97 15.96 -29.56
C ARG G 86 12.70 14.52 -29.18
N VAL G 87 12.18 13.75 -30.13
CA VAL G 87 11.89 12.35 -29.87
C VAL G 87 13.16 11.61 -29.48
N GLU G 88 14.28 12.07 -30.04
CA GLU G 88 15.58 11.46 -29.74
C GLU G 88 16.08 11.82 -28.35
N ASP G 89 15.35 12.68 -27.65
CA ASP G 89 15.73 13.04 -26.28
C ASP G 89 15.23 12.04 -25.24
N THR G 90 14.49 11.04 -25.69
CA THR G 90 13.95 10.05 -24.76
C THR G 90 15.08 9.25 -24.16
N ALA G 91 15.13 9.20 -22.83
CA ALA G 91 16.18 8.48 -22.13
C ALA G 91 16.06 8.61 -20.61
N THR G 92 16.88 7.83 -19.92
CA THR G 92 17.01 7.94 -18.48
C THR G 92 18.16 8.88 -18.17
N TYR G 93 17.87 9.98 -17.48
CA TYR G 93 18.91 10.95 -17.19
C TYR G 93 19.52 10.75 -15.82
N PHE G 94 20.84 10.54 -15.78
CA PHE G 94 21.53 10.29 -14.52
C PHE G 94 22.26 11.53 -14.05
N CYS G 95 22.16 11.79 -12.75
CA CYS G 95 22.97 12.80 -12.10
C CYS G 95 24.25 12.09 -11.66
N VAL G 96 25.39 12.61 -12.09
CA VAL G 96 26.66 11.92 -11.87
C VAL G 96 27.73 12.85 -11.31
N ARG G 97 28.54 12.32 -10.41
CA ARG G 97 29.58 13.12 -9.77
C ARG G 97 30.95 12.87 -10.39
N GLU G 98 31.73 13.93 -10.60
CA GLU G 98 33.09 13.78 -11.07
C GLU G 98 34.01 13.56 -9.89
N ALA G 99 34.84 12.51 -9.96
CA ALA G 99 35.75 12.17 -8.88
C ALA G 99 36.86 13.21 -8.77
N GLY G 100 37.10 13.68 -7.54
CA GLY G 100 38.04 14.76 -7.33
C GLY G 100 38.75 14.71 -6.00
N GLY G 101 39.69 15.63 -5.83
CA GLY G 101 40.49 15.72 -4.61
C GLY G 101 41.69 16.61 -4.82
N PRO G 102 42.59 16.65 -3.84
CA PRO G 102 43.77 17.52 -3.90
C PRO G 102 44.83 17.01 -4.88
N TYR G 117 38.20 21.07 -5.78
CA TYR G 117 39.02 19.91 -6.05
C TYR G 117 39.53 19.94 -7.48
N TYR G 118 40.28 18.91 -7.83
CA TYR G 118 40.71 18.69 -9.20
C TYR G 118 40.08 17.41 -9.72
N ASN G 119 39.37 17.52 -10.84
CA ASN G 119 38.72 16.36 -11.45
C ASN G 119 39.71 15.23 -11.67
N TYR G 120 39.33 14.01 -11.31
CA TYR G 120 40.19 12.85 -11.55
C TYR G 120 39.84 12.17 -12.88
N HIS G 121 38.83 12.70 -13.55
CA HIS G 121 38.42 12.21 -14.86
C HIS G 121 37.81 10.81 -14.84
N TYR G 122 37.03 10.54 -13.79
CA TYR G 122 36.17 9.36 -13.76
C TYR G 122 34.96 9.61 -12.86
N MET G 123 33.86 8.93 -13.14
CA MET G 123 32.59 9.21 -12.47
C MET G 123 32.29 8.19 -11.36
N ASP G 124 32.35 8.65 -10.11
CA ASP G 124 32.26 7.75 -8.95
C ASP G 124 30.88 7.57 -8.29
N VAL G 125 29.91 8.42 -8.62
CA VAL G 125 28.61 8.34 -7.95
C VAL G 125 27.44 8.60 -8.89
N TRP G 126 26.43 7.74 -8.81
CA TRP G 126 25.30 7.80 -9.71
C TRP G 126 23.96 7.85 -8.96
N GLY G 127 23.04 8.66 -9.46
CA GLY G 127 21.67 8.62 -9.01
C GLY G 127 20.98 7.47 -9.72
N LYS G 128 19.84 7.04 -9.20
CA LYS G 128 19.11 5.94 -9.81
C LYS G 128 18.56 6.33 -11.18
N GLY G 129 18.54 7.63 -11.45
CA GLY G 129 18.14 8.17 -12.74
C GLY G 129 16.67 8.53 -12.81
N THR G 130 16.36 9.56 -13.60
CA THR G 130 14.99 9.95 -13.87
C THR G 130 14.69 9.78 -15.35
N THR G 131 13.55 9.16 -15.67
CA THR G 131 13.19 8.94 -17.05
C THR G 131 12.55 10.17 -17.68
N VAL G 132 12.76 10.29 -18.98
CA VAL G 132 12.11 11.32 -19.79
C VAL G 132 11.65 10.67 -21.09
N THR G 133 10.38 10.82 -21.39
CA THR G 133 9.83 10.29 -22.63
C THR G 133 9.22 11.41 -23.45
N VAL G 134 9.81 11.65 -24.61
CA VAL G 134 9.27 12.65 -25.53
C VAL G 134 8.53 11.92 -26.62
N SER G 135 7.20 12.08 -26.66
CA SER G 135 6.36 11.31 -27.57
C SER G 135 5.24 12.13 -28.18
N SER G 136 5.02 11.93 -29.48
CA SER G 136 3.94 12.61 -30.20
C SER G 136 2.60 11.90 -30.00
N ALA G 137 2.67 10.60 -29.75
CA ALA G 137 1.47 9.77 -29.67
C ALA G 137 0.54 10.11 -28.49
N SER G 138 -0.73 9.78 -28.65
CA SER G 138 -1.73 9.93 -27.60
C SER G 138 -2.32 8.56 -27.32
N THR G 139 -2.95 8.40 -26.16
CA THR G 139 -3.50 7.11 -25.80
C THR G 139 -4.37 6.60 -26.95
N LYS G 140 -4.09 5.39 -27.41
CA LYS G 140 -4.68 4.89 -28.65
C LYS G 140 -4.84 3.38 -28.65
N GLY G 141 -5.89 2.90 -29.33
CA GLY G 141 -6.16 1.48 -29.40
C GLY G 141 -5.31 0.75 -30.42
N PRO G 142 -4.97 -0.51 -30.12
CA PRO G 142 -4.18 -1.36 -31.00
C PRO G 142 -4.96 -1.86 -32.21
N SER G 143 -4.28 -1.91 -33.37
CA SER G 143 -4.87 -2.45 -34.58
C SER G 143 -4.31 -3.86 -34.80
N VAL G 144 -5.17 -4.87 -34.66
CA VAL G 144 -4.73 -6.27 -34.70
C VAL G 144 -4.92 -6.95 -36.05
N PHE G 145 -3.85 -7.52 -36.59
CA PHE G 145 -3.92 -8.21 -37.86
C PHE G 145 -3.31 -9.60 -37.75
N PRO G 146 -3.95 -10.60 -38.40
CA PRO G 146 -3.52 -11.99 -38.33
C PRO G 146 -2.27 -12.26 -39.15
N LEU G 147 -1.37 -13.09 -38.63
CA LEU G 147 -0.23 -13.58 -39.39
C LEU G 147 -0.46 -15.06 -39.65
N ALA G 148 -0.74 -15.40 -40.90
CA ALA G 148 -1.20 -16.74 -41.26
C ALA G 148 -0.06 -17.71 -41.59
N PRO G 149 -0.27 -19.00 -41.27
CA PRO G 149 0.66 -20.09 -41.56
C PRO G 149 0.71 -20.42 -43.06
N SER G 150 1.90 -20.62 -43.59
CA SER G 150 2.06 -20.91 -45.02
C SER G 150 1.53 -22.29 -45.38
N GLY G 157 6.38 -31.29 -39.70
CA GLY G 157 4.94 -31.22 -39.57
C GLY G 157 4.50 -30.15 -38.58
N THR G 158 5.29 -29.08 -38.48
CA THR G 158 5.00 -28.00 -37.55
C THR G 158 4.71 -26.68 -38.28
N ALA G 159 3.59 -26.05 -37.91
CA ALA G 159 3.21 -24.78 -38.51
C ALA G 159 3.42 -23.64 -37.53
N ALA G 160 3.79 -22.47 -38.06
CA ALA G 160 3.98 -21.30 -37.22
C ALA G 160 3.02 -20.18 -37.65
N LEU G 161 2.24 -19.69 -36.69
CA LEU G 161 1.29 -18.62 -36.94
C LEU G 161 1.30 -17.63 -35.79
N GLY G 162 0.65 -16.48 -35.98
CA GLY G 162 0.58 -15.49 -34.93
C GLY G 162 -0.21 -14.24 -35.27
N CYS G 163 -0.37 -13.36 -34.28
CA CYS G 163 -1.09 -12.11 -34.47
C CYS G 163 -0.13 -10.93 -34.47
N LEU G 164 -0.40 -9.95 -35.33
CA LEU G 164 0.39 -8.74 -35.37
C LEU G 164 -0.36 -7.59 -34.70
N VAL G 165 0.16 -7.15 -33.57
CA VAL G 165 -0.40 -6.00 -32.87
C VAL G 165 0.35 -4.72 -33.25
N LYS G 166 -0.38 -3.75 -33.79
CA LYS G 166 0.26 -2.57 -34.34
C LYS G 166 -0.38 -1.26 -33.89
N ASP G 167 0.43 -0.23 -33.73
CA ASP G 167 -0.06 1.12 -33.46
C ASP G 167 -0.92 1.23 -32.20
N TYR G 168 -0.34 0.86 -31.06
CA TYR G 168 -1.01 1.09 -29.77
C TYR G 168 -0.10 1.91 -28.83
N PHE G 169 -0.72 2.72 -27.98
CA PHE G 169 0.03 3.46 -26.96
C PHE G 169 -0.84 3.65 -25.71
N PRO G 170 -0.22 3.62 -24.52
CA PRO G 170 1.14 3.21 -24.20
C PRO G 170 1.22 1.74 -23.81
N GLU G 171 2.41 1.30 -23.41
CA GLU G 171 2.61 -0.05 -22.89
C GLU G 171 1.87 -0.25 -21.57
N PRO G 172 1.60 -1.52 -21.21
CA PRO G 172 1.69 -2.74 -22.02
C PRO G 172 0.34 -3.15 -22.61
N VAL G 173 0.34 -4.25 -23.36
CA VAL G 173 -0.89 -4.97 -23.69
C VAL G 173 -0.65 -6.47 -23.55
N THR G 174 -1.63 -7.20 -23.03
CA THR G 174 -1.46 -8.63 -22.85
C THR G 174 -2.20 -9.43 -23.93
N VAL G 175 -1.57 -10.50 -24.39
CA VAL G 175 -2.16 -11.30 -25.45
C VAL G 175 -2.21 -12.78 -25.09
N SER G 176 -3.42 -13.35 -25.12
CA SER G 176 -3.59 -14.77 -24.88
C SER G 176 -4.11 -15.44 -26.16
N TRP G 177 -4.28 -16.75 -26.10
CA TRP G 177 -4.75 -17.50 -27.26
C TRP G 177 -5.89 -18.45 -26.89
N ASN G 178 -6.98 -18.41 -27.65
CA ASN G 178 -8.16 -19.18 -27.34
C ASN G 178 -8.62 -18.94 -25.90
N SER G 179 -8.41 -17.71 -25.44
CA SER G 179 -8.73 -17.33 -24.07
C SER G 179 -7.97 -18.16 -23.03
N GLY G 180 -6.66 -18.21 -23.18
CA GLY G 180 -5.80 -18.88 -22.21
C GLY G 180 -5.85 -20.39 -22.31
N ALA G 181 -6.68 -20.89 -23.22
CA ALA G 181 -6.82 -22.33 -23.44
C ALA G 181 -5.50 -22.91 -23.94
N LEU G 182 -4.98 -22.34 -25.03
CA LEU G 182 -3.73 -22.80 -25.59
C LEU G 182 -2.57 -21.97 -25.04
N THR G 183 -1.80 -22.56 -24.15
CA THR G 183 -0.55 -21.98 -23.64
C THR G 183 0.74 -22.59 -24.21
N SER G 184 0.63 -23.60 -25.06
CA SER G 184 1.78 -24.38 -25.49
C SER G 184 2.34 -23.99 -26.85
N GLY G 185 3.53 -23.41 -26.85
CA GLY G 185 4.20 -23.01 -28.09
C GLY G 185 4.05 -21.53 -28.39
N VAL G 186 3.49 -20.80 -27.43
CA VAL G 186 3.19 -19.38 -27.61
C VAL G 186 4.40 -18.50 -27.30
N HIS G 187 4.73 -17.62 -28.23
CA HIS G 187 5.78 -16.63 -28.00
C HIS G 187 5.29 -15.23 -28.32
N THR G 188 5.18 -14.41 -27.28
CA THR G 188 4.87 -13.00 -27.48
C THR G 188 6.17 -12.25 -27.36
N PHE G 189 6.61 -11.65 -28.47
CA PHE G 189 7.88 -10.92 -28.51
C PHE G 189 7.75 -9.53 -27.90
N PRO G 190 8.89 -8.94 -27.52
CA PRO G 190 8.93 -7.52 -27.13
C PRO G 190 8.38 -6.63 -28.25
N ALA G 191 7.84 -5.47 -27.88
CA ALA G 191 7.26 -4.55 -28.83
C ALA G 191 8.31 -3.57 -29.34
N VAL G 192 8.22 -3.23 -30.63
CA VAL G 192 9.09 -2.21 -31.21
C VAL G 192 8.44 -0.84 -31.11
N LEU G 193 9.26 0.18 -30.90
CA LEU G 193 8.76 1.54 -30.87
C LEU G 193 9.09 2.20 -32.20
N GLN G 194 8.07 2.41 -33.02
CA GLN G 194 8.26 2.99 -34.34
C GLN G 194 8.48 4.50 -34.31
N SER G 195 9.09 5.02 -35.36
CA SER G 195 9.42 6.44 -35.43
C SER G 195 8.18 7.32 -35.24
N SER G 196 7.01 6.77 -35.54
CA SER G 196 5.75 7.50 -35.38
C SER G 196 5.39 7.71 -33.91
N GLY G 197 5.99 6.91 -33.03
CA GLY G 197 5.75 7.02 -31.60
C GLY G 197 4.85 5.94 -31.06
N LEU G 198 4.36 5.09 -31.96
CA LEU G 198 3.42 4.02 -31.58
C LEU G 198 4.08 2.65 -31.54
N TYR G 199 3.72 1.85 -30.53
CA TYR G 199 4.28 0.53 -30.37
C TYR G 199 3.65 -0.53 -31.28
N SER G 200 4.41 -1.57 -31.60
CA SER G 200 3.90 -2.71 -32.34
C SER G 200 4.63 -3.97 -31.87
N LEU G 201 3.93 -5.09 -31.80
CA LEU G 201 4.53 -6.36 -31.39
C LEU G 201 3.85 -7.57 -32.04
N SER G 202 4.53 -8.71 -32.01
CA SER G 202 3.98 -9.95 -32.55
C SER G 202 3.90 -11.04 -31.50
N SER G 203 2.98 -11.98 -31.72
CA SER G 203 2.85 -13.14 -30.85
C SER G 203 2.66 -14.36 -31.74
N VAL G 204 3.48 -15.39 -31.53
CA VAL G 204 3.38 -16.58 -32.35
C VAL G 204 3.22 -17.85 -31.52
N VAL G 205 2.37 -18.73 -32.01
CA VAL G 205 2.17 -20.04 -31.40
C VAL G 205 2.53 -21.13 -32.40
N THR G 206 3.24 -22.14 -31.93
CA THR G 206 3.65 -23.25 -32.79
C THR G 206 2.72 -24.45 -32.63
N VAL G 207 2.10 -24.85 -33.74
CA VAL G 207 1.08 -25.88 -33.73
C VAL G 207 1.34 -26.97 -34.77
N PRO G 208 0.81 -28.18 -34.55
CA PRO G 208 0.89 -29.28 -35.52
C PRO G 208 0.17 -28.92 -36.82
N SER G 209 0.82 -29.14 -37.95
CA SER G 209 0.23 -28.80 -39.24
C SER G 209 -1.15 -29.43 -39.42
N SER G 210 -1.36 -30.57 -38.77
CA SER G 210 -2.59 -31.34 -38.94
C SER G 210 -3.81 -30.67 -38.31
N SER G 211 -3.60 -29.94 -37.23
CA SER G 211 -4.70 -29.30 -36.51
C SER G 211 -5.31 -28.13 -37.28
N LEU G 212 -4.60 -27.65 -38.29
CA LEU G 212 -5.07 -26.53 -39.10
C LEU G 212 -6.32 -26.89 -39.89
N GLY G 213 -7.29 -25.99 -39.91
CA GLY G 213 -8.56 -26.23 -40.56
C GLY G 213 -9.47 -27.03 -39.66
N THR G 214 -8.88 -27.63 -38.64
CA THR G 214 -9.64 -28.40 -37.65
C THR G 214 -9.88 -27.55 -36.42
N GLN G 215 -8.80 -27.24 -35.71
CA GLN G 215 -8.88 -26.41 -34.52
C GLN G 215 -8.98 -24.93 -34.89
N THR G 216 -9.78 -24.19 -34.14
CA THR G 216 -9.88 -22.75 -34.33
C THR G 216 -8.81 -22.05 -33.49
N TYR G 217 -8.11 -21.09 -34.10
CA TYR G 217 -7.09 -20.36 -33.38
C TYR G 217 -7.44 -18.88 -33.27
N ILE G 218 -7.53 -18.40 -32.04
CA ILE G 218 -7.90 -17.02 -31.78
C ILE G 218 -6.93 -16.38 -30.80
N CYS G 219 -6.54 -15.15 -31.08
CA CYS G 219 -5.69 -14.39 -30.16
C CYS G 219 -6.50 -13.29 -29.47
N ASN G 220 -6.27 -13.12 -28.18
CA ASN G 220 -6.98 -12.10 -27.42
C ASN G 220 -6.05 -10.96 -27.05
N VAL G 221 -6.27 -9.81 -27.66
CA VAL G 221 -5.45 -8.64 -27.39
C VAL G 221 -6.19 -7.70 -26.45
N ASN G 222 -5.55 -7.33 -25.35
CA ASN G 222 -6.16 -6.48 -24.34
C ASN G 222 -5.32 -5.26 -24.00
N HIS G 223 -5.84 -4.07 -24.30
CA HIS G 223 -5.16 -2.83 -23.96
C HIS G 223 -5.90 -2.15 -22.81
N LYS G 224 -5.27 -2.15 -21.65
CA LYS G 224 -5.89 -1.61 -20.44
C LYS G 224 -6.05 -0.08 -20.44
N PRO G 225 -4.98 0.66 -20.77
CA PRO G 225 -5.02 2.13 -20.76
C PRO G 225 -6.14 2.72 -21.61
N SER G 226 -6.40 2.13 -22.78
CA SER G 226 -7.49 2.60 -23.64
C SER G 226 -8.77 1.80 -23.45
N ASN G 227 -8.70 0.75 -22.63
CA ASN G 227 -9.81 -0.18 -22.47
C ASN G 227 -10.30 -0.74 -23.80
N THR G 228 -9.38 -1.29 -24.58
CA THR G 228 -9.70 -1.91 -25.86
C THR G 228 -9.45 -3.42 -25.79
N LYS G 229 -10.50 -4.20 -26.03
CA LYS G 229 -10.35 -5.65 -26.16
C LYS G 229 -10.73 -6.11 -27.55
N VAL G 230 -9.85 -6.88 -28.18
CA VAL G 230 -10.08 -7.34 -29.54
C VAL G 230 -9.69 -8.80 -29.73
N ASP G 231 -10.51 -9.54 -30.46
CA ASP G 231 -10.24 -10.95 -30.77
C ASP G 231 -10.21 -11.16 -32.29
N LYS G 232 -9.07 -11.64 -32.78
CA LYS G 232 -8.90 -11.89 -34.20
C LYS G 232 -8.75 -13.38 -34.48
N LYS G 233 -9.50 -13.88 -35.46
CA LYS G 233 -9.38 -15.27 -35.88
C LYS G 233 -8.25 -15.41 -36.89
N VAL G 234 -7.35 -16.34 -36.62
CA VAL G 234 -6.20 -16.56 -37.50
C VAL G 234 -6.40 -17.84 -38.30
N GLU G 235 -6.40 -17.72 -39.62
CA GLU G 235 -6.62 -18.86 -40.50
C GLU G 235 -5.81 -18.79 -41.79
N PRO G 236 -5.57 -19.96 -42.42
CA PRO G 236 -4.75 -20.09 -43.63
C PRO G 236 -5.02 -18.98 -44.66
N SER H 2 30.88 12.57 -31.59
CA SER H 2 31.11 11.32 -32.31
C SER H 2 31.66 10.23 -31.39
N ALA H 3 30.95 9.10 -31.31
CA ALA H 3 31.27 8.04 -30.37
C ALA H 3 32.64 7.39 -30.59
N LEU H 4 33.23 6.91 -29.50
CA LEU H 4 34.41 6.07 -29.57
C LEU H 4 33.98 4.65 -29.93
N THR H 5 34.68 4.02 -30.88
CA THR H 5 34.22 2.77 -31.45
C THR H 5 34.62 1.54 -30.65
N GLN H 6 33.61 0.78 -30.22
CA GLN H 6 33.83 -0.48 -29.53
C GLN H 6 33.16 -1.59 -30.34
N PRO H 7 33.62 -2.83 -30.13
CA PRO H 7 32.99 -4.02 -30.71
C PRO H 7 31.64 -4.26 -30.05
N ALA H 8 30.60 -4.48 -30.83
CA ALA H 8 29.25 -4.61 -30.29
C ALA H 8 29.18 -5.62 -29.14
N SER H 9 29.86 -6.74 -29.31
CA SER H 9 29.83 -7.80 -28.30
C SER H 9 31.14 -8.59 -28.25
N VAL H 10 31.46 -9.09 -27.06
CA VAL H 10 32.41 -10.17 -26.91
C VAL H 10 31.70 -11.32 -26.22
N SER H 11 32.42 -12.42 -26.05
CA SER H 11 31.91 -13.55 -25.29
C SER H 11 33.09 -14.41 -24.85
N GLY H 12 32.89 -15.21 -23.81
CA GLY H 12 33.93 -16.11 -23.36
C GLY H 12 33.44 -17.19 -22.42
N SER H 13 34.17 -18.30 -22.41
CA SER H 13 33.89 -19.35 -21.45
C SER H 13 34.46 -18.90 -20.13
N PRO H 14 33.85 -19.35 -19.03
CA PRO H 14 34.38 -19.02 -17.71
C PRO H 14 35.84 -19.41 -17.60
N GLY H 15 36.65 -18.53 -17.02
CA GLY H 15 38.07 -18.77 -16.88
C GLY H 15 38.87 -18.22 -18.04
N GLN H 16 38.17 -17.94 -19.14
CA GLN H 16 38.83 -17.37 -20.32
C GLN H 16 39.18 -15.90 -20.09
N SER H 17 40.26 -15.46 -20.70
CA SER H 17 40.61 -14.05 -20.72
C SER H 17 40.11 -13.44 -22.02
N ILE H 18 39.58 -12.23 -21.95
CA ILE H 18 39.07 -11.55 -23.14
C ILE H 18 39.50 -10.06 -23.16
N THR H 19 39.33 -9.43 -24.31
CA THR H 19 39.71 -8.03 -24.47
C THR H 19 38.66 -7.23 -25.25
N ILE H 20 38.44 -5.99 -24.81
CA ILE H 20 37.55 -5.06 -25.49
C ILE H 20 38.35 -3.85 -25.96
N SER H 21 38.12 -3.44 -27.20
CA SER H 21 38.85 -2.31 -27.77
C SER H 21 38.00 -1.03 -27.84
N CYS H 22 38.63 0.10 -27.55
CA CYS H 22 38.00 1.40 -27.71
C CYS H 22 38.89 2.24 -28.61
N GLN H 23 38.42 2.53 -29.82
CA GLN H 23 39.23 3.28 -30.78
C GLN H 23 38.70 4.68 -31.03
N GLY H 24 39.48 5.67 -30.59
CA GLY H 24 39.16 7.07 -30.81
C GLY H 24 40.08 7.74 -31.82
N THR H 25 40.21 9.04 -31.67
CA THR H 25 41.12 9.84 -32.47
C THR H 25 42.23 10.36 -31.58
N SER H 26 43.13 11.15 -32.15
CA SER H 26 44.23 11.72 -31.38
C SER H 26 43.75 12.89 -30.52
N ASN H 27 42.50 13.32 -30.72
CA ASN H 27 41.95 14.43 -29.95
C ASN H 27 41.19 14.00 -28.70
N ASP H 28 41.03 12.70 -28.51
CA ASP H 28 40.47 12.18 -27.27
C ASP H 28 41.26 11.01 -26.66
N VAL H 29 41.21 9.84 -27.30
CA VAL H 29 41.83 8.65 -26.74
C VAL H 29 43.34 8.64 -26.91
N GLY H 30 43.81 9.17 -28.04
CA GLY H 30 45.22 9.22 -28.35
C GLY H 30 45.89 10.50 -27.89
N GLY H 31 45.08 11.43 -27.38
CA GLY H 31 45.60 12.70 -26.91
C GLY H 31 45.69 12.86 -25.41
N TYR H 32 45.14 11.91 -24.67
CA TYR H 32 45.12 12.01 -23.21
C TYR H 32 45.17 10.67 -22.48
N GLU H 33 45.52 10.73 -21.21
CA GLU H 33 45.60 9.55 -20.35
C GLU H 33 44.31 9.32 -19.56
N SER H 34 43.26 10.07 -19.90
CA SER H 34 42.02 10.08 -19.13
C SER H 34 41.01 8.97 -19.45
N VAL H 35 41.37 8.06 -20.35
CA VAL H 35 40.45 6.96 -20.68
C VAL H 35 40.05 6.16 -19.44
N SER H 36 38.75 5.99 -19.24
CA SER H 36 38.24 5.21 -18.12
C SER H 36 37.21 4.23 -18.65
N TRP H 37 36.92 3.19 -17.88
CA TRP H 37 36.05 2.10 -18.30
C TRP H 37 34.91 1.80 -17.32
N TYR H 38 33.72 1.56 -17.85
CA TYR H 38 32.57 1.34 -17.00
C TYR H 38 31.88 0.01 -17.27
N GLN H 39 31.57 -0.71 -16.19
CA GLN H 39 30.73 -1.92 -16.24
C GLN H 39 29.26 -1.60 -15.88
N GLN H 40 28.32 -2.20 -16.61
CA GLN H 40 26.91 -1.98 -16.35
C GLN H 40 26.07 -3.25 -16.38
N HIS H 41 25.34 -3.49 -15.29
CA HIS H 41 24.37 -4.58 -15.21
C HIS H 41 22.96 -4.10 -15.57
N PRO H 42 22.08 -5.05 -15.97
CA PRO H 42 20.69 -4.70 -16.28
C PRO H 42 20.03 -3.92 -15.14
N GLY H 43 19.32 -2.84 -15.49
CA GLY H 43 18.55 -2.08 -14.53
C GLY H 43 19.35 -1.35 -13.46
N LYS H 44 20.66 -1.30 -13.63
CA LYS H 44 21.53 -0.67 -12.65
C LYS H 44 22.35 0.44 -13.29
N ALA H 45 22.91 1.32 -12.47
CA ALA H 45 23.79 2.38 -12.97
C ALA H 45 25.22 1.87 -13.13
N PRO H 46 25.95 2.42 -14.11
CA PRO H 46 27.32 2.00 -14.39
C PRO H 46 28.23 2.11 -13.17
N LYS H 47 29.27 1.28 -13.15
CA LYS H 47 30.31 1.36 -12.14
C LYS H 47 31.65 1.42 -12.84
N VAL H 48 32.54 2.28 -12.36
CA VAL H 48 33.86 2.39 -12.99
C VAL H 48 34.79 1.26 -12.56
N VAL H 49 35.22 0.45 -13.53
CA VAL H 49 36.23 -0.55 -13.26
C VAL H 49 37.68 -0.16 -13.61
N ILE H 50 37.85 0.94 -14.35
CA ILE H 50 39.20 1.39 -14.75
C ILE H 50 39.27 2.91 -14.94
N TYR H 51 40.38 3.52 -14.53
CA TYR H 51 40.56 4.96 -14.74
C TYR H 51 42.02 5.37 -14.95
N ASP H 52 42.23 6.47 -15.67
CA ASP H 52 43.56 6.90 -16.10
C ASP H 52 44.23 5.78 -16.89
N VAL H 53 43.38 4.94 -17.46
CA VAL H 53 43.68 3.93 -18.46
C VAL H 53 44.37 2.67 -17.92
N SER H 54 45.14 2.81 -16.85
CA SER H 54 45.72 1.63 -16.20
C SER H 54 45.15 1.31 -14.83
N LYS H 55 44.35 2.21 -14.27
CA LYS H 55 44.14 2.22 -12.82
C LYS H 55 42.81 1.65 -12.34
N ARG H 56 42.88 0.86 -11.26
CA ARG H 56 41.71 0.27 -10.65
C ARG H 56 41.29 1.05 -9.41
N PRO H 57 40.00 1.41 -9.35
CA PRO H 57 39.39 2.09 -8.18
C PRO H 57 39.27 1.10 -7.04
N SER H 58 39.44 1.58 -5.81
CA SER H 58 39.44 0.69 -4.64
C SER H 58 38.19 -0.21 -4.65
N GLY H 59 38.40 -1.51 -4.49
CA GLY H 59 37.30 -2.45 -4.45
C GLY H 59 37.14 -3.30 -5.70
N VAL H 60 37.86 -2.95 -6.76
CA VAL H 60 37.77 -3.69 -8.01
C VAL H 60 38.73 -4.88 -8.03
N SER H 61 38.29 -5.96 -8.68
CA SER H 61 39.08 -7.17 -8.79
C SER H 61 40.37 -6.91 -9.55
N ASN H 62 41.40 -7.71 -9.31
CA ASN H 62 42.69 -7.55 -9.96
C ASN H 62 42.65 -8.24 -11.32
N ARG H 63 41.48 -8.79 -11.66
CA ARG H 63 41.26 -9.46 -12.94
C ARG H 63 41.04 -8.43 -14.06
N PHE H 64 40.84 -7.17 -13.66
CA PHE H 64 40.59 -6.08 -14.60
C PHE H 64 41.83 -5.22 -14.81
N SER H 65 42.29 -5.14 -16.05
CA SER H 65 43.45 -4.31 -16.39
C SER H 65 43.09 -3.42 -17.57
N GLY H 66 43.91 -2.40 -17.79
CA GLY H 66 43.65 -1.53 -18.92
C GLY H 66 44.96 -1.12 -19.54
N SER H 67 44.87 -0.66 -20.78
CA SER H 67 46.05 -0.37 -21.57
C SER H 67 45.69 0.61 -22.67
N LYS H 68 46.70 1.25 -23.23
CA LYS H 68 46.50 2.10 -24.38
C LYS H 68 47.65 1.98 -25.36
N SER H 69 47.32 1.77 -26.63
CA SER H 69 48.28 1.85 -27.71
C SER H 69 47.72 2.76 -28.79
N GLY H 70 48.39 3.89 -29.03
CA GLY H 70 47.96 4.84 -30.03
C GLY H 70 46.61 5.46 -29.69
N ASN H 71 45.68 5.38 -30.63
CA ASN H 71 44.31 5.88 -30.43
C ASN H 71 43.34 4.80 -29.96
N THR H 72 43.86 3.61 -29.68
CA THR H 72 43.03 2.50 -29.23
C THR H 72 43.38 2.08 -27.81
N ALA H 73 42.43 2.26 -26.90
CA ALA H 73 42.60 1.78 -25.52
C ALA H 73 41.81 0.49 -25.31
N SER H 74 42.37 -0.43 -24.53
CA SER H 74 41.73 -1.73 -24.33
C SER H 74 41.52 -2.07 -22.87
N LEU H 75 40.38 -2.68 -22.58
CA LEU H 75 40.09 -3.23 -21.28
C LEU H 75 40.27 -4.74 -21.38
N THR H 76 40.96 -5.32 -20.41
CA THR H 76 41.20 -6.77 -20.43
C THR H 76 40.76 -7.46 -19.14
N ILE H 77 39.90 -8.46 -19.28
CA ILE H 77 39.40 -9.18 -18.12
C ILE H 77 39.98 -10.59 -18.08
N SER H 78 40.77 -10.88 -17.05
CA SER H 78 41.34 -12.21 -16.91
C SER H 78 40.44 -13.07 -16.05
N GLY H 79 40.33 -14.35 -16.40
CA GLY H 79 39.58 -15.28 -15.59
C GLY H 79 38.11 -14.90 -15.44
N LEU H 80 37.40 -14.81 -16.57
CA LEU H 80 35.98 -14.46 -16.54
C LEU H 80 35.17 -15.31 -15.55
N GLN H 81 34.40 -14.64 -14.70
CA GLN H 81 33.46 -15.28 -13.80
C GLN H 81 32.07 -14.81 -14.21
N ALA H 82 31.04 -15.56 -13.87
CA ALA H 82 29.69 -15.21 -14.30
C ALA H 82 29.35 -13.75 -14.06
N GLU H 83 29.75 -13.21 -12.91
CA GLU H 83 29.35 -11.85 -12.51
C GLU H 83 30.00 -10.74 -13.34
N ASP H 84 30.91 -11.10 -14.23
CA ASP H 84 31.51 -10.10 -15.09
C ASP H 84 30.59 -9.76 -16.27
N GLU H 85 29.67 -10.67 -16.59
CA GLU H 85 28.74 -10.45 -17.68
C GLU H 85 27.99 -9.12 -17.48
N GLY H 86 27.97 -8.30 -18.51
CA GLY H 86 27.35 -6.99 -18.47
C GLY H 86 27.78 -6.21 -19.69
N ASP H 87 27.37 -4.94 -19.77
CA ASP H 87 27.76 -4.08 -20.88
C ASP H 87 28.95 -3.20 -20.46
N TYR H 88 29.89 -3.01 -21.37
CA TYR H 88 31.09 -2.22 -21.06
C TYR H 88 31.28 -0.96 -21.92
N TYR H 89 31.36 0.18 -21.24
CA TYR H 89 31.51 1.45 -21.91
C TYR H 89 32.83 2.10 -21.52
N CYS H 90 33.59 2.58 -22.50
CA CYS H 90 34.74 3.42 -22.21
C CYS H 90 34.40 4.90 -22.35
N LYS H 91 34.97 5.72 -21.47
CA LYS H 91 34.77 7.15 -21.51
C LYS H 91 36.11 7.82 -21.76
N SER H 92 36.11 8.86 -22.60
CA SER H 92 37.32 9.63 -22.83
C SER H 92 37.07 11.12 -22.71
N LEU H 93 38.15 11.84 -22.47
CA LEU H 93 38.14 13.28 -22.40
C LEU H 93 38.63 13.79 -23.74
N THR H 94 38.08 14.90 -24.22
CA THR H 94 38.46 15.40 -25.54
C THR H 94 39.07 16.80 -25.45
N SER H 95 39.76 17.19 -26.51
CA SER H 95 40.56 18.42 -26.52
C SER H 95 39.80 19.68 -26.07
N THR H 96 38.48 19.70 -26.28
CA THR H 96 37.64 20.81 -25.84
C THR H 96 37.12 20.59 -24.41
N ARG H 97 37.64 19.55 -23.77
CA ARG H 97 37.32 19.23 -22.37
C ARG H 97 35.89 18.73 -22.20
N ARG H 98 35.32 18.17 -23.27
CA ARG H 98 34.06 17.46 -23.15
C ARG H 98 34.34 16.01 -22.81
N ARG H 99 33.29 15.22 -22.64
CA ARG H 99 33.44 13.79 -22.42
C ARG H 99 32.75 13.06 -23.56
N VAL H 100 33.23 11.87 -23.88
CA VAL H 100 32.59 11.04 -24.89
C VAL H 100 32.66 9.56 -24.50
N PHE H 101 31.62 8.82 -24.82
CA PHE H 101 31.49 7.43 -24.39
C PHE H 101 31.67 6.49 -25.56
N GLY H 102 32.06 5.25 -25.27
CA GLY H 102 32.11 4.23 -26.28
C GLY H 102 30.71 3.89 -26.76
N THR H 103 30.65 3.14 -27.86
CA THR H 103 29.37 2.68 -28.39
C THR H 103 28.85 1.53 -27.54
N GLY H 104 29.72 1.01 -26.67
CA GLY H 104 29.36 -0.06 -25.78
C GLY H 104 29.73 -1.44 -26.28
N THR H 105 29.89 -2.38 -25.34
CA THR H 105 30.18 -3.77 -25.65
C THR H 105 29.35 -4.66 -24.73
N LYS H 106 28.61 -5.60 -25.31
CA LYS H 106 27.87 -6.57 -24.50
C LYS H 106 28.70 -7.83 -24.31
N LEU H 107 29.15 -8.04 -23.07
CA LEU H 107 30.02 -9.17 -22.77
C LEU H 107 29.19 -10.31 -22.17
N THR H 108 29.34 -11.50 -22.76
CA THR H 108 28.63 -12.68 -22.28
C THR H 108 29.57 -13.76 -21.74
N VAL H 109 29.58 -13.96 -20.43
CA VAL H 109 30.22 -15.13 -19.86
C VAL H 109 29.29 -16.29 -20.17
N LEU H 110 29.81 -17.40 -20.71
CA LEU H 110 28.89 -18.33 -21.33
C LEU H 110 28.51 -19.54 -20.49
N GLY H 111 27.39 -19.47 -19.79
CA GLY H 111 26.27 -20.37 -19.97
C GLY H 111 26.47 -21.79 -20.40
N GLN H 112 25.87 -21.95 -21.57
CA GLN H 112 25.75 -23.17 -22.31
C GLN H 112 26.51 -22.98 -23.62
N PRO H 113 26.50 -23.99 -24.50
CA PRO H 113 27.17 -23.84 -25.80
C PRO H 113 26.44 -22.84 -26.71
N LYS H 114 27.18 -22.24 -27.63
CA LYS H 114 26.64 -21.27 -28.56
C LYS H 114 25.52 -21.85 -29.44
N ALA H 115 24.57 -21.02 -29.83
CA ALA H 115 23.42 -21.49 -30.61
C ALA H 115 22.98 -20.49 -31.67
N ALA H 116 22.69 -21.00 -32.87
CA ALA H 116 22.30 -20.16 -34.01
C ALA H 116 20.80 -19.93 -34.10
N PRO H 117 20.39 -18.82 -34.73
CA PRO H 117 19.01 -18.33 -34.75
C PRO H 117 18.08 -19.09 -35.69
N SER H 118 16.82 -19.22 -35.27
CA SER H 118 15.76 -19.72 -36.14
C SER H 118 15.06 -18.50 -36.70
N VAL H 119 14.92 -18.46 -38.02
CA VAL H 119 14.39 -17.26 -38.68
C VAL H 119 13.10 -17.54 -39.44
N THR H 120 12.04 -16.85 -39.04
CA THR H 120 10.77 -16.96 -39.75
C THR H 120 10.40 -15.60 -40.30
N LEU H 121 9.97 -15.58 -41.56
CA LEU H 121 9.56 -14.33 -42.18
C LEU H 121 8.11 -14.41 -42.64
N PHE H 122 7.31 -13.43 -42.21
CA PHE H 122 5.91 -13.38 -42.58
C PHE H 122 5.63 -12.27 -43.59
N PRO H 123 5.02 -12.63 -44.72
CA PRO H 123 4.58 -11.63 -45.70
C PRO H 123 3.46 -10.79 -45.11
N PRO H 124 3.22 -9.58 -45.65
CA PRO H 124 2.17 -8.73 -45.10
C PRO H 124 0.80 -9.39 -45.16
N SER H 125 0.07 -9.36 -44.05
CA SER H 125 -1.27 -9.95 -43.99
C SER H 125 -2.21 -9.23 -44.94
N SER H 126 -3.17 -9.97 -45.48
CA SER H 126 -4.12 -9.42 -46.43
C SER H 126 -5.05 -8.41 -45.76
N GLU H 127 -5.28 -8.56 -44.46
CA GLU H 127 -6.07 -7.59 -43.71
C GLU H 127 -5.39 -6.22 -43.70
N GLU H 128 -4.07 -6.24 -43.66
CA GLU H 128 -3.29 -5.00 -43.63
C GLU H 128 -3.16 -4.37 -45.02
N LEU H 129 -3.07 -5.21 -46.04
CA LEU H 129 -2.94 -4.72 -47.42
C LEU H 129 -4.17 -3.89 -47.83
N GLN H 130 -5.34 -4.33 -47.39
CA GLN H 130 -6.57 -3.61 -47.68
C GLN H 130 -6.65 -2.36 -46.82
N ALA H 131 -5.80 -2.28 -45.80
CA ALA H 131 -5.74 -1.12 -44.92
C ALA H 131 -4.82 -0.06 -45.51
N ASN H 132 -4.31 -0.34 -46.70
CA ASN H 132 -3.38 0.55 -47.40
C ASN H 132 -2.06 0.69 -46.67
N LYS H 133 -1.60 -0.42 -46.11
CA LYS H 133 -0.30 -0.49 -45.45
C LYS H 133 0.32 -1.85 -45.74
N ALA H 134 1.62 -1.98 -45.55
CA ALA H 134 2.28 -3.27 -45.68
C ALA H 134 3.45 -3.36 -44.72
N THR H 135 3.62 -4.52 -44.10
CA THR H 135 4.74 -4.73 -43.19
C THR H 135 5.26 -6.16 -43.27
N LEU H 136 6.57 -6.31 -43.22
CA LEU H 136 7.21 -7.62 -43.21
C LEU H 136 7.72 -7.93 -41.81
N VAL H 137 7.41 -9.11 -41.31
CA VAL H 137 7.82 -9.49 -39.96
C VAL H 137 8.88 -10.57 -39.99
N CYS H 138 10.10 -10.21 -39.60
CA CYS H 138 11.19 -11.18 -39.51
C CYS H 138 11.44 -11.57 -38.06
N LEU H 139 11.05 -12.79 -37.71
CA LEU H 139 11.11 -13.24 -36.34
C LEU H 139 12.31 -14.13 -36.10
N ILE H 140 13.10 -13.78 -35.09
CA ILE H 140 14.32 -14.49 -34.77
C ILE H 140 14.19 -15.14 -33.40
N SER H 141 14.68 -16.37 -33.27
CA SER H 141 14.56 -17.10 -32.01
C SER H 141 15.68 -18.12 -31.78
N ASP H 142 15.81 -18.53 -30.52
CA ASP H 142 16.68 -19.65 -30.15
C ASP H 142 18.17 -19.46 -30.48
N PHE H 143 18.70 -18.28 -30.18
CA PHE H 143 20.12 -18.02 -30.42
C PHE H 143 20.85 -17.55 -29.17
N TYR H 144 22.18 -17.55 -29.22
CA TYR H 144 22.99 -17.29 -28.02
C TYR H 144 24.47 -17.22 -28.34
N PRO H 145 25.16 -16.23 -27.76
CA PRO H 145 24.59 -15.20 -26.87
C PRO H 145 23.77 -14.27 -27.72
N GLY H 146 22.76 -13.58 -27.18
CA GLY H 146 22.01 -12.71 -28.07
C GLY H 146 22.81 -11.48 -28.48
N ALA H 147 23.23 -11.46 -29.73
CA ALA H 147 23.63 -10.25 -30.44
C ALA H 147 23.39 -10.54 -31.92
N VAL H 148 22.63 -9.71 -32.60
CA VAL H 148 22.30 -9.99 -33.99
C VAL H 148 22.28 -8.75 -34.85
N THR H 149 22.98 -8.82 -35.98
CA THR H 149 22.84 -7.82 -37.01
C THR H 149 21.65 -8.24 -37.85
N VAL H 150 20.67 -7.37 -38.01
CA VAL H 150 19.59 -7.65 -38.95
C VAL H 150 19.71 -6.75 -40.17
N ALA H 151 19.50 -7.34 -41.35
CA ALA H 151 19.66 -6.61 -42.61
C ALA H 151 18.58 -7.01 -43.60
N TRP H 152 17.94 -6.01 -44.20
CA TRP H 152 16.86 -6.26 -45.15
C TRP H 152 17.31 -6.00 -46.57
N LYS H 153 16.82 -6.82 -47.49
CA LYS H 153 17.09 -6.59 -48.90
C LYS H 153 15.86 -6.76 -49.79
N ALA H 154 15.44 -5.69 -50.44
CA ALA H 154 14.44 -5.76 -51.49
C ALA H 154 15.16 -6.21 -52.74
N ASP H 155 14.76 -7.35 -53.28
CA ASP H 155 15.54 -8.01 -54.31
C ASP H 155 16.92 -8.30 -53.73
N SER H 156 17.97 -7.91 -54.46
CA SER H 156 19.35 -8.02 -53.97
C SER H 156 19.87 -6.70 -53.39
N SER H 157 19.03 -5.68 -53.37
CA SER H 157 19.44 -4.34 -52.94
C SER H 157 19.16 -4.09 -51.46
N PRO H 158 20.18 -3.60 -50.73
CA PRO H 158 20.05 -3.23 -49.31
C PRO H 158 18.95 -2.19 -49.09
N VAL H 159 18.18 -2.34 -48.02
CA VAL H 159 17.12 -1.39 -47.70
C VAL H 159 17.25 -0.86 -46.28
N LYS H 160 17.60 0.42 -46.15
CA LYS H 160 17.74 1.06 -44.84
C LYS H 160 16.54 1.91 -44.41
N ALA H 161 15.52 1.99 -45.26
CA ALA H 161 14.37 2.84 -45.00
C ALA H 161 13.22 2.11 -44.33
N GLY H 162 12.78 2.62 -43.18
CA GLY H 162 11.59 2.13 -42.51
C GLY H 162 11.74 0.77 -41.84
N VAL H 163 12.89 0.55 -41.19
CA VAL H 163 13.13 -0.70 -40.47
C VAL H 163 13.36 -0.47 -38.98
N GLU H 164 12.57 -1.15 -38.16
CA GLU H 164 12.73 -1.11 -36.72
C GLU H 164 13.05 -2.50 -36.20
N THR H 165 14.06 -2.59 -35.33
CA THR H 165 14.47 -3.89 -34.80
C THR H 165 14.51 -3.83 -33.27
N THR H 166 14.05 -4.90 -32.62
CA THR H 166 14.13 -4.99 -31.16
C THR H 166 15.54 -5.28 -30.66
N THR H 167 15.78 -4.94 -29.39
CA THR H 167 16.94 -5.44 -28.67
C THR H 167 16.64 -6.88 -28.29
N PRO H 168 17.61 -7.78 -28.50
CA PRO H 168 17.37 -9.20 -28.19
C PRO H 168 16.89 -9.33 -26.76
N SER H 169 15.81 -10.09 -26.56
CA SER H 169 15.27 -10.34 -25.22
C SER H 169 15.41 -11.82 -24.88
N LYS H 170 15.43 -12.12 -23.58
CA LYS H 170 15.59 -13.49 -23.13
C LYS H 170 14.28 -14.28 -23.21
N GLN H 171 14.40 -15.58 -23.52
CA GLN H 171 13.24 -16.49 -23.53
C GLN H 171 13.28 -17.32 -22.26
N SER H 172 12.28 -18.19 -22.12
CA SER H 172 12.22 -19.06 -20.96
C SER H 172 13.21 -20.21 -21.10
N ASN H 173 13.61 -20.50 -22.34
CA ASN H 173 14.42 -21.68 -22.62
C ASN H 173 15.92 -21.46 -22.55
N ASN H 174 16.33 -20.30 -22.04
CA ASN H 174 17.76 -19.99 -21.88
C ASN H 174 18.42 -19.46 -23.14
N LYS H 175 17.62 -19.23 -24.18
CA LYS H 175 18.14 -18.60 -25.39
C LYS H 175 17.43 -17.27 -25.67
N TYR H 176 17.91 -16.50 -26.63
CA TYR H 176 17.38 -15.15 -26.86
C TYR H 176 16.32 -15.15 -27.95
N ALA H 177 15.73 -13.98 -28.18
CA ALA H 177 14.82 -13.78 -29.31
C ALA H 177 14.77 -12.30 -29.68
N ALA H 178 14.48 -12.04 -30.96
CA ALA H 178 14.45 -10.68 -31.45
C ALA H 178 13.57 -10.63 -32.69
N SER H 179 13.13 -9.43 -33.04
CA SER H 179 12.31 -9.24 -34.23
C SER H 179 12.75 -8.00 -35.01
N SER H 180 12.43 -7.99 -36.30
CA SER H 180 12.66 -6.83 -37.14
C SER H 180 11.47 -6.62 -38.08
N TYR H 181 10.88 -5.42 -38.03
CA TYR H 181 9.72 -5.10 -38.85
C TYR H 181 10.08 -4.12 -39.97
N LEU H 182 9.52 -4.36 -41.15
CA LEU H 182 9.81 -3.54 -42.33
C LEU H 182 8.55 -2.85 -42.84
N SER H 183 8.52 -1.53 -42.76
CA SER H 183 7.37 -0.76 -43.22
C SER H 183 7.46 -0.45 -44.70
N LEU H 184 6.39 -0.75 -45.43
CA LEU H 184 6.32 -0.49 -46.86
C LEU H 184 4.93 -0.05 -47.26
N THR H 185 4.84 0.63 -48.41
CA THR H 185 3.54 0.92 -49.00
C THR H 185 3.17 -0.27 -49.89
N PRO H 186 1.85 -0.54 -50.01
CA PRO H 186 1.39 -1.67 -50.82
C PRO H 186 2.02 -1.69 -52.20
N GLU H 187 2.22 -0.51 -52.78
CA GLU H 187 2.86 -0.40 -54.09
C GLU H 187 4.28 -0.95 -54.04
N GLN H 188 5.02 -0.58 -53.00
CA GLN H 188 6.37 -1.07 -52.81
C GLN H 188 6.40 -2.59 -52.74
N TRP H 189 5.49 -3.16 -51.93
CA TRP H 189 5.41 -4.60 -51.76
C TRP H 189 5.16 -5.33 -53.08
N LYS H 190 4.19 -4.85 -53.84
CA LYS H 190 3.82 -5.49 -55.10
C LYS H 190 4.81 -5.20 -56.22
N SER H 191 5.42 -4.02 -56.16
CA SER H 191 6.37 -3.60 -57.20
C SER H 191 7.62 -4.48 -57.24
N HIS H 192 8.19 -4.76 -56.07
CA HIS H 192 9.43 -5.52 -56.01
C HIS H 192 9.25 -7.04 -56.16
N LYS H 193 10.33 -7.67 -56.61
CA LYS H 193 10.37 -9.10 -56.88
C LYS H 193 10.24 -9.94 -55.61
N SER H 194 11.14 -9.69 -54.66
CA SER H 194 11.14 -10.42 -53.39
C SER H 194 11.86 -9.61 -52.32
N TYR H 195 11.62 -9.97 -51.05
CA TYR H 195 12.26 -9.28 -49.93
C TYR H 195 12.98 -10.26 -49.02
N SER H 196 14.19 -9.90 -48.59
CA SER H 196 15.03 -10.81 -47.82
C SER H 196 15.39 -10.30 -46.43
N CYS H 197 15.50 -11.24 -45.49
CA CYS H 197 15.91 -10.94 -44.13
C CYS H 197 17.20 -11.70 -43.81
N GLN H 198 18.30 -10.97 -43.63
CA GLN H 198 19.59 -11.60 -43.35
C GLN H 198 20.09 -11.31 -41.95
N VAL H 199 20.06 -12.33 -41.10
CA VAL H 199 20.48 -12.21 -39.71
C VAL H 199 21.92 -12.67 -39.52
N THR H 200 22.78 -11.75 -39.07
CA THR H 200 24.19 -12.07 -38.84
C THR H 200 24.46 -12.31 -37.37
N HIS H 201 24.74 -13.56 -37.03
CA HIS H 201 25.00 -13.96 -35.65
C HIS H 201 26.34 -14.67 -35.52
N GLU H 202 27.26 -14.06 -34.78
CA GLU H 202 28.59 -14.64 -34.55
C GLU H 202 29.32 -14.82 -35.86
N GLY H 203 29.16 -13.85 -36.76
CA GLY H 203 29.87 -13.84 -38.02
C GLY H 203 29.21 -14.67 -39.11
N SER H 204 28.08 -15.28 -38.78
CA SER H 204 27.36 -16.14 -39.72
C SER H 204 25.97 -15.61 -40.03
N THR H 205 25.61 -15.60 -41.31
CA THR H 205 24.33 -15.06 -41.74
C THR H 205 23.37 -16.15 -42.19
N VAL H 206 22.16 -16.10 -41.64
CA VAL H 206 21.06 -16.94 -42.08
C VAL H 206 20.06 -16.04 -42.81
N GLU H 207 19.41 -16.56 -43.85
CA GLU H 207 18.53 -15.72 -44.66
C GLU H 207 17.24 -16.42 -45.06
N LYS H 208 16.14 -15.69 -44.99
CA LYS H 208 14.84 -16.15 -45.46
C LYS H 208 14.27 -15.17 -46.47
N THR H 209 13.28 -15.59 -47.25
CA THR H 209 12.75 -14.74 -48.32
C THR H 209 11.25 -14.93 -48.57
N VAL H 210 10.56 -13.84 -48.89
CA VAL H 210 9.14 -13.89 -49.21
C VAL H 210 8.83 -13.04 -50.45
N ALA H 211 7.79 -13.42 -51.19
CA ALA H 211 7.41 -12.71 -52.40
C ALA H 211 5.90 -12.67 -52.59
N PRO H 212 5.39 -11.59 -53.18
CA PRO H 212 3.96 -11.40 -53.48
C PRO H 212 3.31 -12.63 -54.13
#